data_7E1B
#
_entry.id   7E1B
#
_cell.length_a   329.942
_cell.length_b   114.064
_cell.length_c   114.036
_cell.angle_alpha   90.000
_cell.angle_beta   110.020
_cell.angle_gamma   90.000
#
_symmetry.space_group_name_H-M   'C 1 2 1'
#
loop_
_entity.id
_entity.type
_entity.pdbx_description
1 polymer 'DNA-binding response regulator'
2 polymer 'DNA (26-MER)'
3 polymer 'DNA (26-MER)'
#
loop_
_entity_poly.entity_id
_entity_poly.type
_entity_poly.pdbx_seq_one_letter_code
_entity_poly.pdbx_strand_id
1 'polypeptide(L)'
;MKQTLLLVEDDKNLADGLLVSLEQAGYECLHVERIADVEPQWKKADLVILDRQLPDGDSVQHLPEWKKIKDVPVILLTAL
VTVKDKVAGLDSGANDYLTKPFAEAELFARIRAQLRAPDSADQANADKVMTKDLEIDRATREVIFKGDLITLTRTEFDLL
LFLASNLGRVFTRDELLDHVWGYNHFPTTRTVDTHVLQLRQKLPGLEIETLRGVGYKMKA
;
A,B,C,D,E,F,G,H
2 'polydeoxyribonucleotide'
;(DC)(DA)(DC)(DA)(DA)(DT)(DT)(DC)(DT)(DA)(DA)(DT)(DT)(DC)(DT)(DT)(DC)(DA)(DT)(DC)
(DG)(DC)(DT)(DT)(DG)(DT)
;
Y,I
3 'polydeoxyribonucleotide'
;(DA)(DC)(DA)(DA)(DG)(DC)(DG)(DA)(DT)(DG)(DA)(DA)(DG)(DA)(DA)(DT)(DT)(DA)(DG)(DA)
(DA)(DT)(DT)(DG)(DT)(DG)
;
Z,J
#
# COMPACT_ATOMS: atom_id res chain seq x y z
N LYS A 2 -33.17 -52.29 8.23
CA LYS A 2 -34.50 -51.69 8.34
C LYS A 2 -34.51 -50.56 9.37
N GLN A 3 -35.56 -50.51 10.18
CA GLN A 3 -35.76 -49.45 11.16
C GLN A 3 -36.13 -50.06 12.51
N THR A 4 -35.45 -49.63 13.55
CA THR A 4 -35.69 -50.11 14.91
C THR A 4 -35.81 -48.93 15.87
N LEU A 5 -36.36 -49.19 17.04
CA LEU A 5 -36.51 -48.17 18.07
C LEU A 5 -36.58 -48.86 19.44
N LEU A 6 -36.99 -48.10 20.46
CA LEU A 6 -37.01 -48.57 21.84
C LEU A 6 -37.89 -47.63 22.64
N LEU A 7 -38.40 -48.13 23.77
CA LEU A 7 -39.21 -47.32 24.66
C LEU A 7 -39.06 -47.84 26.09
N VAL A 8 -39.32 -46.95 27.06
CA VAL A 8 -39.24 -47.29 28.48
C VAL A 8 -40.47 -46.68 29.16
N GLU A 9 -41.37 -47.54 29.65
CA GLU A 9 -42.59 -47.07 30.30
C GLU A 9 -43.14 -48.17 31.19
N ASP A 10 -43.48 -47.82 32.43
CA ASP A 10 -44.09 -48.76 33.35
C ASP A 10 -45.60 -48.73 33.30
N ASP A 11 -46.20 -47.57 33.05
CA ASP A 11 -47.64 -47.49 32.89
C ASP A 11 -48.08 -48.38 31.73
N LYS A 12 -49.04 -49.25 32.00
CA LYS A 12 -49.28 -50.41 31.14
C LYS A 12 -50.21 -50.13 29.97
N ASN A 13 -51.39 -49.55 30.23
CA ASN A 13 -52.42 -49.49 29.20
C ASN A 13 -51.98 -48.66 28.00
N LEU A 14 -51.48 -47.45 28.23
CA LEU A 14 -51.13 -46.60 27.10
C LEU A 14 -49.83 -47.03 26.42
N ALA A 15 -48.89 -47.60 27.18
CA ALA A 15 -47.64 -48.06 26.58
C ALA A 15 -47.89 -49.23 25.65
N ASP A 16 -48.61 -50.24 26.13
CA ASP A 16 -48.96 -51.38 25.29
C ASP A 16 -49.69 -50.93 24.03
N GLY A 17 -50.59 -49.96 24.17
CA GLY A 17 -51.38 -49.53 23.02
C GLY A 17 -50.60 -48.69 22.02
N LEU A 18 -49.65 -47.89 22.50
CA LEU A 18 -48.90 -47.04 21.59
C LEU A 18 -47.87 -47.83 20.79
N LEU A 19 -47.31 -48.90 21.36
CA LEU A 19 -46.45 -49.77 20.58
C LEU A 19 -47.24 -50.67 19.64
N VAL A 20 -48.52 -50.91 19.93
CA VAL A 20 -49.39 -51.60 18.98
C VAL A 20 -49.53 -50.78 17.70
N SER A 21 -49.93 -49.51 17.85
CA SER A 21 -49.96 -48.60 16.71
C SER A 21 -48.58 -48.36 16.14
N LEU A 22 -47.52 -48.57 16.93
CA LEU A 22 -46.17 -48.47 16.42
C LEU A 22 -45.73 -49.79 15.77
N GLU A 23 -46.23 -50.92 16.27
CA GLU A 23 -46.07 -52.17 15.54
C GLU A 23 -47.01 -52.23 14.34
N GLN A 24 -48.19 -51.64 14.45
CA GLN A 24 -48.98 -51.37 13.26
C GLN A 24 -48.19 -50.51 12.29
N ALA A 25 -47.51 -49.49 12.81
CA ALA A 25 -46.51 -48.77 12.03
C ALA A 25 -45.37 -49.72 11.66
N GLY A 26 -44.56 -49.31 10.68
CA GLY A 26 -43.56 -50.20 10.13
C GLY A 26 -42.43 -50.55 11.09
N TYR A 27 -42.15 -49.67 12.05
CA TYR A 27 -40.99 -49.84 12.91
C TYR A 27 -41.04 -51.16 13.67
N GLU A 28 -39.88 -51.79 13.82
CA GLU A 28 -39.75 -52.92 14.73
C GLU A 28 -39.41 -52.39 16.12
N CYS A 29 -40.05 -52.94 17.14
CA CYS A 29 -40.16 -52.27 18.43
C CYS A 29 -39.49 -53.08 19.54
N LEU A 30 -38.91 -52.35 20.49
CA LEU A 30 -38.32 -52.90 21.70
C LEU A 30 -38.87 -52.14 22.89
N HIS A 31 -38.99 -52.83 24.03
CA HIS A 31 -39.55 -52.18 25.21
C HIS A 31 -39.09 -52.88 26.48
N VAL A 32 -38.85 -52.09 27.52
CA VAL A 32 -38.61 -52.57 28.88
C VAL A 32 -39.46 -51.73 29.83
N GLU A 33 -39.43 -52.10 31.11
CA GLU A 33 -40.18 -51.37 32.13
C GLU A 33 -39.30 -50.79 33.23
N ARG A 34 -38.00 -51.09 33.26
CA ARG A 34 -37.14 -50.65 34.33
C ARG A 34 -35.79 -50.23 33.76
N ILE A 35 -35.04 -49.47 34.57
CA ILE A 35 -33.80 -48.88 34.09
C ILE A 35 -32.69 -49.91 33.96
N ALA A 36 -32.76 -51.01 34.73
CA ALA A 36 -31.75 -52.05 34.63
C ALA A 36 -31.85 -52.82 33.33
N ASP A 37 -32.96 -52.68 32.62
CA ASP A 37 -33.18 -53.37 31.36
C ASP A 37 -32.95 -52.47 30.15
N VAL A 38 -32.57 -51.21 30.37
CA VAL A 38 -32.37 -50.27 29.27
C VAL A 38 -31.04 -50.54 28.57
N GLU A 39 -29.98 -50.70 29.36
CA GLU A 39 -28.66 -50.91 28.79
C GLU A 39 -28.53 -52.17 27.93
N PRO A 40 -29.26 -53.27 28.16
CA PRO A 40 -29.18 -54.43 27.25
C PRO A 40 -29.36 -54.11 25.77
N GLN A 41 -30.51 -53.55 25.40
CA GLN A 41 -30.87 -53.39 23.99
C GLN A 41 -30.72 -51.97 23.48
N TRP A 42 -30.03 -51.10 24.23
CA TRP A 42 -29.81 -49.72 23.77
C TRP A 42 -29.07 -49.70 22.45
N LYS A 43 -28.15 -50.64 22.25
CA LYS A 43 -27.27 -50.63 21.08
C LYS A 43 -28.05 -50.90 19.81
N LYS A 44 -28.77 -52.02 19.75
CA LYS A 44 -29.50 -52.39 18.54
C LYS A 44 -30.59 -51.38 18.21
N ALA A 45 -31.01 -50.57 19.17
CA ALA A 45 -32.04 -49.57 18.93
C ALA A 45 -31.43 -48.30 18.33
N ASP A 46 -32.11 -47.77 17.32
CA ASP A 46 -31.67 -46.55 16.64
C ASP A 46 -32.42 -45.30 17.12
N LEU A 47 -33.38 -45.45 18.03
CA LEU A 47 -34.07 -44.32 18.62
C LEU A 47 -34.79 -44.82 19.87
N VAL A 48 -34.79 -43.99 20.91
CA VAL A 48 -35.34 -44.37 22.21
C VAL A 48 -36.42 -43.38 22.62
N ILE A 49 -37.28 -43.83 23.52
CA ILE A 49 -38.34 -43.01 24.10
C ILE A 49 -38.35 -43.27 25.60
N LEU A 50 -38.05 -42.25 26.40
CA LEU A 50 -37.93 -42.42 27.83
C LEU A 50 -39.07 -41.73 28.56
N ASP A 51 -39.13 -41.99 29.87
CA ASP A 51 -40.04 -41.31 30.78
C ASP A 51 -39.25 -40.90 32.02
N ARG A 52 -39.79 -39.93 32.74
CA ARG A 52 -39.14 -39.42 33.95
C ARG A 52 -39.60 -40.12 35.22
N GLN A 53 -40.79 -40.71 35.22
CA GLN A 53 -41.36 -41.40 36.37
C GLN A 53 -41.42 -42.89 36.07
N LEU A 54 -40.35 -43.59 36.41
CA LEU A 54 -40.23 -45.03 36.31
C LEU A 54 -40.19 -45.65 37.70
N PRO A 55 -40.40 -46.96 37.83
CA PRO A 55 -40.37 -47.56 39.18
C PRO A 55 -39.02 -47.43 39.86
N ASP A 56 -37.94 -47.77 39.18
CA ASP A 56 -36.60 -47.79 39.77
C ASP A 56 -35.85 -46.48 39.60
N GLY A 57 -36.53 -45.35 39.72
CA GLY A 57 -35.88 -44.07 39.81
C GLY A 57 -36.16 -43.16 38.62
N ASP A 58 -35.29 -42.16 38.48
CA ASP A 58 -35.39 -41.16 37.44
C ASP A 58 -34.44 -41.50 36.30
N SER A 59 -34.93 -41.33 35.06
CA SER A 59 -34.20 -41.81 33.90
C SER A 59 -33.06 -40.90 33.46
N VAL A 60 -33.02 -39.65 33.92
CA VAL A 60 -32.00 -38.73 33.43
C VAL A 60 -30.65 -39.01 34.10
N GLN A 61 -30.65 -39.52 35.33
CA GLN A 61 -29.40 -39.73 36.04
C GLN A 61 -28.50 -40.77 35.38
N HIS A 62 -29.08 -41.65 34.57
CA HIS A 62 -28.34 -42.72 33.91
C HIS A 62 -28.11 -42.43 32.43
N LEU A 63 -28.60 -41.28 31.94
CA LEU A 63 -28.69 -41.08 30.50
C LEU A 63 -27.34 -40.93 29.81
N PRO A 64 -26.44 -40.02 30.23
CA PRO A 64 -25.32 -39.66 29.35
C PRO A 64 -24.36 -40.80 29.07
N GLU A 65 -24.30 -41.82 29.94
CA GLU A 65 -23.51 -42.99 29.62
C GLU A 65 -24.07 -43.72 28.41
N TRP A 66 -25.38 -43.67 28.22
CA TRP A 66 -26.01 -44.42 27.12
C TRP A 66 -25.72 -43.80 25.77
N LYS A 67 -25.64 -42.46 25.71
CA LYS A 67 -25.33 -41.80 24.45
C LYS A 67 -23.87 -41.96 24.04
N LYS A 68 -23.02 -42.48 24.93
CA LYS A 68 -21.61 -42.74 24.62
C LYS A 68 -21.34 -44.21 24.35
N ILE A 69 -22.39 -44.99 24.12
CA ILE A 69 -22.27 -46.29 23.48
C ILE A 69 -22.89 -46.26 22.08
N LYS A 70 -24.00 -45.54 21.92
CA LYS A 70 -24.56 -45.22 20.61
C LYS A 70 -25.35 -43.93 20.76
N ASP A 71 -24.84 -42.86 20.16
CA ASP A 71 -25.52 -41.56 20.20
C ASP A 71 -26.74 -41.60 19.30
N VAL A 72 -27.89 -41.88 19.90
CA VAL A 72 -29.16 -41.99 19.16
C VAL A 72 -30.15 -40.99 19.77
N PRO A 73 -31.09 -40.47 18.99
CA PRO A 73 -31.98 -39.41 19.50
C PRO A 73 -32.79 -39.86 20.70
N VAL A 74 -32.50 -39.24 21.86
CA VAL A 74 -33.21 -39.54 23.09
C VAL A 74 -34.33 -38.51 23.26
N ILE A 75 -35.57 -38.95 23.10
CA ILE A 75 -36.74 -38.08 23.18
C ILE A 75 -37.39 -38.31 24.54
N LEU A 76 -37.35 -37.29 25.39
CA LEU A 76 -37.97 -37.38 26.70
C LEU A 76 -39.49 -37.25 26.57
N LEU A 77 -40.19 -37.93 27.47
CA LEU A 77 -41.65 -37.91 27.55
C LEU A 77 -42.04 -38.06 29.00
N THR A 78 -42.85 -37.13 29.52
CA THR A 78 -43.21 -37.24 30.93
C THR A 78 -44.45 -36.42 31.24
N ALA A 79 -44.96 -36.64 32.46
CA ALA A 79 -46.06 -35.86 33.01
C ALA A 79 -45.60 -34.52 33.56
N LEU A 80 -44.28 -34.31 33.64
CA LEU A 80 -43.70 -33.08 34.20
C LEU A 80 -43.76 -32.01 33.11
N VAL A 81 -44.79 -31.17 33.17
CA VAL A 81 -44.90 -30.03 32.27
C VAL A 81 -44.15 -28.82 32.80
N THR A 82 -43.42 -28.98 33.90
CA THR A 82 -42.65 -27.87 34.45
C THR A 82 -41.50 -27.52 33.52
N VAL A 83 -41.35 -26.23 33.24
CA VAL A 83 -40.32 -25.81 32.29
C VAL A 83 -38.92 -26.04 32.85
N LYS A 84 -38.76 -26.11 34.18
CA LYS A 84 -37.45 -26.42 34.75
C LYS A 84 -37.05 -27.86 34.49
N ASP A 85 -38.02 -28.74 34.21
CA ASP A 85 -37.69 -30.06 33.70
C ASP A 85 -37.27 -30.00 32.24
N LYS A 86 -37.97 -29.19 31.45
CA LYS A 86 -37.57 -28.96 30.07
C LYS A 86 -36.17 -28.36 29.98
N VAL A 87 -35.70 -27.71 31.03
CA VAL A 87 -34.33 -27.20 31.05
C VAL A 87 -33.36 -28.30 31.46
N ALA A 88 -33.58 -28.89 32.64
CA ALA A 88 -32.70 -29.95 33.12
C ALA A 88 -32.66 -31.11 32.15
N GLY A 89 -33.79 -31.45 31.55
CA GLY A 89 -33.83 -32.51 30.57
C GLY A 89 -32.98 -32.20 29.36
N LEU A 90 -33.32 -31.13 28.65
CA LEU A 90 -32.64 -30.82 27.38
C LEU A 90 -31.21 -30.35 27.58
N ASP A 91 -30.86 -29.86 28.76
CA ASP A 91 -29.46 -29.53 29.04
C ASP A 91 -28.70 -30.71 29.64
N SER A 92 -29.40 -31.79 30.00
CA SER A 92 -28.84 -33.12 29.96
C SER A 92 -29.01 -33.66 28.55
N GLY A 93 -28.52 -34.87 28.29
CA GLY A 93 -28.55 -35.40 26.94
C GLY A 93 -29.93 -35.73 26.38
N ALA A 94 -30.81 -34.74 26.35
CA ALA A 94 -32.16 -34.93 25.83
C ALA A 94 -32.39 -34.06 24.61
N ASN A 95 -33.05 -34.62 23.61
CA ASN A 95 -33.48 -33.88 22.42
C ASN A 95 -35.00 -33.85 22.43
N ASP A 96 -35.58 -32.65 22.57
CA ASP A 96 -37.01 -32.44 22.61
C ASP A 96 -37.70 -33.02 23.84
N TYR A 97 -39.00 -32.76 23.92
CA TYR A 97 -39.86 -33.22 25.00
C TYR A 97 -41.18 -33.63 24.37
N LEU A 98 -42.09 -34.10 25.20
CA LEU A 98 -43.48 -34.15 24.78
C LEU A 98 -44.36 -33.62 25.90
N THR A 99 -45.66 -33.59 25.65
CA THR A 99 -46.69 -33.35 26.66
C THR A 99 -47.12 -34.69 27.25
N LYS A 100 -47.64 -34.66 28.48
CA LYS A 100 -48.02 -35.92 29.12
C LYS A 100 -49.08 -36.69 28.33
N PRO A 101 -50.24 -36.14 28.00
CA PRO A 101 -51.05 -36.72 26.93
C PRO A 101 -50.48 -36.30 25.60
N PHE A 102 -50.70 -37.11 24.59
CA PHE A 102 -50.13 -36.65 23.35
C PHE A 102 -51.00 -37.04 22.17
N ALA A 103 -50.95 -36.18 21.15
CA ALA A 103 -51.47 -36.57 19.86
C ALA A 103 -50.51 -37.62 19.30
N GLU A 104 -51.11 -38.68 18.75
CA GLU A 104 -50.35 -39.80 18.22
C GLU A 104 -49.52 -39.37 17.02
N ALA A 105 -50.14 -38.65 16.07
CA ALA A 105 -49.39 -38.14 14.92
C ALA A 105 -48.41 -37.05 15.29
N GLU A 106 -48.62 -36.38 16.43
CA GLU A 106 -47.60 -35.46 16.94
C GLU A 106 -46.35 -36.22 17.36
N LEU A 107 -46.53 -37.39 17.97
CA LEU A 107 -45.40 -38.19 18.41
C LEU A 107 -44.58 -38.68 17.21
N PHE A 108 -45.25 -39.31 16.23
CA PHE A 108 -44.55 -39.83 15.06
C PHE A 108 -43.86 -38.72 14.29
N ALA A 109 -44.51 -37.55 14.18
CA ALA A 109 -43.89 -36.44 13.49
C ALA A 109 -42.59 -36.02 14.14
N ARG A 110 -42.49 -36.18 15.46
CA ARG A 110 -41.23 -35.96 16.17
C ARG A 110 -40.33 -37.19 16.15
N ILE A 111 -40.78 -38.29 15.56
CA ILE A 111 -39.93 -39.46 15.34
C ILE A 111 -39.24 -39.40 14.00
N ARG A 112 -39.99 -39.08 12.94
CA ARG A 112 -39.39 -38.87 11.63
C ARG A 112 -38.44 -37.68 11.65
N ALA A 113 -38.85 -36.57 12.29
CA ALA A 113 -38.03 -35.37 12.34
C ALA A 113 -36.70 -35.60 13.03
N GLN A 114 -36.58 -36.66 13.83
CA GLN A 114 -35.33 -37.02 14.48
C GLN A 114 -34.72 -38.28 13.90
N LEU A 115 -35.16 -38.69 12.71
CA LEU A 115 -34.60 -39.83 12.00
C LEU A 115 -34.04 -39.49 10.63
N ARG A 116 -34.57 -38.45 9.97
CA ARG A 116 -34.14 -38.11 8.62
C ARG A 116 -32.80 -37.38 8.60
N ALA A 117 -32.52 -36.56 9.60
CA ALA A 117 -31.30 -35.77 9.65
C ALA A 117 -30.12 -36.60 10.14
N ASN A 125 -15.27 -53.53 19.24
CA ASN A 125 -16.50 -52.94 18.73
C ASN A 125 -16.67 -51.52 19.26
N ALA A 126 -17.81 -51.24 19.88
CA ALA A 126 -18.08 -49.93 20.46
C ALA A 126 -17.39 -49.72 21.81
N ASP A 127 -16.74 -50.76 22.34
CA ASP A 127 -15.99 -50.66 23.60
C ASP A 127 -14.49 -50.53 23.38
N LYS A 128 -14.01 -50.80 22.18
CA LYS A 128 -12.58 -50.88 21.88
C LYS A 128 -12.20 -49.77 20.91
N VAL A 129 -11.14 -49.03 21.23
CA VAL A 129 -10.66 -47.92 20.41
C VAL A 129 -9.27 -48.29 19.88
N MET A 130 -8.92 -47.69 18.74
CA MET A 130 -7.69 -48.03 18.02
C MET A 130 -6.89 -46.75 17.73
N THR A 131 -6.36 -46.13 18.77
CA THR A 131 -5.33 -45.12 18.57
C THR A 131 -4.05 -45.81 18.11
N LYS A 132 -3.43 -45.28 17.06
CA LYS A 132 -2.29 -45.96 16.44
C LYS A 132 -1.19 -46.24 17.46
N ASP A 133 -1.14 -45.47 18.54
CA ASP A 133 -0.10 -45.66 19.56
C ASP A 133 -0.43 -46.83 20.46
N LEU A 134 -1.64 -46.87 21.00
CA LEU A 134 -1.95 -47.74 22.14
C LEU A 134 -3.36 -48.30 21.99
N GLU A 135 -3.92 -48.79 23.09
CA GLU A 135 -5.24 -49.41 23.09
C GLU A 135 -6.01 -48.97 24.32
N ILE A 136 -7.31 -48.74 24.15
CA ILE A 136 -8.20 -48.36 25.25
C ILE A 136 -9.32 -49.38 25.34
N ASP A 137 -9.74 -49.70 26.57
CA ASP A 137 -10.86 -50.60 26.81
C ASP A 137 -11.78 -49.94 27.83
N ARG A 138 -13.04 -49.73 27.44
CA ARG A 138 -14.00 -49.11 28.35
C ARG A 138 -14.66 -50.13 29.28
N ALA A 139 -14.61 -51.42 28.95
CA ALA A 139 -15.19 -52.44 29.82
C ALA A 139 -14.41 -52.54 31.12
N THR A 140 -13.12 -52.90 31.04
CA THR A 140 -12.28 -52.95 32.23
C THR A 140 -11.97 -51.56 32.78
N ARG A 141 -12.31 -50.49 32.05
CA ARG A 141 -12.07 -49.12 32.47
C ARG A 141 -10.58 -48.87 32.74
N GLU A 142 -9.75 -49.30 31.78
CA GLU A 142 -8.29 -49.15 31.90
C GLU A 142 -7.72 -48.81 30.53
N VAL A 143 -6.39 -48.66 30.50
CA VAL A 143 -5.67 -48.23 29.31
C VAL A 143 -4.36 -49.00 29.20
N ILE A 144 -3.93 -49.22 27.97
CA ILE A 144 -2.70 -49.95 27.67
C ILE A 144 -1.90 -49.13 26.67
N PHE A 145 -0.81 -48.51 27.12
CA PHE A 145 0.05 -47.71 26.26
C PHE A 145 1.38 -48.45 26.09
N LYS A 146 1.55 -49.10 24.93
CA LYS A 146 2.74 -49.89 24.64
C LYS A 146 2.95 -50.95 25.72
N GLY A 147 1.86 -51.57 26.16
CA GLY A 147 1.89 -52.58 27.19
C GLY A 147 1.66 -52.08 28.60
N ASP A 148 2.05 -50.83 28.88
CA ASP A 148 1.93 -50.28 30.22
C ASP A 148 0.46 -50.05 30.57
N LEU A 149 0.06 -50.52 31.75
CA LEU A 149 -1.28 -50.28 32.28
C LEU A 149 -1.21 -49.03 33.16
N ILE A 150 -1.56 -47.88 32.59
CA ILE A 150 -1.42 -46.62 33.32
C ILE A 150 -2.53 -46.50 34.35
N THR A 151 -2.18 -45.97 35.52
CA THR A 151 -3.12 -45.77 36.61
C THR A 151 -3.71 -44.38 36.51
N LEU A 152 -5.03 -44.29 36.36
CA LEU A 152 -5.73 -43.03 36.21
C LEU A 152 -6.84 -42.93 37.23
N THR A 153 -7.26 -41.69 37.49
CA THR A 153 -8.49 -41.44 38.24
C THR A 153 -9.67 -41.43 37.27
N ARG A 154 -10.88 -41.55 37.83
CA ARG A 154 -12.07 -41.52 37.00
C ARG A 154 -12.16 -40.21 36.22
N THR A 155 -11.81 -39.10 36.85
CA THR A 155 -11.78 -37.82 36.15
C THR A 155 -10.85 -37.87 34.95
N GLU A 156 -9.62 -38.36 35.16
CA GLU A 156 -8.66 -38.48 34.08
C GLU A 156 -8.87 -39.72 33.22
N PHE A 157 -9.69 -40.66 33.67
CA PHE A 157 -10.11 -41.73 32.77
C PHE A 157 -11.26 -41.31 31.87
N ASP A 158 -12.10 -40.38 32.35
CA ASP A 158 -13.29 -40.00 31.59
C ASP A 158 -12.99 -38.98 30.50
N LEU A 159 -12.04 -38.07 30.74
CA LEU A 159 -11.73 -37.06 29.73
C LEU A 159 -10.99 -37.67 28.55
N LEU A 160 -10.28 -38.79 28.76
CA LEU A 160 -9.60 -39.45 27.66
C LEU A 160 -10.56 -40.22 26.77
N LEU A 161 -11.69 -40.67 27.31
CA LEU A 161 -12.61 -41.48 26.53
C LEU A 161 -13.48 -40.61 25.61
N PHE A 162 -13.93 -39.45 26.09
CA PHE A 162 -14.70 -38.55 25.24
C PHE A 162 -13.84 -37.94 24.14
N LEU A 163 -12.53 -37.92 24.32
CA LEU A 163 -11.58 -37.42 23.32
C LEU A 163 -11.13 -38.52 22.36
N ALA A 164 -10.94 -39.74 22.86
CA ALA A 164 -10.61 -40.85 21.98
C ALA A 164 -11.74 -41.19 21.03
N SER A 165 -12.97 -40.75 21.32
CA SER A 165 -14.08 -40.93 20.40
C SER A 165 -14.04 -39.91 19.27
N ASN A 166 -13.58 -38.69 19.55
CA ASN A 166 -13.47 -37.62 18.55
C ASN A 166 -12.04 -37.06 18.61
N LEU A 167 -11.08 -37.88 18.19
CA LEU A 167 -9.69 -37.46 18.16
C LEU A 167 -9.44 -36.53 16.98
N GLY A 168 -8.52 -35.58 17.19
CA GLY A 168 -8.33 -34.51 16.24
C GLY A 168 -9.36 -33.40 16.31
N ARG A 169 -10.42 -33.59 17.10
CA ARG A 169 -11.47 -32.59 17.27
C ARG A 169 -11.13 -31.76 18.51
N VAL A 170 -10.45 -30.64 18.28
CA VAL A 170 -10.15 -29.72 19.37
C VAL A 170 -11.45 -29.11 19.89
N PHE A 171 -11.55 -28.96 21.21
CA PHE A 171 -12.69 -28.31 21.82
C PHE A 171 -12.22 -27.44 22.98
N THR A 172 -12.92 -26.33 23.18
CA THR A 172 -12.52 -25.36 24.18
C THR A 172 -12.73 -25.93 25.59
N ARG A 173 -12.02 -25.33 26.54
CA ARG A 173 -12.13 -25.75 27.94
C ARG A 173 -13.54 -25.50 28.50
N ASP A 174 -14.30 -24.58 27.90
CA ASP A 174 -15.66 -24.32 28.35
C ASP A 174 -16.64 -25.37 27.84
N GLU A 175 -16.36 -25.98 26.69
CA GLU A 175 -17.20 -27.03 26.14
C GLU A 175 -16.73 -28.43 26.55
N LEU A 176 -15.83 -28.53 27.52
CA LEU A 176 -15.44 -29.80 28.11
C LEU A 176 -15.91 -29.97 29.54
N LEU A 177 -15.95 -28.89 30.32
CA LEU A 177 -16.62 -28.92 31.62
C LEU A 177 -18.11 -29.23 31.46
N ASP A 178 -18.66 -28.96 30.28
CA ASP A 178 -20.01 -29.36 29.92
C ASP A 178 -20.04 -30.75 29.26
N HIS A 179 -18.91 -31.44 29.19
CA HIS A 179 -18.86 -32.72 28.49
C HIS A 179 -18.22 -33.83 29.32
N VAL A 180 -17.31 -33.48 30.22
CA VAL A 180 -16.73 -34.46 31.12
C VAL A 180 -17.50 -34.42 32.44
N TRP A 181 -17.51 -33.25 33.07
CA TRP A 181 -18.37 -33.02 34.22
C TRP A 181 -19.83 -33.09 33.79
N GLY A 182 -20.72 -32.99 34.77
CA GLY A 182 -22.11 -32.77 34.46
C GLY A 182 -22.32 -31.38 33.90
N TYR A 183 -23.32 -31.25 33.02
CA TYR A 183 -23.62 -29.96 32.44
C TYR A 183 -24.11 -29.01 33.53
N ASN A 184 -23.53 -27.79 33.55
CA ASN A 184 -23.76 -26.79 34.60
C ASN A 184 -23.18 -27.27 35.93
N THR A 188 -17.40 -27.63 37.69
CA THR A 188 -17.31 -26.19 37.98
C THR A 188 -15.89 -25.67 37.82
N THR A 189 -15.75 -24.35 37.92
CA THR A 189 -14.46 -23.66 37.97
C THR A 189 -13.61 -23.87 36.73
N ARG A 190 -12.35 -23.44 36.79
CA ARG A 190 -11.41 -23.42 35.66
C ARG A 190 -10.24 -24.35 35.99
N THR A 191 -10.27 -25.56 35.44
CA THR A 191 -9.34 -26.56 35.97
C THR A 191 -8.54 -27.29 34.91
N VAL A 192 -9.12 -27.56 33.75
CA VAL A 192 -8.65 -28.60 32.83
C VAL A 192 -7.17 -28.45 32.46
N ASP A 193 -6.62 -27.24 32.59
CA ASP A 193 -5.21 -27.04 32.31
C ASP A 193 -4.34 -27.95 33.18
N THR A 194 -4.76 -28.22 34.41
CA THR A 194 -4.01 -29.08 35.31
C THR A 194 -4.34 -30.56 35.13
N HIS A 195 -5.47 -30.89 34.49
CA HIS A 195 -5.84 -32.28 34.28
C HIS A 195 -5.12 -32.93 33.12
N VAL A 196 -4.62 -32.13 32.17
CA VAL A 196 -3.79 -32.67 31.11
C VAL A 196 -2.33 -32.68 31.52
N LEU A 197 -1.90 -31.73 32.35
CA LEU A 197 -0.52 -31.68 32.83
C LEU A 197 -0.13 -32.98 33.53
N GLN A 198 -1.08 -33.61 34.23
CA GLN A 198 -0.80 -34.90 34.85
C GLN A 198 -0.72 -36.02 33.82
N LEU A 199 -1.45 -35.89 32.70
CA LEU A 199 -1.44 -36.92 31.67
C LEU A 199 -0.22 -36.82 30.76
N ARG A 200 0.46 -35.68 30.74
CA ARG A 200 1.79 -35.63 30.16
C ARG A 200 2.86 -36.10 31.16
N GLN A 201 2.53 -36.09 32.45
CA GLN A 201 3.47 -36.52 33.48
C GLN A 201 3.55 -38.03 33.60
N LYS A 202 2.46 -38.74 33.30
CA LYS A 202 2.40 -40.18 33.51
C LYS A 202 2.29 -41.01 32.23
N LEU A 203 1.80 -40.43 31.14
CA LEU A 203 1.81 -41.11 29.84
C LEU A 203 2.82 -40.39 28.95
N PRO A 204 4.08 -40.83 28.92
CA PRO A 204 5.10 -40.08 28.18
C PRO A 204 4.86 -40.14 26.68
N GLY A 205 5.14 -39.03 26.01
CA GLY A 205 5.02 -38.96 24.57
C GLY A 205 3.61 -39.14 24.04
N LEU A 206 2.60 -38.67 24.79
CA LEU A 206 1.21 -38.74 24.34
C LEU A 206 0.88 -37.50 23.52
N GLU A 207 0.41 -37.72 22.30
CA GLU A 207 0.27 -36.65 21.30
C GLU A 207 -0.94 -35.79 21.66
N ILE A 208 -0.71 -34.79 22.51
CA ILE A 208 -1.75 -33.84 22.90
C ILE A 208 -1.20 -32.44 22.61
N GLU A 209 -1.49 -31.91 21.43
CA GLU A 209 -1.02 -30.58 21.06
C GLU A 209 -1.83 -29.51 21.78
N THR A 210 -1.13 -28.51 22.30
CA THR A 210 -1.75 -27.38 23.00
C THR A 210 -1.72 -26.15 22.11
N LEU A 211 -2.87 -25.49 21.96
CA LEU A 211 -3.00 -24.32 21.10
C LEU A 211 -3.21 -23.07 21.96
N ARG A 212 -2.50 -22.01 21.61
CA ARG A 212 -2.55 -20.78 22.40
C ARG A 212 -3.83 -20.02 22.09
N GLY A 213 -4.65 -19.80 23.12
CA GLY A 213 -5.92 -19.12 22.96
C GLY A 213 -6.98 -19.89 22.21
N VAL A 214 -6.74 -21.16 21.94
CA VAL A 214 -7.70 -21.98 21.19
C VAL A 214 -8.17 -23.14 22.07
N GLY A 215 -7.35 -24.17 22.19
CA GLY A 215 -7.71 -25.31 23.01
C GLY A 215 -6.67 -26.39 22.91
N TYR A 216 -7.07 -27.61 23.27
CA TYR A 216 -6.21 -28.78 23.22
C TYR A 216 -6.80 -29.80 22.26
N LYS A 217 -5.94 -30.64 21.69
CA LYS A 217 -6.40 -31.67 20.77
C LYS A 217 -5.36 -32.78 20.68
N MET A 218 -5.79 -33.92 20.17
CA MET A 218 -4.92 -35.08 19.94
C MET A 218 -4.74 -35.24 18.43
N LYS A 219 -3.48 -35.22 17.98
CA LYS A 219 -3.22 -35.33 16.54
C LYS A 219 -3.22 -36.78 16.09
N ALA A 220 -2.51 -37.65 16.81
CA ALA A 220 -2.48 -39.07 16.49
C ALA A 220 -2.04 -39.89 17.70
N MET B 1 -15.50 -22.70 20.02
CA MET B 1 -16.81 -22.43 20.60
C MET B 1 -17.49 -21.25 19.92
N LYS B 2 -17.77 -21.37 18.62
CA LYS B 2 -18.47 -20.31 17.92
C LYS B 2 -19.13 -20.87 16.66
N GLN B 3 -20.43 -20.60 16.50
CA GLN B 3 -21.19 -21.02 15.33
C GLN B 3 -22.01 -19.86 14.78
N THR B 4 -22.86 -20.12 13.79
CA THR B 4 -23.65 -19.09 13.13
C THR B 4 -25.12 -19.25 13.46
N LEU B 5 -25.93 -18.28 13.04
CA LEU B 5 -27.33 -18.26 13.42
C LEU B 5 -28.12 -17.36 12.46
N LEU B 6 -29.42 -17.64 12.36
CA LEU B 6 -30.34 -16.91 11.49
C LEU B 6 -31.62 -16.61 12.26
N LEU B 7 -32.39 -15.63 11.79
CA LEU B 7 -33.68 -15.29 12.39
C LEU B 7 -34.66 -14.89 11.30
N VAL B 8 -35.93 -15.25 11.50
CA VAL B 8 -37.04 -14.80 10.65
C VAL B 8 -38.22 -14.49 11.56
N GLU B 9 -38.71 -13.25 11.51
CA GLU B 9 -39.84 -12.81 12.31
C GLU B 9 -40.21 -11.40 11.89
N ASP B 10 -41.52 -11.13 11.85
CA ASP B 10 -42.00 -9.79 11.56
C ASP B 10 -42.26 -8.95 12.81
N ASP B 11 -42.48 -9.59 13.96
CA ASP B 11 -42.72 -8.85 15.20
C ASP B 11 -41.51 -7.97 15.51
N LYS B 12 -41.77 -6.78 16.03
CA LYS B 12 -40.76 -5.72 16.04
C LYS B 12 -39.88 -5.73 17.30
N ASN B 13 -40.49 -5.61 18.48
CA ASN B 13 -39.70 -5.58 19.70
C ASN B 13 -39.40 -6.97 20.26
N LEU B 14 -40.09 -8.01 19.77
CA LEU B 14 -39.80 -9.37 20.18
C LEU B 14 -38.71 -10.01 19.33
N ALA B 15 -38.65 -9.69 18.04
CA ALA B 15 -37.48 -10.09 17.25
C ALA B 15 -36.25 -9.27 17.61
N ASP B 16 -36.44 -8.07 18.18
CA ASP B 16 -35.31 -7.26 18.62
C ASP B 16 -34.76 -7.79 19.94
N GLY B 17 -35.64 -8.04 20.91
CA GLY B 17 -35.18 -8.47 22.22
C GLY B 17 -34.44 -9.79 22.19
N LEU B 18 -34.93 -10.74 21.38
CA LEU B 18 -34.29 -12.06 21.33
C LEU B 18 -32.86 -11.96 20.79
N LEU B 19 -32.65 -11.12 19.78
CA LEU B 19 -31.35 -11.01 19.16
C LEU B 19 -30.34 -10.26 20.02
N VAL B 20 -30.78 -9.65 21.12
CA VAL B 20 -29.86 -9.06 22.07
C VAL B 20 -29.29 -10.13 23.00
N SER B 21 -30.15 -11.03 23.48
CA SER B 21 -29.71 -12.10 24.36
C SER B 21 -28.77 -13.06 23.64
N LEU B 22 -28.94 -13.23 22.32
CA LEU B 22 -28.10 -14.16 21.58
C LEU B 22 -26.75 -13.54 21.24
N GLU B 23 -26.72 -12.24 20.93
CA GLU B 23 -25.44 -11.56 20.76
C GLU B 23 -24.70 -11.44 22.08
N GLN B 24 -25.43 -11.44 23.19
CA GLN B 24 -24.83 -11.63 24.50
C GLN B 24 -24.48 -13.09 24.77
N ALA B 25 -25.08 -14.02 24.00
CA ALA B 25 -24.81 -15.44 24.15
C ALA B 25 -23.62 -15.92 23.34
N GLY B 26 -23.24 -15.22 22.28
CA GLY B 26 -22.06 -15.55 21.53
C GLY B 26 -22.29 -16.23 20.20
N TYR B 27 -23.49 -16.15 19.63
CA TYR B 27 -23.78 -16.72 18.31
C TYR B 27 -24.15 -15.57 17.37
N GLU B 28 -23.38 -15.43 16.30
CA GLU B 28 -23.58 -14.33 15.37
C GLU B 28 -24.93 -14.46 14.67
N CYS B 29 -25.60 -13.33 14.46
CA CYS B 29 -27.02 -13.31 14.11
C CYS B 29 -27.27 -12.64 12.77
N LEU B 30 -28.19 -13.22 12.00
CA LEU B 30 -28.74 -12.62 10.79
C LEU B 30 -30.25 -12.54 10.93
N HIS B 31 -30.82 -11.38 10.61
CA HIS B 31 -32.21 -11.08 10.88
C HIS B 31 -32.92 -10.74 9.58
N VAL B 32 -34.07 -11.39 9.35
CA VAL B 32 -34.79 -11.26 8.08
C VAL B 32 -36.29 -11.17 8.38
N GLU B 33 -37.01 -10.37 7.57
CA GLU B 33 -38.45 -10.26 7.68
C GLU B 33 -39.15 -10.50 6.35
N ARG B 34 -38.46 -11.08 5.36
CA ARG B 34 -39.04 -11.30 4.06
C ARG B 34 -38.51 -12.60 3.49
N ILE B 35 -39.42 -13.49 3.06
CA ILE B 35 -38.98 -14.74 2.45
C ILE B 35 -38.16 -14.46 1.19
N ALA B 36 -38.41 -13.33 0.53
CA ALA B 36 -37.54 -12.92 -0.57
C ALA B 36 -36.09 -12.73 -0.13
N ASP B 37 -35.86 -12.50 1.16
CA ASP B 37 -34.53 -12.26 1.70
C ASP B 37 -33.93 -13.47 2.41
N VAL B 38 -34.67 -14.57 2.53
CA VAL B 38 -34.14 -15.74 3.22
C VAL B 38 -33.27 -16.60 2.32
N GLU B 39 -33.41 -16.47 1.01
CA GLU B 39 -32.56 -17.21 0.08
C GLU B 39 -31.11 -16.72 0.15
N PRO B 40 -30.85 -15.41 0.24
CA PRO B 40 -29.44 -14.97 0.36
C PRO B 40 -28.71 -15.54 1.56
N GLN B 41 -29.36 -15.59 2.73
CA GLN B 41 -28.69 -15.88 3.98
C GLN B 41 -28.73 -17.36 4.37
N TRP B 42 -29.29 -18.22 3.53
CA TRP B 42 -29.50 -19.61 3.94
C TRP B 42 -28.19 -20.38 3.97
N LYS B 43 -27.42 -20.32 2.88
CA LYS B 43 -26.12 -21.00 2.86
C LYS B 43 -25.22 -20.50 3.98
N LYS B 44 -25.33 -19.20 4.29
CA LYS B 44 -24.57 -18.65 5.41
C LYS B 44 -24.99 -19.24 6.74
N ALA B 45 -26.21 -19.77 6.83
CA ALA B 45 -26.82 -20.15 8.11
C ALA B 45 -26.65 -21.63 8.41
N ASP B 46 -26.32 -21.93 9.67
CA ASP B 46 -26.29 -23.29 10.17
C ASP B 46 -27.52 -23.64 11.00
N LEU B 47 -28.36 -22.66 11.33
CA LEU B 47 -29.55 -22.91 12.11
C LEU B 47 -30.59 -21.86 11.74
N VAL B 48 -31.87 -22.22 11.88
CA VAL B 48 -32.96 -21.36 11.45
C VAL B 48 -34.08 -21.41 12.47
N ILE B 49 -34.49 -20.25 12.98
CA ILE B 49 -35.75 -20.10 13.70
C ILE B 49 -36.70 -19.35 12.76
N LEU B 50 -37.97 -19.73 12.80
CA LEU B 50 -38.95 -19.28 11.82
C LEU B 50 -40.24 -18.89 12.54
N ASP B 51 -41.11 -18.18 11.82
CA ASP B 51 -42.45 -17.88 12.29
C ASP B 51 -43.45 -18.34 11.23
N ARG B 52 -44.69 -18.57 11.64
CA ARG B 52 -45.67 -19.15 10.72
C ARG B 52 -46.44 -18.10 9.92
N GLN B 53 -47.10 -17.17 10.59
CA GLN B 53 -47.88 -16.15 9.88
C GLN B 53 -46.95 -15.00 9.54
N LEU B 54 -46.89 -14.66 8.26
CA LEU B 54 -45.91 -13.70 7.76
C LEU B 54 -46.41 -13.15 6.44
N PRO B 55 -45.89 -11.99 6.02
CA PRO B 55 -46.06 -11.59 4.61
C PRO B 55 -45.51 -12.64 3.66
N ASP B 56 -45.65 -12.36 2.36
CA ASP B 56 -45.29 -13.25 1.24
C ASP B 56 -45.72 -14.70 1.50
N GLY B 57 -46.89 -14.87 2.14
CA GLY B 57 -47.46 -16.18 2.34
C GLY B 57 -47.00 -16.87 3.61
N ASP B 58 -47.50 -18.09 3.80
CA ASP B 58 -47.19 -18.87 4.98
C ASP B 58 -45.80 -19.49 4.78
N SER B 59 -44.89 -19.25 5.72
CA SER B 59 -43.49 -19.60 5.53
C SER B 59 -43.29 -21.10 5.37
N VAL B 60 -44.09 -21.90 6.08
CA VAL B 60 -43.92 -23.35 6.02
C VAL B 60 -44.14 -23.87 4.61
N GLN B 61 -44.93 -23.16 3.80
CA GLN B 61 -45.15 -23.58 2.43
C GLN B 61 -43.94 -23.30 1.56
N HIS B 62 -43.15 -22.28 1.91
CA HIS B 62 -41.92 -21.98 1.22
C HIS B 62 -40.72 -22.71 1.83
N LEU B 63 -40.95 -23.61 2.79
CA LEU B 63 -39.84 -24.19 3.54
C LEU B 63 -39.03 -25.21 2.75
N PRO B 64 -39.63 -26.30 2.23
CA PRO B 64 -38.81 -27.49 1.91
C PRO B 64 -37.72 -27.26 0.88
N GLU B 65 -37.89 -26.31 -0.04
CA GLU B 65 -36.85 -26.08 -1.05
C GLU B 65 -35.61 -25.45 -0.44
N TRP B 66 -35.72 -24.83 0.73
CA TRP B 66 -34.54 -24.33 1.43
C TRP B 66 -33.85 -25.47 2.17
N LYS B 67 -34.64 -26.40 2.73
CA LYS B 67 -34.09 -27.65 3.24
C LYS B 67 -33.34 -28.40 2.14
N LYS B 68 -33.88 -28.37 0.91
CA LYS B 68 -33.24 -29.03 -0.22
C LYS B 68 -31.86 -28.46 -0.52
N ILE B 69 -31.60 -27.22 -0.11
CA ILE B 69 -30.28 -26.64 -0.32
C ILE B 69 -29.29 -27.17 0.71
N LYS B 70 -29.68 -27.15 2.00
CA LYS B 70 -28.82 -27.64 3.07
C LYS B 70 -29.66 -28.29 4.16
N ASP B 71 -29.17 -29.41 4.67
CA ASP B 71 -29.71 -30.02 5.88
C ASP B 71 -29.35 -29.14 7.07
N VAL B 72 -30.29 -28.34 7.53
CA VAL B 72 -30.04 -27.36 8.58
C VAL B 72 -31.06 -27.52 9.69
N PRO B 73 -30.63 -27.57 10.96
CA PRO B 73 -31.58 -27.58 12.08
C PRO B 73 -32.56 -26.42 12.01
N VAL B 74 -33.84 -26.73 11.80
CA VAL B 74 -34.87 -25.71 11.56
C VAL B 74 -35.96 -25.87 12.61
N ILE B 75 -36.27 -24.78 13.30
CA ILE B 75 -37.29 -24.76 14.34
C ILE B 75 -38.32 -23.70 13.98
N LEU B 76 -39.58 -24.09 13.86
CA LEU B 76 -40.66 -23.13 13.70
C LEU B 76 -41.10 -22.66 15.07
N LEU B 77 -40.85 -21.38 15.37
CA LEU B 77 -41.31 -20.74 16.60
C LEU B 77 -42.39 -19.74 16.24
N THR B 78 -43.61 -19.97 16.75
CA THR B 78 -44.75 -19.18 16.31
C THR B 78 -45.92 -19.36 17.28
N ALA B 79 -46.82 -18.38 17.20
CA ALA B 79 -48.08 -18.37 17.93
C ALA B 79 -49.10 -18.98 17.01
N LEU B 80 -49.52 -20.20 17.36
CA LEU B 80 -50.63 -20.87 16.71
C LEU B 80 -50.90 -22.04 17.64
N VAL B 81 -51.97 -22.78 17.40
CA VAL B 81 -52.57 -23.61 18.44
C VAL B 81 -52.57 -25.12 18.08
N THR B 82 -53.06 -25.48 16.89
CA THR B 82 -53.41 -26.89 16.63
C THR B 82 -52.17 -27.77 16.62
N VAL B 83 -52.37 -29.04 16.99
CA VAL B 83 -51.36 -30.08 16.76
C VAL B 83 -51.30 -30.41 15.28
N LYS B 84 -52.36 -30.07 14.53
CA LYS B 84 -52.35 -30.23 13.08
C LYS B 84 -51.21 -29.44 12.46
N ASP B 85 -50.91 -28.27 13.01
CA ASP B 85 -49.75 -27.52 12.57
C ASP B 85 -48.45 -28.20 12.97
N LYS B 86 -48.44 -28.86 14.14
CA LYS B 86 -47.26 -29.62 14.55
C LYS B 86 -46.93 -30.68 13.51
N VAL B 87 -47.95 -31.42 13.05
CA VAL B 87 -47.76 -32.37 11.97
C VAL B 87 -47.47 -31.62 10.66
N ALA B 88 -48.12 -30.47 10.45
CA ALA B 88 -47.85 -29.69 9.26
C ALA B 88 -46.42 -29.17 9.23
N GLY B 89 -45.84 -28.91 10.40
CA GLY B 89 -44.50 -28.38 10.46
C GLY B 89 -43.42 -29.43 10.58
N LEU B 90 -43.78 -30.65 10.99
CA LEU B 90 -42.81 -31.69 11.28
C LEU B 90 -42.93 -32.93 10.40
N ASP B 91 -44.05 -33.14 9.70
CA ASP B 91 -44.06 -34.13 8.64
C ASP B 91 -43.03 -33.80 7.59
N SER B 92 -42.99 -32.53 7.18
CA SER B 92 -41.93 -32.04 6.33
C SER B 92 -40.59 -32.08 7.07
N GLY B 93 -39.53 -31.79 6.35
CA GLY B 93 -38.22 -31.66 6.95
C GLY B 93 -38.19 -30.58 8.01
N ALA B 94 -37.95 -30.99 9.25
CA ALA B 94 -37.96 -30.08 10.40
C ALA B 94 -37.36 -30.83 11.57
N ASN B 95 -36.81 -30.09 12.58
CA ASN B 95 -36.18 -30.79 13.71
C ASN B 95 -36.56 -30.25 15.09
N ASP B 96 -37.69 -29.54 15.26
CA ASP B 96 -38.37 -29.23 16.54
C ASP B 96 -39.49 -28.19 16.37
N TYR B 97 -39.94 -27.54 17.47
CA TYR B 97 -41.15 -26.75 17.44
C TYR B 97 -41.26 -26.02 18.79
N LEU B 98 -42.04 -24.95 18.85
CA LEU B 98 -42.27 -24.23 20.11
C LEU B 98 -43.67 -23.62 20.05
N THR B 99 -43.85 -22.71 20.98
CA THR B 99 -45.06 -22.00 20.95
C THR B 99 -45.25 -20.77 21.79
N LYS B 100 -45.98 -19.84 21.19
CA LYS B 100 -46.36 -18.54 21.72
C LYS B 100 -45.61 -17.97 22.92
N PRO B 101 -46.38 -17.18 23.77
CA PRO B 101 -45.69 -16.67 24.92
C PRO B 101 -44.88 -17.76 25.43
N PHE B 102 -43.64 -17.43 25.62
CA PHE B 102 -42.73 -18.46 26.10
C PHE B 102 -41.68 -17.76 26.96
N ALA B 103 -40.78 -18.55 27.52
CA ALA B 103 -39.62 -18.05 28.22
C ALA B 103 -38.39 -18.27 27.36
N GLU B 104 -37.50 -17.26 27.33
CA GLU B 104 -36.39 -17.30 26.39
C GLU B 104 -35.40 -18.42 26.70
N ALA B 105 -35.31 -18.84 27.97
CA ALA B 105 -34.45 -19.96 28.32
C ALA B 105 -34.96 -21.28 27.75
N GLU B 106 -36.26 -21.36 27.43
CA GLU B 106 -36.80 -22.55 26.79
C GLU B 106 -36.20 -22.72 25.40
N LEU B 107 -36.19 -21.64 24.61
CA LEU B 107 -35.58 -21.69 23.29
C LEU B 107 -34.09 -22.00 23.37
N PHE B 108 -33.39 -21.36 24.31
CA PHE B 108 -31.95 -21.58 24.44
C PHE B 108 -31.65 -23.03 24.76
N ALA B 109 -32.56 -23.71 25.47
CA ALA B 109 -32.33 -25.12 25.79
C ALA B 109 -32.53 -26.00 24.58
N ARG B 110 -33.64 -25.82 23.85
CA ARG B 110 -33.94 -26.69 22.72
C ARG B 110 -32.91 -26.55 21.60
N ILE B 111 -32.26 -25.39 21.49
CA ILE B 111 -31.25 -25.20 20.46
C ILE B 111 -29.87 -25.66 20.93
N ARG B 112 -29.59 -25.58 22.24
CA ARG B 112 -28.31 -26.08 22.75
C ARG B 112 -28.19 -27.58 22.57
N ALA B 113 -29.30 -28.32 22.68
CA ALA B 113 -29.25 -29.77 22.54
C ALA B 113 -29.04 -30.18 21.09
N GLN B 114 -29.47 -29.35 20.14
CA GLN B 114 -29.31 -29.67 18.73
C GLN B 114 -27.93 -29.32 18.19
N LEU B 115 -27.16 -28.50 18.92
CA LEU B 115 -25.83 -28.11 18.45
C LEU B 115 -24.93 -29.34 18.31
N ARG B 116 -24.87 -30.17 19.33
CA ARG B 116 -24.07 -31.38 19.30
C ARG B 116 -24.49 -32.30 18.15
N ASN B 125 -17.09 -32.52 2.80
CA ASN B 125 -18.24 -32.69 3.66
C ASN B 125 -18.78 -31.33 4.13
N ALA B 126 -19.85 -31.36 4.94
CA ALA B 126 -20.48 -30.13 5.39
C ALA B 126 -19.59 -29.36 6.37
N ASP B 127 -18.71 -30.06 7.09
CA ASP B 127 -17.83 -29.42 8.06
C ASP B 127 -16.67 -28.69 7.41
N LYS B 128 -16.53 -28.76 6.10
CA LYS B 128 -15.45 -28.11 5.37
C LYS B 128 -15.93 -26.78 4.79
N VAL B 129 -14.96 -25.92 4.46
CA VAL B 129 -15.20 -24.68 3.73
C VAL B 129 -14.14 -24.62 2.64
N MET B 130 -14.53 -24.88 1.40
CA MET B 130 -13.62 -24.91 0.28
C MET B 130 -13.88 -23.70 -0.61
N THR B 131 -12.80 -23.07 -1.08
CA THR B 131 -12.92 -21.85 -1.88
C THR B 131 -12.06 -21.92 -3.13
N LYS B 132 -10.76 -21.61 -2.99
CA LYS B 132 -9.82 -21.71 -4.09
C LYS B 132 -8.48 -22.16 -3.53
N ASP B 133 -8.13 -23.43 -3.78
CA ASP B 133 -6.88 -24.03 -3.31
C ASP B 133 -6.80 -24.05 -1.78
N LEU B 134 -7.94 -23.94 -1.10
CA LEU B 134 -7.96 -23.79 0.35
C LEU B 134 -8.97 -24.74 0.96
N GLU B 135 -8.52 -25.51 1.95
CA GLU B 135 -9.38 -26.37 2.75
C GLU B 135 -9.33 -25.89 4.19
N ILE B 136 -10.50 -25.59 4.76
CA ILE B 136 -10.60 -25.13 6.14
C ILE B 136 -11.51 -26.11 6.88
N ASP B 137 -10.94 -26.83 7.84
CA ASP B 137 -11.69 -27.72 8.71
C ASP B 137 -11.64 -27.14 10.12
N ARG B 138 -12.78 -26.63 10.59
CA ARG B 138 -12.85 -26.01 11.91
C ARG B 138 -12.92 -27.03 13.04
N ALA B 139 -13.32 -28.28 12.74
CA ALA B 139 -13.21 -29.34 13.74
C ALA B 139 -11.77 -29.57 14.17
N THR B 140 -10.81 -29.23 13.30
CA THR B 140 -9.39 -29.22 13.65
C THR B 140 -8.77 -27.83 13.64
N ARG B 141 -9.42 -26.86 13.00
CA ARG B 141 -8.90 -25.50 12.85
C ARG B 141 -7.54 -25.50 12.14
N GLU B 142 -7.54 -26.10 10.95
CA GLU B 142 -6.37 -26.18 10.09
C GLU B 142 -6.70 -25.62 8.71
N VAL B 143 -5.79 -24.81 8.17
CA VAL B 143 -5.90 -24.29 6.81
C VAL B 143 -4.83 -24.93 5.94
N ILE B 144 -5.16 -25.11 4.67
CA ILE B 144 -4.25 -25.69 3.69
C ILE B 144 -4.27 -24.82 2.45
N PHE B 145 -3.08 -24.45 1.96
CA PHE B 145 -2.93 -23.71 0.72
C PHE B 145 -1.96 -24.46 -0.18
N LYS B 146 -2.48 -25.09 -1.24
CA LYS B 146 -1.68 -25.90 -2.14
C LYS B 146 -0.91 -26.99 -1.38
N GLY B 147 -1.65 -27.75 -0.58
CA GLY B 147 -1.07 -28.85 0.17
C GLY B 147 -0.18 -28.43 1.33
N ASP B 148 -0.27 -27.18 1.77
CA ASP B 148 0.58 -26.67 2.84
C ASP B 148 -0.29 -26.16 3.98
N LEU B 149 -0.11 -26.77 5.16
CA LEU B 149 -0.80 -26.31 6.36
C LEU B 149 0.06 -25.30 7.10
N ILE B 150 -0.53 -24.15 7.41
CA ILE B 150 0.09 -23.12 8.23
C ILE B 150 -0.81 -22.89 9.44
N THR B 151 -0.23 -22.93 10.63
CA THR B 151 -1.00 -22.71 11.84
C THR B 151 -1.21 -21.22 12.08
N LEU B 152 -2.41 -20.87 12.54
CA LEU B 152 -2.76 -19.49 12.84
C LEU B 152 -3.36 -19.44 14.25
N THR B 153 -3.69 -18.23 14.69
CA THR B 153 -4.24 -18.03 16.03
C THR B 153 -5.76 -18.07 15.99
N ARG B 154 -6.35 -18.03 17.19
CA ARG B 154 -7.81 -18.07 17.30
C ARG B 154 -8.45 -16.84 16.66
N THR B 155 -7.77 -15.70 16.69
CA THR B 155 -8.29 -14.48 16.08
C THR B 155 -7.97 -14.40 14.60
N GLU B 156 -6.77 -14.84 14.18
CA GLU B 156 -6.45 -14.91 12.77
C GLU B 156 -7.37 -15.89 12.05
N PHE B 157 -7.60 -17.05 12.66
CA PHE B 157 -8.49 -18.03 12.05
C PHE B 157 -9.93 -17.51 11.99
N ASP B 158 -10.32 -16.68 12.94
CA ASP B 158 -11.69 -16.17 12.97
C ASP B 158 -11.97 -15.28 11.76
N LEU B 159 -11.14 -14.27 11.53
CA LEU B 159 -11.39 -13.35 10.42
C LEU B 159 -11.23 -14.04 9.07
N LEU B 160 -10.30 -14.98 8.97
CA LEU B 160 -10.10 -15.68 7.70
C LEU B 160 -11.30 -16.56 7.37
N LEU B 161 -11.86 -17.23 8.37
CA LEU B 161 -12.98 -18.14 8.13
C LEU B 161 -14.26 -17.37 7.79
N PHE B 162 -14.51 -16.27 8.49
CA PHE B 162 -15.67 -15.44 8.19
C PHE B 162 -15.63 -14.95 6.74
N LEU B 163 -14.44 -14.68 6.23
CA LEU B 163 -14.25 -14.34 4.82
C LEU B 163 -13.87 -15.56 3.99
N ALA B 164 -13.77 -16.73 4.59
CA ALA B 164 -13.71 -17.97 3.83
C ALA B 164 -15.09 -18.51 3.52
N SER B 165 -16.08 -18.16 4.33
CA SER B 165 -17.47 -18.50 4.06
C SER B 165 -18.18 -17.39 3.28
N ASN B 166 -18.03 -16.14 3.72
CA ASN B 166 -18.53 -14.99 2.98
C ASN B 166 -17.60 -14.72 1.81
N LEU B 167 -18.03 -15.11 0.61
CA LEU B 167 -17.24 -14.88 -0.59
C LEU B 167 -17.67 -13.56 -1.23
N GLY B 168 -16.68 -12.75 -1.60
CA GLY B 168 -16.96 -11.49 -2.28
C GLY B 168 -17.73 -10.48 -1.46
N ARG B 169 -17.70 -10.58 -0.15
CA ARG B 169 -18.47 -9.69 0.71
C ARG B 169 -17.56 -8.71 1.45
N VAL B 170 -17.96 -7.44 1.43
CA VAL B 170 -17.19 -6.35 2.02
C VAL B 170 -17.94 -5.82 3.23
N PHE B 171 -17.25 -5.75 4.37
CA PHE B 171 -17.77 -5.12 5.57
C PHE B 171 -16.73 -4.18 6.14
N THR B 172 -17.16 -3.30 7.03
CA THR B 172 -16.30 -2.24 7.53
C THR B 172 -15.44 -2.73 8.69
N ARG B 173 -14.34 -2.01 8.93
CA ARG B 173 -13.37 -2.42 9.94
C ARG B 173 -13.96 -2.34 11.35
N ASP B 174 -14.79 -1.30 11.60
CA ASP B 174 -15.53 -1.27 12.86
C ASP B 174 -16.48 -2.45 12.96
N GLU B 175 -17.11 -2.82 11.84
CA GLU B 175 -17.95 -4.01 11.84
C GLU B 175 -17.12 -5.28 12.03
N LEU B 176 -15.90 -5.30 11.50
CA LEU B 176 -15.02 -6.45 11.71
C LEU B 176 -14.56 -6.55 13.16
N LEU B 177 -14.57 -5.45 13.91
CA LEU B 177 -14.27 -5.53 15.34
C LEU B 177 -15.36 -6.28 16.09
N ASP B 178 -16.62 -6.09 15.71
CA ASP B 178 -17.75 -6.72 16.36
C ASP B 178 -18.21 -8.00 15.66
N HIS B 179 -17.46 -8.47 14.67
CA HIS B 179 -17.79 -9.72 14.00
C HIS B 179 -16.71 -10.78 14.13
N VAL B 180 -15.49 -10.41 14.52
CA VAL B 180 -14.43 -11.37 14.76
C VAL B 180 -14.14 -11.52 16.25
N TRP B 181 -14.13 -10.41 16.99
CA TRP B 181 -13.96 -10.44 18.43
C TRP B 181 -15.23 -10.83 19.17
N GLY B 182 -16.38 -10.78 18.49
CA GLY B 182 -17.66 -10.92 19.15
C GLY B 182 -18.11 -9.60 19.74
N TYR B 183 -19.27 -9.65 20.39
CA TYR B 183 -19.80 -8.47 21.08
C TYR B 183 -18.82 -7.98 22.14
N ASN B 184 -18.27 -6.78 21.92
CA ASN B 184 -17.30 -6.13 22.82
C ASN B 184 -16.37 -7.10 23.56
N THR B 189 -8.00 -0.51 16.24
CA THR B 189 -8.65 -0.10 15.00
C THR B 189 -7.77 -0.42 13.79
N ARG B 190 -6.45 -0.27 13.96
CA ARG B 190 -5.49 -0.55 12.90
C ARG B 190 -4.99 -1.98 12.91
N THR B 191 -5.42 -2.80 13.86
CA THR B 191 -5.01 -4.21 13.87
C THR B 191 -5.53 -4.93 12.64
N VAL B 192 -6.67 -4.49 12.09
CA VAL B 192 -7.29 -5.17 10.96
C VAL B 192 -6.32 -5.26 9.79
N ASP B 193 -5.51 -4.22 9.59
CA ASP B 193 -4.60 -4.16 8.45
C ASP B 193 -3.25 -4.81 8.76
N THR B 194 -2.67 -4.50 9.93
CA THR B 194 -1.35 -5.04 10.25
C THR B 194 -1.37 -6.55 10.44
N HIS B 195 -2.56 -7.14 10.62
CA HIS B 195 -2.68 -8.59 10.73
C HIS B 195 -3.22 -9.25 9.48
N VAL B 196 -4.03 -8.56 8.67
CA VAL B 196 -4.26 -9.05 7.33
C VAL B 196 -2.98 -8.99 6.52
N LEU B 197 -2.05 -8.12 6.92
CA LEU B 197 -0.70 -8.15 6.37
C LEU B 197 0.14 -9.26 6.99
N GLN B 198 -0.12 -9.59 8.26
CA GLN B 198 0.42 -10.83 8.82
C GLN B 198 -0.07 -12.04 8.02
N LEU B 199 -1.24 -11.92 7.39
CA LEU B 199 -1.78 -13.01 6.60
C LEU B 199 -1.15 -13.04 5.21
N ARG B 200 -1.07 -11.88 4.55
CA ARG B 200 -0.44 -11.82 3.24
C ARG B 200 1.02 -12.27 3.31
N GLN B 201 1.76 -11.76 4.29
CA GLN B 201 3.19 -12.04 4.37
C GLN B 201 3.47 -13.46 4.85
N LYS B 202 2.49 -14.12 5.46
CA LYS B 202 2.66 -15.51 5.89
C LYS B 202 1.95 -16.50 4.97
N LEU B 203 1.00 -16.06 4.16
CA LEU B 203 0.36 -16.92 3.18
C LEU B 203 0.72 -16.43 1.78
N PRO B 204 1.74 -17.02 1.15
CA PRO B 204 2.08 -16.61 -0.21
C PRO B 204 0.90 -16.78 -1.17
N GLY B 205 0.78 -15.86 -2.12
CA GLY B 205 -0.32 -15.90 -3.06
C GLY B 205 -1.67 -15.67 -2.43
N LEU B 206 -1.76 -14.75 -1.48
CA LEU B 206 -3.05 -14.46 -0.85
C LEU B 206 -3.93 -13.66 -1.80
N GLU B 207 -5.21 -14.02 -1.85
CA GLU B 207 -6.14 -13.54 -2.87
C GLU B 207 -7.14 -12.54 -2.31
N ILE B 208 -6.78 -11.83 -1.25
CA ILE B 208 -7.65 -10.82 -0.66
C ILE B 208 -7.35 -9.49 -1.33
N GLU B 209 -8.22 -9.07 -2.24
CA GLU B 209 -8.05 -7.80 -2.92
C GLU B 209 -8.39 -6.66 -1.96
N THR B 210 -7.36 -5.93 -1.53
CA THR B 210 -7.60 -4.75 -0.70
C THR B 210 -8.43 -3.73 -1.47
N LEU B 211 -9.23 -2.96 -0.73
CA LEU B 211 -9.98 -1.87 -1.32
C LEU B 211 -9.58 -0.57 -0.63
N ARG B 212 -10.38 0.48 -0.81
CA ARG B 212 -10.07 1.80 -0.29
C ARG B 212 -11.14 2.17 0.72
N GLY B 213 -10.71 2.77 1.83
CA GLY B 213 -11.61 2.99 2.94
C GLY B 213 -12.22 1.63 3.16
N VAL B 214 -13.52 1.49 2.95
CA VAL B 214 -14.13 0.18 2.86
C VAL B 214 -13.25 -0.81 2.12
N GLY B 215 -13.07 -2.01 2.69
CA GLY B 215 -11.84 -2.73 2.39
C GLY B 215 -11.75 -4.17 1.89
N TYR B 216 -12.57 -5.11 2.36
CA TYR B 216 -12.20 -6.52 2.19
C TYR B 216 -13.32 -7.41 1.68
N LYS B 217 -13.03 -8.14 0.60
CA LYS B 217 -13.86 -9.23 0.13
C LYS B 217 -12.96 -10.27 -0.54
N MET B 218 -13.53 -11.45 -0.79
CA MET B 218 -12.82 -12.56 -1.42
C MET B 218 -13.50 -12.90 -2.74
N LYS B 219 -12.75 -12.72 -3.84
CA LYS B 219 -13.31 -12.98 -5.16
C LYS B 219 -13.88 -14.39 -5.26
N ALA B 220 -13.08 -15.38 -4.88
CA ALA B 220 -13.53 -16.77 -4.87
C ALA B 220 -12.66 -17.59 -3.93
N LYS C 2 -30.48 23.60 47.54
CA LYS C 2 -29.64 22.53 48.07
C LYS C 2 -29.62 21.34 47.11
N GLN C 3 -30.80 20.91 46.69
CA GLN C 3 -30.91 19.79 45.76
C GLN C 3 -30.58 20.26 44.35
N THR C 4 -29.57 19.64 43.74
CA THR C 4 -29.09 20.04 42.43
C THR C 4 -29.21 18.88 41.44
N LEU C 5 -29.30 19.24 40.16
CA LEU C 5 -29.34 18.27 39.07
C LEU C 5 -28.89 18.98 37.80
N LEU C 6 -28.79 18.23 36.71
CA LEU C 6 -28.14 18.70 35.50
C LEU C 6 -28.81 18.09 34.28
N LEU C 7 -28.55 18.69 33.12
CA LEU C 7 -29.14 18.22 31.87
C LEU C 7 -28.12 18.43 30.74
N VAL C 8 -28.19 17.56 29.73
CA VAL C 8 -27.31 17.63 28.57
C VAL C 8 -28.15 17.40 27.32
N GLU C 9 -28.26 18.43 26.47
CA GLU C 9 -29.06 18.35 25.26
C GLU C 9 -28.79 19.57 24.39
N ASP C 10 -28.68 19.34 23.07
CA ASP C 10 -28.53 20.43 22.12
C ASP C 10 -29.86 20.96 21.61
N ASP C 11 -30.93 20.15 21.68
CA ASP C 11 -32.26 20.62 21.30
C ASP C 11 -32.62 21.86 22.12
N LYS C 12 -33.11 22.89 21.44
CA LYS C 12 -33.13 24.23 22.03
C LYS C 12 -34.38 24.44 22.90
N ASN C 13 -35.56 24.50 22.26
CA ASN C 13 -36.75 24.91 22.99
C ASN C 13 -37.25 23.84 23.95
N LEU C 14 -37.17 22.56 23.55
CA LEU C 14 -37.62 21.50 24.43
C LEU C 14 -36.83 21.46 25.72
N ALA C 15 -35.51 21.67 25.63
CA ALA C 15 -34.70 21.77 26.83
C ALA C 15 -35.08 23.00 27.65
N ASP C 16 -35.39 24.10 26.97
CA ASP C 16 -35.78 25.32 27.68
C ASP C 16 -37.05 25.10 28.49
N GLY C 17 -38.05 24.46 27.90
CA GLY C 17 -39.31 24.22 28.59
C GLY C 17 -39.21 23.20 29.71
N LEU C 18 -38.24 22.29 29.64
CA LEU C 18 -38.09 21.25 30.67
C LEU C 18 -37.29 21.71 31.87
N LEU C 19 -36.30 22.59 31.69
CA LEU C 19 -35.59 23.14 32.84
C LEU C 19 -36.42 24.18 33.57
N VAL C 20 -37.33 24.86 32.86
CA VAL C 20 -38.23 25.80 33.51
C VAL C 20 -39.23 25.05 34.39
N SER C 21 -39.72 23.90 33.92
CA SER C 21 -40.61 23.09 34.73
C SER C 21 -39.91 22.58 35.99
N LEU C 22 -38.62 22.26 35.88
CA LEU C 22 -37.86 21.87 37.06
C LEU C 22 -37.61 23.06 37.97
N GLU C 23 -37.37 24.23 37.38
CA GLU C 23 -37.35 25.45 38.19
C GLU C 23 -38.74 25.78 38.71
N GLN C 24 -39.78 25.43 37.95
CA GLN C 24 -41.13 25.40 38.52
C GLN C 24 -41.24 24.30 39.57
N ALA C 25 -40.52 23.20 39.40
CA ALA C 25 -40.49 22.16 40.41
C ALA C 25 -39.61 22.51 41.60
N GLY C 26 -38.68 23.45 41.44
CA GLY C 26 -37.84 23.92 42.53
C GLY C 26 -36.44 23.36 42.52
N TYR C 27 -36.23 22.19 41.92
CA TYR C 27 -34.91 21.58 41.85
C TYR C 27 -33.92 22.51 41.16
N GLU C 28 -32.94 23.03 41.90
CA GLU C 28 -31.95 23.91 41.29
C GLU C 28 -31.12 23.12 40.28
N CYS C 29 -31.04 23.63 39.06
CA CYS C 29 -30.55 22.86 37.93
C CYS C 29 -29.52 23.63 37.13
N LEU C 30 -28.73 22.88 36.37
CA LEU C 30 -27.78 23.39 35.40
C LEU C 30 -28.07 22.75 34.04
N HIS C 31 -27.40 23.24 33.00
CA HIS C 31 -27.56 22.68 31.67
C HIS C 31 -26.32 22.95 30.84
N VAL C 32 -25.87 21.93 30.11
CA VAL C 32 -24.80 22.04 29.13
C VAL C 32 -25.31 21.49 27.82
N GLU C 33 -24.92 22.13 26.71
CA GLU C 33 -25.40 21.73 25.40
C GLU C 33 -24.42 20.83 24.64
N ARG C 34 -23.17 20.75 25.07
CA ARG C 34 -22.16 19.99 24.36
C ARG C 34 -21.30 19.23 25.34
N ILE C 35 -20.70 18.14 24.85
CA ILE C 35 -19.79 17.33 25.65
C ILE C 35 -18.55 18.11 26.06
N ALA C 36 -18.29 19.25 25.42
CA ALA C 36 -17.10 20.04 25.75
C ALA C 36 -17.08 20.43 27.21
N ASP C 37 -18.26 20.71 27.79
CA ASP C 37 -18.36 21.16 29.17
C ASP C 37 -19.27 20.25 30.01
N VAL C 38 -19.49 19.01 29.55
CA VAL C 38 -20.28 18.07 30.33
C VAL C 38 -19.54 17.60 31.58
N GLU C 39 -18.21 17.66 31.56
CA GLU C 39 -17.37 17.15 32.63
C GLU C 39 -17.19 18.12 33.80
N PRO C 40 -17.05 19.46 33.55
CA PRO C 40 -16.91 20.39 34.68
C PRO C 40 -17.94 20.25 35.79
N GLN C 41 -19.21 20.46 35.47
CA GLN C 41 -20.25 20.58 36.49
C GLN C 41 -20.83 19.24 36.93
N TRP C 42 -20.19 18.13 36.58
CA TRP C 42 -20.70 16.82 36.98
C TRP C 42 -20.74 16.66 38.49
N LYS C 43 -19.84 17.35 39.20
CA LYS C 43 -19.73 17.13 40.64
C LYS C 43 -20.87 17.77 41.42
N LYS C 44 -21.24 19.00 41.06
CA LYS C 44 -22.24 19.73 41.84
C LYS C 44 -23.62 19.11 41.78
N ALA C 45 -23.87 18.23 40.81
CA ALA C 45 -25.19 17.67 40.61
C ALA C 45 -25.39 16.42 41.46
N ASP C 46 -26.62 16.23 41.95
CA ASP C 46 -27.02 14.99 42.59
C ASP C 46 -27.66 14.01 41.60
N LEU C 47 -27.94 14.46 40.39
CA LEU C 47 -28.54 13.64 39.35
C LEU C 47 -28.22 14.26 37.99
N VAL C 48 -28.20 13.42 36.96
CA VAL C 48 -27.87 13.86 35.61
C VAL C 48 -28.89 13.25 34.66
N ILE C 49 -29.40 14.08 33.74
CA ILE C 49 -30.22 13.63 32.62
C ILE C 49 -29.40 13.85 31.36
N LEU C 50 -29.16 12.77 30.61
CA LEU C 50 -28.27 12.81 29.46
C LEU C 50 -29.00 12.37 28.21
N ASP C 51 -28.62 12.97 27.09
CA ASP C 51 -29.09 12.58 25.77
C ASP C 51 -27.88 12.18 24.92
N ARG C 52 -28.00 11.05 24.21
CA ARG C 52 -26.91 10.61 23.36
C ARG C 52 -26.92 11.33 22.02
N GLN C 53 -28.10 11.64 21.48
CA GLN C 53 -28.22 12.45 20.28
C GLN C 53 -27.62 13.83 20.55
N LEU C 54 -26.39 14.05 20.08
CA LEU C 54 -25.67 15.26 20.37
C LEU C 54 -24.78 15.53 19.17
N PRO C 55 -24.55 16.80 18.82
CA PRO C 55 -23.83 17.08 17.56
C PRO C 55 -22.37 16.67 17.60
N ASP C 56 -21.70 16.82 18.74
CA ASP C 56 -20.27 16.56 18.84
C ASP C 56 -19.94 15.13 19.28
N GLY C 57 -20.78 14.16 18.93
CA GLY C 57 -20.48 12.76 19.09
C GLY C 57 -21.44 12.06 20.02
N ASP C 58 -21.07 10.83 20.39
CA ASP C 58 -21.83 10.00 21.32
C ASP C 58 -21.42 10.30 22.75
N SER C 59 -22.25 9.83 23.69
CA SER C 59 -22.03 10.07 25.10
C SER C 59 -21.71 8.82 25.90
N VAL C 60 -22.26 7.66 25.51
CA VAL C 60 -22.00 6.45 26.29
C VAL C 60 -20.56 6.00 26.13
N GLN C 61 -19.93 6.29 24.99
CA GLN C 61 -18.54 5.91 24.79
C GLN C 61 -17.62 6.61 25.78
N HIS C 62 -18.07 7.70 26.40
CA HIS C 62 -17.32 8.41 27.42
C HIS C 62 -18.03 8.37 28.77
N LEU C 63 -19.08 7.55 28.89
CA LEU C 63 -19.86 7.52 30.13
C LEU C 63 -19.08 7.07 31.35
N PRO C 64 -18.34 5.95 31.34
CA PRO C 64 -17.93 5.36 32.61
C PRO C 64 -16.95 6.22 33.40
N GLU C 65 -16.13 7.01 32.73
CA GLU C 65 -15.21 7.88 33.45
C GLU C 65 -15.93 9.03 34.12
N TRP C 66 -17.11 9.40 33.63
CA TRP C 66 -17.90 10.45 34.28
C TRP C 66 -18.50 9.95 35.59
N LYS C 67 -19.05 8.73 35.59
CA LYS C 67 -19.53 8.13 36.83
C LYS C 67 -18.38 7.76 37.75
N LYS C 68 -17.19 7.49 37.18
CA LYS C 68 -16.02 7.10 37.96
C LYS C 68 -15.47 8.23 38.80
N ILE C 69 -16.00 9.45 38.67
CA ILE C 69 -15.55 10.58 39.48
C ILE C 69 -16.61 10.85 40.54
N LYS C 70 -17.88 10.64 40.20
CA LYS C 70 -18.96 10.73 41.17
C LYS C 70 -20.01 9.68 40.85
N ASP C 71 -20.33 8.86 41.85
CA ASP C 71 -21.33 7.81 41.71
C ASP C 71 -22.72 8.36 42.04
N VAL C 72 -23.17 9.27 41.18
CA VAL C 72 -24.51 9.84 41.25
C VAL C 72 -25.38 9.20 40.16
N PRO C 73 -26.62 8.82 40.46
CA PRO C 73 -27.45 8.15 39.45
C PRO C 73 -27.65 9.03 38.23
N VAL C 74 -27.82 8.36 37.08
CA VAL C 74 -27.98 9.03 35.80
C VAL C 74 -29.18 8.45 35.08
N ILE C 75 -29.69 9.20 34.11
CA ILE C 75 -30.80 8.74 33.28
C ILE C 75 -30.47 9.04 31.83
N LEU C 76 -30.91 8.17 30.93
CA LEU C 76 -30.69 8.34 29.51
C LEU C 76 -32.02 8.66 28.84
N LEU C 77 -32.01 9.66 27.95
CA LEU C 77 -33.16 10.02 27.13
C LEU C 77 -32.69 10.12 25.70
N THR C 78 -33.33 9.38 24.81
CA THR C 78 -32.81 9.32 23.45
C THR C 78 -33.92 8.95 22.48
N ALA C 79 -33.72 9.34 21.22
CA ALA C 79 -34.56 8.93 20.10
C ALA C 79 -34.28 7.50 19.65
N LEU C 80 -33.33 6.81 20.30
CA LEU C 80 -32.97 5.43 19.96
C LEU C 80 -33.70 4.52 20.95
N VAL C 81 -34.86 4.03 20.54
CA VAL C 81 -35.77 3.31 21.42
C VAL C 81 -35.71 1.80 21.18
N THR C 82 -34.62 1.29 20.61
CA THR C 82 -34.45 -0.15 20.46
C THR C 82 -33.89 -0.74 21.74
N VAL C 83 -34.26 -2.00 22.00
CA VAL C 83 -33.83 -2.64 23.23
C VAL C 83 -32.32 -2.88 23.22
N LYS C 84 -31.71 -2.98 22.05
CA LYS C 84 -30.26 -3.15 21.99
C LYS C 84 -29.53 -1.88 22.40
N ASP C 85 -30.13 -0.71 22.15
CA ASP C 85 -29.60 0.52 22.72
C ASP C 85 -29.90 0.62 24.21
N LYS C 86 -31.07 0.11 24.62
CA LYS C 86 -31.47 0.22 26.02
C LYS C 86 -30.53 -0.58 26.93
N VAL C 87 -30.24 -1.82 26.56
CA VAL C 87 -29.37 -2.65 27.39
C VAL C 87 -27.93 -2.16 27.29
N ALA C 88 -27.51 -1.65 26.13
CA ALA C 88 -26.14 -1.19 25.96
C ALA C 88 -25.85 -0.02 26.91
N GLY C 89 -26.77 0.94 26.99
CA GLY C 89 -26.59 2.05 27.90
C GLY C 89 -26.68 1.61 29.36
N LEU C 90 -27.66 0.77 29.67
CA LEU C 90 -27.86 0.34 31.05
C LEU C 90 -26.70 -0.52 31.57
N ASP C 91 -26.06 -1.27 30.69
CA ASP C 91 -24.93 -2.09 31.11
C ASP C 91 -23.62 -1.31 31.15
N SER C 92 -23.56 -0.12 30.54
CA SER C 92 -22.35 0.69 30.51
C SER C 92 -22.36 1.79 31.57
N GLY C 93 -23.11 1.61 32.66
CA GLY C 93 -23.07 2.54 33.78
C GLY C 93 -24.30 3.38 33.98
N ALA C 94 -25.34 3.22 33.16
CA ALA C 94 -26.56 4.00 33.34
C ALA C 94 -27.27 3.59 34.61
N ASN C 95 -28.33 4.34 34.95
CA ASN C 95 -29.11 4.07 36.15
C ASN C 95 -30.60 3.97 35.89
N ASP C 96 -31.09 4.35 34.72
CA ASP C 96 -32.50 4.24 34.34
C ASP C 96 -32.59 4.48 32.84
N TYR C 97 -33.81 4.71 32.34
CA TYR C 97 -34.04 4.87 30.91
C TYR C 97 -35.44 5.42 30.67
N LEU C 98 -35.57 6.18 29.59
CA LEU C 98 -36.85 6.76 29.19
C LEU C 98 -36.89 6.87 27.68
N THR C 99 -38.10 6.78 27.12
CA THR C 99 -38.31 6.92 25.69
C THR C 99 -38.12 8.38 25.25
N LYS C 100 -38.13 8.58 23.93
CA LYS C 100 -37.89 9.94 23.40
C LYS C 100 -39.09 10.86 23.60
N PRO C 101 -40.29 10.57 23.05
CA PRO C 101 -41.42 11.47 23.31
C PRO C 101 -42.12 11.08 24.60
N PHE C 102 -42.20 12.00 25.56
CA PHE C 102 -42.59 11.62 26.90
C PHE C 102 -43.37 12.74 27.56
N ALA C 103 -44.09 12.38 28.62
CA ALA C 103 -44.80 13.34 29.45
C ALA C 103 -43.92 13.78 30.61
N GLU C 104 -44.37 14.83 31.30
CA GLU C 104 -43.53 15.50 32.29
C GLU C 104 -43.48 14.75 33.62
N ALA C 105 -44.65 14.44 34.18
CA ALA C 105 -44.69 13.72 35.45
C ALA C 105 -44.02 12.36 35.36
N GLU C 106 -43.90 11.79 34.16
CA GLU C 106 -43.13 10.57 33.99
C GLU C 106 -41.66 10.81 34.29
N LEU C 107 -41.13 11.94 33.83
CA LEU C 107 -39.76 12.31 34.18
C LEU C 107 -39.63 12.54 35.67
N PHE C 108 -40.51 13.38 36.23
CA PHE C 108 -40.43 13.74 37.65
C PHE C 108 -40.45 12.49 38.54
N ALA C 109 -41.41 11.60 38.30
CA ALA C 109 -41.50 10.38 39.10
C ALA C 109 -40.23 9.55 38.98
N ARG C 110 -39.54 9.64 37.85
CA ARG C 110 -38.25 8.97 37.67
C ARG C 110 -37.08 9.83 38.13
N ILE C 111 -37.33 11.06 38.58
CA ILE C 111 -36.31 11.87 39.22
C ILE C 111 -36.23 11.59 40.71
N ARG C 112 -37.40 11.45 41.35
CA ARG C 112 -37.44 11.16 42.77
C ARG C 112 -37.08 9.70 43.04
N ALA C 113 -37.54 8.80 42.19
CA ALA C 113 -37.22 7.37 42.33
C ALA C 113 -35.73 7.12 42.32
N GLN C 114 -34.93 8.03 41.77
CA GLN C 114 -33.49 7.95 41.79
C GLN C 114 -32.89 8.84 42.88
N LEU C 115 -33.71 9.28 43.84
CA LEU C 115 -33.26 10.23 44.83
C LEU C 115 -33.55 9.75 46.24
N ARG C 116 -34.60 8.94 46.42
CA ARG C 116 -35.01 8.54 47.76
C ARG C 116 -34.09 7.52 48.39
N ALA C 117 -33.33 6.78 47.61
CA ALA C 117 -32.43 5.75 48.16
C ALA C 117 -31.02 6.30 48.35
N ASN C 125 -12.98 16.15 48.41
CA ASN C 125 -12.09 15.95 47.27
C ASN C 125 -12.23 14.54 46.71
N ALA C 126 -12.79 14.44 45.50
CA ALA C 126 -13.01 13.16 44.83
C ALA C 126 -11.97 12.87 43.77
N ASP C 127 -10.76 13.44 43.90
CA ASP C 127 -9.69 13.21 42.93
C ASP C 127 -8.40 12.69 43.57
N LYS C 128 -8.18 12.91 44.86
CA LYS C 128 -7.00 12.42 45.56
C LYS C 128 -7.42 11.64 46.80
N VAL C 129 -6.73 10.54 47.06
CA VAL C 129 -6.99 9.71 48.24
C VAL C 129 -5.67 9.43 48.93
N MET C 130 -5.72 9.24 50.24
CA MET C 130 -4.55 8.93 51.05
C MET C 130 -4.86 7.71 51.90
N THR C 131 -4.11 6.63 51.69
CA THR C 131 -4.19 5.42 52.49
C THR C 131 -2.83 5.16 53.13
N LYS C 132 -2.76 4.03 53.85
CA LYS C 132 -1.53 3.66 54.54
C LYS C 132 -0.44 3.32 53.54
N ASP C 133 0.69 4.03 53.63
CA ASP C 133 1.90 3.84 52.84
C ASP C 133 1.71 4.18 51.36
N LEU C 134 0.51 4.54 50.93
CA LEU C 134 0.25 4.94 49.55
C LEU C 134 -0.34 6.34 49.54
N GLU C 135 0.30 7.25 48.81
CA GLU C 135 -0.19 8.62 48.61
C GLU C 135 -0.32 8.82 47.10
N ILE C 136 -1.51 8.59 46.58
CA ILE C 136 -1.75 8.43 45.14
C ILE C 136 -2.19 9.75 44.54
N ASP C 137 -1.67 10.04 43.35
CA ASP C 137 -2.09 11.17 42.53
C ASP C 137 -2.71 10.61 41.25
N ARG C 138 -4.01 10.82 41.07
CA ARG C 138 -4.69 10.25 39.91
C ARG C 138 -4.54 11.12 38.66
N ALA C 139 -4.33 12.42 38.84
CA ALA C 139 -4.19 13.31 37.69
C ALA C 139 -2.91 13.02 36.91
N THR C 140 -1.79 12.88 37.61
CA THR C 140 -0.51 12.59 36.98
C THR C 140 -0.17 11.10 37.00
N ARG C 141 -1.05 10.27 37.56
CA ARG C 141 -0.89 8.81 37.58
C ARG C 141 0.46 8.42 38.18
N GLU C 142 0.65 8.78 39.45
CA GLU C 142 1.89 8.49 40.15
C GLU C 142 1.58 8.12 41.59
N VAL C 143 2.38 7.21 42.14
CA VAL C 143 2.23 6.75 43.52
C VAL C 143 3.58 6.80 44.21
N ILE C 144 3.56 7.16 45.49
CA ILE C 144 4.75 7.14 46.32
C ILE C 144 4.59 6.06 47.39
N PHE C 145 5.00 4.84 47.06
CA PHE C 145 4.84 3.68 47.93
C PHE C 145 6.15 3.45 48.65
N LYS C 146 6.19 3.83 49.94
CA LYS C 146 7.34 3.60 50.81
C LYS C 146 8.57 4.37 50.34
N GLY C 147 8.38 5.65 50.03
CA GLY C 147 9.48 6.55 49.77
C GLY C 147 10.01 6.56 48.35
N ASP C 148 9.65 5.58 47.52
CA ASP C 148 10.13 5.50 46.16
C ASP C 148 9.02 5.91 45.19
N LEU C 149 9.42 6.38 44.01
CA LEU C 149 8.49 6.79 42.96
C LEU C 149 8.25 5.61 42.02
N ILE C 150 6.98 5.23 41.86
CA ILE C 150 6.59 4.05 41.10
C ILE C 150 5.82 4.48 39.86
N THR C 151 6.17 3.91 38.71
CA THR C 151 5.53 4.22 37.44
C THR C 151 5.41 2.95 36.63
N LEU C 152 4.18 2.51 36.37
CA LEU C 152 3.91 1.33 35.56
C LEU C 152 2.89 1.70 34.48
N THR C 153 2.28 0.69 33.87
CA THR C 153 1.40 0.90 32.72
C THR C 153 0.03 1.41 33.15
N ARG C 154 -0.77 1.79 32.16
CA ARG C 154 -2.07 2.41 32.41
C ARG C 154 -3.03 1.45 33.08
N THR C 155 -3.24 0.27 32.49
CA THR C 155 -4.17 -0.70 33.07
C THR C 155 -3.75 -1.09 34.47
N GLU C 156 -2.45 -1.12 34.74
CA GLU C 156 -1.96 -1.37 36.10
C GLU C 156 -2.14 -0.17 37.02
N PHE C 157 -2.63 0.96 36.48
CA PHE C 157 -2.99 2.11 37.31
C PHE C 157 -4.48 2.25 37.52
N ASP C 158 -5.29 1.90 36.52
CA ASP C 158 -6.74 1.84 36.71
C ASP C 158 -7.14 0.66 37.58
N LEU C 159 -6.27 -0.35 37.70
CA LEU C 159 -6.57 -1.50 38.55
C LEU C 159 -6.38 -1.17 40.02
N LEU C 160 -5.28 -0.48 40.36
CA LEU C 160 -5.07 0.07 41.69
C LEU C 160 -5.87 1.33 41.93
N LEU C 161 -6.80 1.68 41.03
CA LEU C 161 -7.64 2.86 41.15
C LEU C 161 -9.01 2.55 41.74
N PHE C 162 -9.74 1.62 41.13
CA PHE C 162 -11.04 1.24 41.68
C PHE C 162 -10.89 0.45 42.97
N LEU C 163 -9.74 -0.22 43.15
CA LEU C 163 -9.44 -0.81 44.45
C LEU C 163 -9.15 0.27 45.48
N ALA C 164 -8.35 1.27 45.10
CA ALA C 164 -8.12 2.39 45.99
C ALA C 164 -9.39 3.17 46.27
N SER C 165 -10.39 3.07 45.40
CA SER C 165 -11.68 3.73 45.66
C SER C 165 -12.51 2.93 46.65
N ASN C 166 -12.85 1.69 46.31
CA ASN C 166 -13.51 0.77 47.22
C ASN C 166 -12.44 -0.20 47.74
N LEU C 167 -11.74 0.21 48.79
CA LEU C 167 -10.73 -0.63 49.41
C LEU C 167 -11.29 -1.27 50.68
N GLY C 168 -10.59 -2.30 51.15
CA GLY C 168 -11.11 -3.09 52.25
C GLY C 168 -12.26 -3.99 51.86
N ARG C 169 -12.62 -4.01 50.57
CA ARG C 169 -13.72 -4.82 50.07
C ARG C 169 -13.19 -5.76 49.00
N VAL C 170 -13.74 -6.96 48.97
CA VAL C 170 -13.33 -8.00 48.04
C VAL C 170 -14.29 -7.99 46.85
N PHE C 171 -13.77 -8.37 45.68
CA PHE C 171 -14.59 -8.55 44.49
C PHE C 171 -14.03 -9.70 43.68
N THR C 172 -14.92 -10.57 43.21
CA THR C 172 -14.49 -11.70 42.39
C THR C 172 -14.00 -11.21 41.04
N ARG C 173 -13.01 -11.93 40.50
CA ARG C 173 -12.37 -11.55 39.25
C ARG C 173 -13.38 -11.29 38.13
N ASP C 174 -14.50 -12.02 38.13
CA ASP C 174 -15.55 -11.76 37.16
C ASP C 174 -16.09 -10.35 37.31
N GLU C 175 -16.25 -9.88 38.53
CA GLU C 175 -16.81 -8.56 38.80
C GLU C 175 -15.79 -7.44 38.63
N LEU C 176 -14.53 -7.76 38.33
CA LEU C 176 -13.56 -6.72 38.03
C LEU C 176 -13.44 -6.42 36.55
N LEU C 177 -13.68 -7.42 35.69
CA LEU C 177 -13.55 -7.20 34.25
C LEU C 177 -14.60 -6.21 33.74
N ASP C 178 -15.82 -6.31 34.27
CA ASP C 178 -16.88 -5.37 33.91
C ASP C 178 -16.86 -4.10 34.75
N HIS C 179 -15.88 -3.95 35.64
CA HIS C 179 -15.78 -2.80 36.52
C HIS C 179 -14.52 -1.98 36.33
N VAL C 180 -13.41 -2.60 35.93
CA VAL C 180 -12.16 -1.90 35.67
C VAL C 180 -11.85 -1.87 34.17
N TRP C 181 -11.99 -3.01 33.51
CA TRP C 181 -11.78 -3.10 32.07
C TRP C 181 -13.05 -2.76 31.31
N GLY C 182 -12.91 -2.65 30.00
CA GLY C 182 -14.02 -2.21 29.17
C GLY C 182 -15.02 -3.33 28.94
N TYR C 183 -16.25 -3.14 29.43
CA TYR C 183 -17.38 -3.99 29.08
C TYR C 183 -18.40 -3.14 28.35
N ASN C 184 -18.77 -3.57 27.14
CA ASN C 184 -19.52 -2.76 26.17
C ASN C 184 -18.66 -1.62 25.65
N THR C 188 -8.57 -13.68 29.47
CA THR C 188 -9.38 -12.66 30.12
C THR C 188 -9.71 -13.04 31.56
N THR C 189 -9.20 -14.17 32.03
CA THR C 189 -9.33 -14.59 33.41
C THR C 189 -7.99 -14.83 34.08
N ARG C 190 -7.02 -15.36 33.34
CA ARG C 190 -5.66 -15.53 33.86
C ARG C 190 -4.97 -14.20 34.08
N THR C 191 -5.62 -13.09 33.73
CA THR C 191 -5.02 -11.76 33.76
C THR C 191 -4.78 -11.27 35.18
N VAL C 192 -5.86 -11.05 35.94
CA VAL C 192 -5.74 -10.46 37.27
C VAL C 192 -4.88 -11.31 38.18
N ASP C 193 -4.85 -12.62 37.96
CA ASP C 193 -3.92 -13.48 38.69
C ASP C 193 -2.47 -13.08 38.45
N THR C 194 -2.18 -12.56 37.25
CA THR C 194 -0.85 -12.07 36.92
C THR C 194 -0.69 -10.58 37.13
N HIS C 195 -1.78 -9.81 37.09
CA HIS C 195 -1.67 -8.36 37.29
C HIS C 195 -1.30 -8.02 38.72
N VAL C 196 -1.67 -8.86 39.68
CA VAL C 196 -1.24 -8.65 41.05
C VAL C 196 0.17 -9.16 41.28
N LEU C 197 0.63 -10.13 40.47
CA LEU C 197 1.97 -10.68 40.64
C LEU C 197 3.03 -9.60 40.50
N GLN C 198 2.97 -8.83 39.40
CA GLN C 198 3.91 -7.74 39.23
C GLN C 198 3.66 -6.61 40.20
N LEU C 199 2.48 -6.57 40.82
CA LEU C 199 2.27 -5.63 41.93
C LEU C 199 3.04 -6.06 43.17
N ARG C 200 3.35 -7.35 43.30
CA ARG C 200 4.28 -7.79 44.32
C ARG C 200 5.73 -7.67 43.87
N GLN C 201 5.95 -7.52 42.56
CA GLN C 201 7.30 -7.32 42.03
C GLN C 201 7.69 -5.84 42.07
N LYS C 202 6.75 -4.95 41.80
CA LYS C 202 7.02 -3.51 41.78
C LYS C 202 6.63 -2.80 43.06
N LEU C 203 5.64 -3.32 43.79
CA LEU C 203 5.25 -2.81 45.11
C LEU C 203 5.44 -3.93 46.14
N PRO C 204 6.68 -4.24 46.51
CA PRO C 204 6.89 -5.28 47.53
C PRO C 204 6.43 -4.79 48.90
N GLY C 205 5.67 -5.62 49.59
CA GLY C 205 5.06 -5.24 50.85
C GLY C 205 3.63 -4.76 50.74
N LEU C 206 2.99 -4.94 49.59
CA LEU C 206 1.60 -4.53 49.42
C LEU C 206 0.69 -5.37 50.30
N GLU C 207 -0.37 -4.74 50.81
CA GLU C 207 -1.25 -5.38 51.78
C GLU C 207 -2.44 -6.01 51.06
N ILE C 208 -2.11 -7.03 50.26
CA ILE C 208 -3.09 -7.71 49.42
C ILE C 208 -3.20 -9.15 49.90
N GLU C 209 -4.30 -9.48 50.57
CA GLU C 209 -4.64 -10.86 50.86
C GLU C 209 -5.34 -11.48 49.66
N THR C 210 -5.46 -12.81 49.69
CA THR C 210 -6.14 -13.54 48.63
C THR C 210 -7.08 -14.57 49.25
N LEU C 211 -8.12 -14.90 48.48
CA LEU C 211 -9.15 -15.85 48.92
C LEU C 211 -9.19 -16.98 47.90
N ARG C 212 -8.73 -18.17 48.33
CA ARG C 212 -8.66 -19.31 47.42
C ARG C 212 -10.05 -19.72 46.98
N GLY C 213 -10.35 -19.51 45.69
CA GLY C 213 -11.68 -19.71 45.16
C GLY C 213 -12.50 -18.45 45.05
N VAL C 214 -12.16 -17.41 45.80
CA VAL C 214 -12.89 -16.15 45.79
C VAL C 214 -11.96 -15.08 45.24
N GLY C 215 -12.36 -13.80 45.35
CA GLY C 215 -11.59 -12.71 44.81
C GLY C 215 -10.53 -12.19 45.77
N TYR C 216 -10.01 -11.01 45.43
CA TYR C 216 -8.91 -10.38 46.14
C TYR C 216 -9.36 -9.06 46.74
N LYS C 217 -8.50 -8.49 47.58
CA LYS C 217 -8.85 -7.29 48.34
C LYS C 217 -7.59 -6.65 48.89
N MET C 218 -7.74 -5.40 49.32
CA MET C 218 -6.71 -4.70 50.08
C MET C 218 -7.10 -4.72 51.55
N LYS C 219 -6.20 -5.23 52.39
CA LYS C 219 -6.55 -5.47 53.79
C LYS C 219 -6.83 -4.16 54.52
N ALA C 220 -6.12 -3.09 54.17
CA ALA C 220 -6.31 -1.81 54.83
C ALA C 220 -7.67 -1.21 54.48
N MET D 1 -19.88 -12.66 46.20
CA MET D 1 -20.71 -11.70 46.92
C MET D 1 -22.15 -11.74 46.43
N LYS D 2 -22.56 -12.88 45.90
CA LYS D 2 -23.89 -13.03 45.32
C LYS D 2 -24.97 -12.75 46.36
N GLN D 3 -26.14 -12.33 45.88
CA GLN D 3 -27.22 -11.91 46.76
C GLN D 3 -28.53 -12.60 46.36
N THR D 4 -29.64 -11.99 46.76
CA THR D 4 -30.95 -12.60 46.81
C THR D 4 -31.80 -12.25 45.58
N LEU D 5 -33.11 -12.54 45.66
CA LEU D 5 -34.11 -12.11 44.70
C LEU D 5 -35.49 -12.52 45.18
N LEU D 6 -36.55 -12.10 44.48
CA LEU D 6 -37.93 -12.38 44.88
C LEU D 6 -38.81 -12.27 43.65
N LEU D 7 -39.97 -12.94 43.69
CA LEU D 7 -40.92 -12.84 42.58
C LEU D 7 -42.34 -12.88 43.10
N VAL D 8 -43.22 -12.07 42.49
CA VAL D 8 -44.64 -12.03 42.78
C VAL D 8 -45.38 -12.05 41.44
N GLU D 9 -45.91 -13.22 41.06
CA GLU D 9 -46.62 -13.36 39.79
C GLU D 9 -47.53 -14.57 39.87
N ASP D 10 -48.82 -14.38 39.56
CA ASP D 10 -49.78 -15.47 39.54
C ASP D 10 -49.69 -16.27 38.25
N ASP D 11 -49.43 -15.60 37.13
CA ASP D 11 -49.21 -16.29 35.87
C ASP D 11 -48.09 -17.30 36.01
N LYS D 12 -48.39 -18.55 35.68
CA LYS D 12 -47.49 -19.63 36.07
C LYS D 12 -46.36 -19.89 35.07
N ASN D 13 -46.67 -19.99 33.78
CA ASN D 13 -45.62 -20.28 32.80
C ASN D 13 -44.61 -19.13 32.73
N LEU D 14 -45.08 -17.90 32.66
CA LEU D 14 -44.17 -16.75 32.58
C LEU D 14 -43.52 -16.44 33.92
N ALA D 15 -44.00 -17.04 35.02
CA ALA D 15 -43.24 -17.09 36.25
C ALA D 15 -42.44 -18.38 36.39
N ASP D 16 -42.77 -19.41 35.61
CA ASP D 16 -41.98 -20.63 35.59
C ASP D 16 -40.61 -20.37 34.97
N GLY D 17 -40.59 -20.01 33.69
CA GLY D 17 -39.33 -19.85 32.98
C GLY D 17 -38.52 -18.65 33.41
N LEU D 18 -39.20 -17.60 33.89
CA LEU D 18 -38.49 -16.42 34.35
C LEU D 18 -37.49 -16.78 35.44
N LEU D 19 -37.88 -17.65 36.36
CA LEU D 19 -36.99 -18.08 37.42
C LEU D 19 -35.96 -19.09 36.95
N VAL D 20 -36.14 -19.67 35.77
CA VAL D 20 -35.15 -20.60 35.25
C VAL D 20 -33.86 -19.86 34.90
N SER D 21 -33.95 -18.89 34.00
CA SER D 21 -32.78 -18.12 33.58
C SER D 21 -32.25 -17.21 34.68
N LEU D 22 -32.90 -17.16 35.84
CA LEU D 22 -32.33 -16.55 37.02
C LEU D 22 -31.55 -17.56 37.85
N GLU D 23 -32.06 -18.79 37.95
CA GLU D 23 -31.29 -19.88 38.54
C GLU D 23 -30.14 -20.27 37.62
N GLN D 24 -30.37 -20.23 36.31
CA GLN D 24 -29.27 -20.29 35.35
C GLN D 24 -28.32 -19.11 35.54
N ALA D 25 -28.86 -17.95 35.90
CA ALA D 25 -28.04 -16.76 36.08
C ALA D 25 -27.16 -16.87 37.31
N GLY D 26 -27.74 -17.24 38.44
CA GLY D 26 -26.94 -17.44 39.64
C GLY D 26 -27.46 -16.72 40.87
N TYR D 27 -28.72 -16.32 40.86
CA TYR D 27 -29.36 -15.76 42.04
C TYR D 27 -30.47 -16.69 42.50
N GLU D 28 -30.47 -17.01 43.79
CA GLU D 28 -31.54 -17.80 44.37
C GLU D 28 -32.84 -17.00 44.31
N CYS D 29 -33.96 -17.73 44.26
CA CYS D 29 -35.23 -17.06 44.00
C CYS D 29 -36.31 -17.52 44.98
N LEU D 30 -37.32 -16.66 45.14
CA LEU D 30 -38.53 -16.93 45.90
C LEU D 30 -39.75 -16.67 45.02
N HIS D 31 -40.73 -17.56 45.12
CA HIS D 31 -41.89 -17.59 44.24
C HIS D 31 -43.15 -17.38 45.06
N VAL D 32 -43.83 -16.26 44.84
CA VAL D 32 -45.02 -15.91 45.62
C VAL D 32 -46.17 -15.68 44.65
N GLU D 33 -47.41 -15.91 45.14
CA GLU D 33 -48.60 -15.65 44.35
C GLU D 33 -49.73 -15.00 45.14
N ARG D 34 -49.46 -14.49 46.34
CA ARG D 34 -50.47 -13.79 47.14
C ARG D 34 -49.78 -12.68 47.90
N ILE D 35 -50.47 -11.54 48.03
CA ILE D 35 -49.92 -10.44 48.84
C ILE D 35 -49.83 -10.85 50.31
N ALA D 36 -50.77 -11.66 50.78
CA ALA D 36 -50.66 -12.22 52.13
C ALA D 36 -49.43 -13.12 52.28
N ASP D 37 -48.86 -13.56 51.16
CA ASP D 37 -47.62 -14.34 51.15
C ASP D 37 -46.40 -13.49 50.81
N VAL D 38 -46.60 -12.21 50.47
CA VAL D 38 -45.47 -11.34 50.13
C VAL D 38 -44.82 -10.77 51.38
N GLU D 39 -45.63 -10.46 52.40
CA GLU D 39 -45.09 -9.97 53.67
C GLU D 39 -43.93 -10.80 54.22
N PRO D 40 -44.00 -12.14 54.27
CA PRO D 40 -42.94 -12.89 54.96
C PRO D 40 -41.61 -12.98 54.22
N GLN D 41 -41.58 -12.76 52.90
CA GLN D 41 -40.39 -12.99 52.10
C GLN D 41 -39.60 -11.71 51.80
N TRP D 42 -39.84 -10.64 52.56
CA TRP D 42 -39.32 -9.33 52.20
C TRP D 42 -37.92 -9.08 52.76
N LYS D 43 -37.76 -9.20 54.08
CA LYS D 43 -36.52 -8.77 54.73
C LYS D 43 -35.30 -9.51 54.20
N LYS D 44 -35.46 -10.77 53.83
CA LYS D 44 -34.34 -11.58 53.38
C LYS D 44 -33.78 -11.13 52.03
N ALA D 45 -34.24 -10.04 51.42
CA ALA D 45 -33.98 -9.74 50.02
C ALA D 45 -33.31 -8.38 49.85
N ASP D 46 -32.36 -8.34 48.91
CA ASP D 46 -31.83 -7.09 48.38
C ASP D 46 -32.69 -6.53 47.24
N LEU D 47 -33.45 -7.37 46.56
CA LEU D 47 -34.17 -6.98 45.36
C LEU D 47 -35.57 -7.57 45.42
N VAL D 48 -36.52 -6.89 44.76
CA VAL D 48 -37.91 -7.32 44.70
C VAL D 48 -38.46 -7.05 43.30
N ILE D 49 -39.12 -8.06 42.73
CA ILE D 49 -39.82 -7.94 41.47
C ILE D 49 -41.30 -8.13 41.75
N LEU D 50 -42.15 -7.41 41.01
CA LEU D 50 -43.55 -7.30 41.38
C LEU D 50 -44.42 -7.21 40.13
N ASP D 51 -45.64 -7.73 40.23
CA ASP D 51 -46.65 -7.61 39.20
C ASP D 51 -47.84 -6.84 39.75
N ARG D 52 -48.59 -6.21 38.85
CA ARG D 52 -49.79 -5.48 39.25
C ARG D 52 -51.07 -6.31 39.12
N GLN D 53 -51.04 -7.36 38.29
CA GLN D 53 -52.14 -8.30 38.19
C GLN D 53 -51.91 -9.40 39.21
N LEU D 54 -52.54 -9.28 40.37
CA LEU D 54 -52.45 -10.29 41.41
C LEU D 54 -53.83 -10.62 41.93
N PRO D 55 -54.09 -11.88 42.29
CA PRO D 55 -55.23 -12.18 43.16
C PRO D 55 -55.03 -11.48 44.49
N ASP D 56 -56.14 -11.20 45.16
CA ASP D 56 -56.24 -10.51 46.46
C ASP D 56 -55.93 -9.02 46.39
N GLY D 57 -55.99 -8.41 45.21
CA GLY D 57 -56.04 -6.96 45.09
C GLY D 57 -54.91 -6.40 44.25
N ASP D 58 -54.77 -5.07 44.34
CA ASP D 58 -53.72 -4.34 43.65
C ASP D 58 -52.45 -4.36 44.49
N SER D 59 -51.34 -4.75 43.86
CA SER D 59 -50.08 -4.90 44.60
C SER D 59 -49.52 -3.57 45.06
N VAL D 60 -49.72 -2.49 44.28
CA VAL D 60 -49.18 -1.18 44.66
C VAL D 60 -49.86 -0.65 45.92
N GLN D 61 -51.08 -1.09 46.20
CA GLN D 61 -51.77 -0.63 47.40
C GLN D 61 -51.26 -1.32 48.67
N HIS D 62 -50.42 -2.35 48.52
CA HIS D 62 -49.76 -3.00 49.65
C HIS D 62 -48.26 -2.74 49.63
N LEU D 63 -47.84 -1.62 49.04
CA LEU D 63 -46.45 -1.41 48.68
C LEU D 63 -45.64 -0.61 49.71
N PRO D 64 -46.11 0.54 50.21
CA PRO D 64 -45.23 1.36 51.06
C PRO D 64 -44.85 0.71 52.38
N GLU D 65 -45.71 -0.11 52.97
CA GLU D 65 -45.35 -0.79 54.21
C GLU D 65 -44.26 -1.83 54.01
N TRP D 66 -44.02 -2.25 52.76
CA TRP D 66 -42.84 -3.05 52.46
C TRP D 66 -41.60 -2.19 52.30
N LYS D 67 -41.77 -0.98 51.78
CA LYS D 67 -40.67 -0.02 51.72
C LYS D 67 -40.19 0.36 53.12
N LYS D 68 -41.12 0.43 54.09
CA LYS D 68 -40.77 0.75 55.46
C LYS D 68 -39.67 -0.17 55.99
N ILE D 69 -39.87 -1.47 55.84
CA ILE D 69 -38.92 -2.46 56.38
C ILE D 69 -37.54 -2.23 55.78
N LYS D 70 -37.42 -2.41 54.47
CA LYS D 70 -36.16 -2.20 53.77
C LYS D 70 -36.40 -1.31 52.57
N ASP D 71 -35.52 -0.33 52.37
CA ASP D 71 -35.47 0.39 51.11
C ASP D 71 -34.87 -0.55 50.07
N VAL D 72 -35.74 -1.17 49.28
CA VAL D 72 -35.34 -2.21 48.33
C VAL D 72 -35.64 -1.74 46.91
N PRO D 73 -34.73 -1.96 45.97
CA PRO D 73 -35.08 -1.77 44.56
C PRO D 73 -36.22 -2.69 44.16
N VAL D 74 -37.41 -2.14 43.95
CA VAL D 74 -38.59 -2.92 43.59
C VAL D 74 -39.09 -2.41 42.24
N ILE D 75 -38.71 -3.10 41.17
CA ILE D 75 -39.27 -2.83 39.87
C ILE D 75 -40.75 -3.20 39.86
N LEU D 76 -41.48 -2.67 38.89
CA LEU D 76 -42.82 -3.13 38.58
C LEU D 76 -42.89 -3.53 37.11
N LEU D 77 -43.96 -4.23 36.77
CA LEU D 77 -44.20 -4.70 35.41
C LEU D 77 -45.61 -5.24 35.34
N THR D 78 -46.35 -4.92 34.27
CA THR D 78 -47.76 -5.28 34.22
C THR D 78 -48.30 -5.04 32.81
N ALA D 79 -49.57 -5.40 32.63
CA ALA D 79 -50.31 -5.06 31.43
C ALA D 79 -50.79 -3.61 31.44
N LEU D 80 -50.64 -2.91 32.57
CA LEU D 80 -51.04 -1.51 32.68
C LEU D 80 -49.89 -0.64 32.18
N VAL D 81 -50.06 -0.06 30.99
CA VAL D 81 -49.02 0.72 30.34
C VAL D 81 -49.21 2.23 30.56
N THR D 82 -50.38 2.65 31.05
CA THR D 82 -50.67 4.08 31.15
C THR D 82 -49.64 4.79 32.01
N VAL D 83 -49.22 5.97 31.54
CA VAL D 83 -48.32 6.81 32.31
C VAL D 83 -48.95 7.16 33.66
N LYS D 84 -50.27 7.21 33.72
CA LYS D 84 -50.97 7.38 34.98
C LYS D 84 -50.64 6.25 35.95
N ASP D 85 -50.60 5.01 35.44
CA ASP D 85 -50.15 3.90 36.27
C ASP D 85 -48.65 3.99 36.54
N LYS D 86 -47.89 4.54 35.60
CA LYS D 86 -46.47 4.78 35.86
C LYS D 86 -46.29 5.81 36.96
N VAL D 87 -47.14 6.84 36.99
CA VAL D 87 -47.14 7.78 38.11
C VAL D 87 -47.60 7.08 39.39
N ALA D 88 -48.59 6.19 39.27
CA ALA D 88 -49.04 5.42 40.41
C ALA D 88 -47.93 4.50 40.93
N GLY D 89 -47.20 3.85 40.03
CA GLY D 89 -46.14 2.95 40.44
C GLY D 89 -44.90 3.63 40.95
N LEU D 90 -44.70 4.90 40.60
CA LEU D 90 -43.43 5.57 40.87
C LEU D 90 -43.53 6.75 41.81
N ASP D 91 -44.68 7.43 41.91
CA ASP D 91 -44.82 8.42 42.97
C ASP D 91 -44.60 7.73 44.32
N SER D 92 -45.22 6.57 44.50
CA SER D 92 -44.91 5.73 45.64
C SER D 92 -43.57 5.01 45.41
N GLY D 93 -42.99 4.55 46.51
CA GLY D 93 -41.67 3.94 46.51
C GLY D 93 -41.41 2.84 45.51
N ALA D 94 -40.59 3.13 44.50
CA ALA D 94 -40.15 2.16 43.52
C ALA D 94 -38.98 2.78 42.77
N ASN D 95 -38.37 1.99 41.89
CA ASN D 95 -37.27 2.47 41.05
C ASN D 95 -37.45 2.29 39.56
N ASP D 96 -38.42 1.50 39.10
CA ASP D 96 -38.56 1.27 37.66
C ASP D 96 -39.95 0.75 37.35
N TYR D 97 -40.20 0.61 36.06
CA TYR D 97 -41.45 0.13 35.52
C TYR D 97 -41.08 -0.71 34.31
N LEU D 98 -42.03 -1.45 33.78
CA LEU D 98 -41.74 -2.19 32.55
C LEU D 98 -43.04 -2.54 31.86
N THR D 99 -42.95 -3.43 30.88
CA THR D 99 -44.04 -3.78 30.01
C THR D 99 -44.13 -5.30 29.93
N LYS D 100 -45.34 -5.79 29.64
CA LYS D 100 -45.59 -7.24 29.61
C LYS D 100 -44.66 -7.93 28.61
N PRO D 101 -44.57 -7.50 27.35
CA PRO D 101 -43.57 -8.12 26.47
C PRO D 101 -42.24 -7.44 26.65
N PHE D 102 -41.17 -8.23 26.66
CA PHE D 102 -39.84 -7.69 26.87
C PHE D 102 -38.82 -8.66 26.32
N ALA D 103 -37.57 -8.25 26.35
CA ALA D 103 -36.47 -9.19 26.38
C ALA D 103 -36.20 -9.52 27.83
N GLU D 104 -36.00 -10.81 28.12
CA GLU D 104 -35.56 -11.19 29.45
C GLU D 104 -34.30 -10.43 29.84
N ALA D 105 -33.51 -9.99 28.84
CA ALA D 105 -32.33 -9.19 29.10
C ALA D 105 -32.67 -7.80 29.61
N GLU D 106 -33.86 -7.28 29.29
CA GLU D 106 -34.23 -5.95 29.77
C GLU D 106 -34.29 -5.93 31.29
N LEU D 107 -34.97 -6.92 31.87
CA LEU D 107 -34.92 -7.11 33.32
C LEU D 107 -33.47 -7.26 33.78
N PHE D 108 -32.72 -8.15 33.11
CA PHE D 108 -31.34 -8.41 33.49
C PHE D 108 -30.52 -7.11 33.49
N ALA D 109 -30.73 -6.28 32.47
CA ALA D 109 -30.09 -4.97 32.48
C ALA D 109 -30.64 -4.11 33.61
N ARG D 110 -31.96 -4.13 33.81
CA ARG D 110 -32.59 -3.27 34.80
C ARG D 110 -32.50 -3.82 36.22
N ILE D 111 -31.84 -4.95 36.42
CA ILE D 111 -31.49 -5.41 37.75
C ILE D 111 -30.00 -5.27 38.04
N ARG D 112 -29.14 -5.46 37.03
CA ARG D 112 -27.72 -5.16 37.21
C ARG D 112 -27.50 -3.68 37.49
N ALA D 113 -28.40 -2.82 37.02
CA ALA D 113 -28.25 -1.39 37.24
C ALA D 113 -28.48 -1.02 38.70
N GLN D 114 -29.29 -1.79 39.42
CA GLN D 114 -29.60 -1.49 40.81
C GLN D 114 -28.57 -2.09 41.77
N LEU D 115 -28.02 -3.26 41.45
CA LEU D 115 -26.91 -3.81 42.21
C LEU D 115 -25.68 -2.93 42.03
N ARG D 116 -25.21 -2.35 43.14
CA ARG D 116 -24.02 -1.48 43.30
C ARG D 116 -24.24 -0.53 44.47
N ASN D 125 -24.12 -0.11 56.00
CA ASN D 125 -24.95 -0.45 57.15
C ASN D 125 -25.74 -1.73 56.90
N ALA D 126 -26.45 -1.77 55.76
CA ALA D 126 -27.28 -2.91 55.41
C ALA D 126 -26.49 -4.08 54.85
N ASP D 127 -25.17 -3.93 54.67
CA ASP D 127 -24.35 -5.03 54.18
C ASP D 127 -24.28 -6.19 55.16
N LYS D 128 -24.63 -5.96 56.42
CA LYS D 128 -24.44 -6.92 57.49
C LYS D 128 -25.68 -7.77 57.71
N VAL D 129 -25.47 -8.90 58.36
CA VAL D 129 -26.53 -9.70 58.98
C VAL D 129 -26.02 -10.15 60.33
N MET D 130 -26.71 -9.77 61.40
CA MET D 130 -26.18 -9.83 62.76
C MET D 130 -27.04 -10.75 63.62
N THR D 131 -26.40 -11.73 64.27
CA THR D 131 -27.09 -12.64 65.17
C THR D 131 -26.35 -12.76 66.51
N LYS D 132 -26.71 -13.78 67.30
CA LYS D 132 -26.11 -14.07 68.59
C LYS D 132 -24.58 -14.14 68.56
N ASP D 133 -23.92 -13.19 69.23
CA ASP D 133 -22.46 -13.16 69.34
C ASP D 133 -21.79 -13.25 67.96
N LEU D 134 -22.51 -12.82 66.93
CA LEU D 134 -22.08 -13.06 65.56
C LEU D 134 -22.29 -11.79 64.74
N GLU D 135 -21.22 -11.30 64.14
CA GLU D 135 -21.26 -10.15 63.24
C GLU D 135 -20.69 -10.59 61.91
N ILE D 136 -21.53 -10.54 60.86
CA ILE D 136 -21.16 -11.04 59.55
C ILE D 136 -21.40 -9.92 58.53
N ASP D 137 -20.32 -9.36 58.00
CA ASP D 137 -20.39 -8.44 56.88
C ASP D 137 -20.00 -9.18 55.60
N ARG D 138 -20.86 -9.09 54.59
CA ARG D 138 -20.61 -9.80 53.34
C ARG D 138 -19.60 -9.09 52.45
N ALA D 139 -19.32 -7.81 52.71
CA ALA D 139 -18.38 -7.06 51.88
C ALA D 139 -16.92 -7.41 52.16
N THR D 140 -16.62 -7.93 53.34
CA THR D 140 -15.26 -8.38 53.67
C THR D 140 -15.16 -9.88 53.88
N ARG D 141 -16.27 -10.55 54.22
CA ARG D 141 -16.31 -11.98 54.44
C ARG D 141 -15.32 -12.43 55.52
N GLU D 142 -15.31 -11.69 56.62
CA GLU D 142 -14.74 -12.16 57.88
C GLU D 142 -15.88 -12.44 58.85
N VAL D 143 -15.67 -13.40 59.74
CA VAL D 143 -16.64 -13.68 60.80
C VAL D 143 -16.11 -13.07 62.09
N ILE D 144 -17.01 -12.52 62.89
CA ILE D 144 -16.68 -11.98 64.21
C ILE D 144 -17.60 -12.67 65.20
N PHE D 145 -17.02 -13.55 66.02
CA PHE D 145 -17.77 -14.39 66.95
C PHE D 145 -17.28 -14.10 68.36
N LYS D 146 -18.16 -13.51 69.18
CA LYS D 146 -17.83 -13.05 70.53
C LYS D 146 -16.66 -12.07 70.53
N GLY D 147 -16.41 -11.42 69.39
CA GLY D 147 -15.26 -10.57 69.19
C GLY D 147 -14.12 -11.22 68.43
N ASP D 148 -14.10 -12.55 68.36
CA ASP D 148 -13.02 -13.27 67.70
C ASP D 148 -13.22 -13.28 66.19
N LEU D 149 -12.13 -13.11 65.45
CA LEU D 149 -12.14 -13.18 63.99
C LEU D 149 -11.51 -14.49 63.56
N ILE D 150 -12.23 -15.25 62.72
CA ILE D 150 -11.84 -16.61 62.35
C ILE D 150 -12.00 -16.77 60.85
N THR D 151 -11.11 -17.54 60.24
CA THR D 151 -11.07 -17.70 58.79
C THR D 151 -12.02 -18.80 58.32
N LEU D 152 -12.51 -18.64 57.09
CA LEU D 152 -13.39 -19.60 56.44
C LEU D 152 -12.93 -19.80 55.00
N THR D 153 -13.65 -20.64 54.27
CA THR D 153 -13.41 -20.85 52.85
C THR D 153 -14.49 -20.14 52.04
N ARG D 154 -14.56 -20.45 50.74
CA ARG D 154 -15.63 -19.91 49.90
C ARG D 154 -16.97 -20.51 50.29
N THR D 155 -17.03 -21.84 50.43
CA THR D 155 -18.29 -22.51 50.75
C THR D 155 -18.55 -22.54 52.25
N GLU D 156 -17.51 -22.55 53.07
CA GLU D 156 -17.72 -22.50 54.52
C GLU D 156 -18.46 -21.23 54.92
N PHE D 157 -17.95 -20.08 54.47
CA PHE D 157 -18.59 -18.81 54.80
C PHE D 157 -19.95 -18.67 54.13
N ASP D 158 -20.17 -19.37 53.01
CA ASP D 158 -21.43 -19.21 52.28
C ASP D 158 -22.57 -19.92 52.98
N LEU D 159 -22.32 -21.10 53.56
CA LEU D 159 -23.38 -21.80 54.28
C LEU D 159 -23.56 -21.26 55.70
N LEU D 160 -22.50 -20.68 56.27
CA LEU D 160 -22.61 -20.10 57.61
C LEU D 160 -23.55 -18.90 57.60
N LEU D 161 -23.40 -18.01 56.61
CA LEU D 161 -24.29 -16.87 56.51
C LEU D 161 -25.61 -17.22 55.82
N PHE D 162 -25.67 -18.36 55.12
CA PHE D 162 -26.95 -18.88 54.66
C PHE D 162 -27.92 -19.05 55.83
N LEU D 163 -27.54 -19.90 56.78
CA LEU D 163 -28.33 -20.12 57.99
C LEU D 163 -28.25 -18.96 58.97
N ALA D 164 -27.49 -17.90 58.65
CA ALA D 164 -27.45 -16.74 59.53
C ALA D 164 -28.63 -15.81 59.27
N SER D 165 -28.98 -15.61 58.01
CA SER D 165 -30.16 -14.82 57.70
C SER D 165 -31.43 -15.60 58.03
N ASN D 166 -31.50 -16.85 57.58
CA ASN D 166 -32.64 -17.73 57.88
C ASN D 166 -32.56 -18.18 59.32
N LEU D 167 -33.39 -17.58 60.18
CA LEU D 167 -33.43 -17.94 61.58
C LEU D 167 -34.36 -19.12 61.79
N GLY D 168 -33.82 -20.18 62.39
CA GLY D 168 -34.61 -21.35 62.75
C GLY D 168 -35.15 -22.14 61.58
N ARG D 169 -34.77 -21.76 60.36
CA ARG D 169 -35.25 -22.45 59.18
C ARG D 169 -34.55 -23.80 59.01
N VAL D 170 -35.22 -24.71 58.32
CA VAL D 170 -34.74 -26.07 58.13
C VAL D 170 -34.85 -26.43 56.66
N PHE D 171 -33.70 -26.71 56.04
CA PHE D 171 -33.65 -27.20 54.67
C PHE D 171 -33.10 -28.62 54.66
N THR D 172 -33.60 -29.43 53.72
CA THR D 172 -33.11 -30.79 53.60
C THR D 172 -31.67 -30.80 53.09
N ARG D 173 -30.97 -31.91 53.37
CA ARG D 173 -29.57 -32.00 52.98
C ARG D 173 -29.39 -31.83 51.47
N ASP D 174 -30.33 -32.39 50.69
CA ASP D 174 -30.30 -32.15 49.24
C ASP D 174 -30.60 -30.70 48.91
N GLU D 175 -31.43 -30.04 49.71
CA GLU D 175 -31.73 -28.63 49.47
C GLU D 175 -30.53 -27.74 49.74
N LEU D 176 -29.71 -28.09 50.73
CA LEU D 176 -28.50 -27.33 50.98
C LEU D 176 -27.46 -27.53 49.89
N LEU D 177 -27.54 -28.61 49.12
CA LEU D 177 -26.55 -28.89 48.09
C LEU D 177 -26.75 -27.99 46.87
N ASP D 178 -27.94 -28.03 46.28
CA ASP D 178 -28.22 -27.19 45.11
C ASP D 178 -28.23 -25.71 45.44
N HIS D 179 -28.39 -25.34 46.71
CA HIS D 179 -28.43 -23.94 47.09
C HIS D 179 -27.03 -23.33 47.11
N VAL D 180 -26.09 -23.99 47.79
CA VAL D 180 -24.74 -23.44 47.91
C VAL D 180 -23.81 -23.91 46.80
N TRP D 181 -24.19 -24.95 46.05
CA TRP D 181 -23.40 -25.43 44.92
C TRP D 181 -24.14 -25.13 43.61
N GLY D 182 -23.36 -25.10 42.54
CA GLY D 182 -23.92 -24.70 41.25
C GLY D 182 -25.05 -25.59 40.79
N TYR D 183 -26.00 -24.99 40.08
CA TYR D 183 -27.20 -25.69 39.64
C TYR D 183 -26.86 -26.76 38.60
N ASN D 184 -27.75 -27.75 38.51
CA ASN D 184 -27.67 -28.80 37.49
C ASN D 184 -26.32 -29.49 37.45
N THR D 189 -22.73 -36.15 48.53
CA THR D 189 -23.92 -35.80 49.28
C THR D 189 -23.59 -35.68 50.77
N ARG D 190 -22.57 -36.40 51.20
CA ARG D 190 -22.21 -36.49 52.61
C ARG D 190 -21.50 -35.26 53.14
N THR D 191 -21.12 -34.32 52.27
CA THR D 191 -20.31 -33.20 52.73
C THR D 191 -21.09 -32.27 53.65
N VAL D 192 -22.40 -32.14 53.44
CA VAL D 192 -23.21 -31.26 54.27
C VAL D 192 -23.05 -31.61 55.74
N ASP D 193 -22.88 -32.90 56.05
CA ASP D 193 -22.63 -33.33 57.42
C ASP D 193 -21.19 -33.02 57.84
N THR D 194 -20.21 -33.45 57.03
CA THR D 194 -18.82 -33.26 57.41
C THR D 194 -18.40 -31.79 57.39
N HIS D 195 -19.10 -30.93 56.65
CA HIS D 195 -18.74 -29.53 56.64
C HIS D 195 -19.34 -28.78 57.83
N VAL D 196 -20.56 -29.14 58.23
CA VAL D 196 -21.12 -28.55 59.44
C VAL D 196 -20.31 -28.96 60.65
N LEU D 197 -19.56 -30.06 60.56
CA LEU D 197 -18.61 -30.41 61.62
C LEU D 197 -17.36 -29.55 61.55
N GLN D 198 -16.85 -29.30 60.35
CA GLN D 198 -15.78 -28.33 60.19
C GLN D 198 -16.23 -26.92 60.57
N LEU D 199 -17.52 -26.75 60.85
CA LEU D 199 -18.07 -25.53 61.42
C LEU D 199 -18.04 -25.58 62.95
N ARG D 200 -18.51 -26.69 63.54
CA ARG D 200 -18.46 -26.84 64.99
C ARG D 200 -17.01 -26.89 65.48
N GLN D 201 -16.16 -27.68 64.81
CA GLN D 201 -14.77 -27.80 65.23
C GLN D 201 -14.00 -26.50 65.03
N LYS D 202 -14.51 -25.59 64.20
CA LYS D 202 -13.86 -24.29 64.03
C LYS D 202 -14.26 -23.32 65.14
N LEU D 203 -15.56 -23.23 65.44
CA LEU D 203 -16.07 -22.32 66.45
C LEU D 203 -16.91 -23.11 67.44
N PRO D 204 -16.54 -23.16 68.71
CA PRO D 204 -17.42 -23.76 69.72
C PRO D 204 -18.47 -22.77 70.18
N GLY D 205 -19.67 -23.26 70.44
CA GLY D 205 -20.77 -22.41 70.82
C GLY D 205 -21.59 -21.94 69.63
N LEU D 206 -21.82 -22.84 68.67
CA LEU D 206 -22.61 -22.57 67.48
C LEU D 206 -23.90 -23.36 67.57
N GLU D 207 -25.04 -22.65 67.55
CA GLU D 207 -26.35 -23.25 67.78
C GLU D 207 -26.90 -23.89 66.51
N ILE D 208 -26.19 -24.90 66.01
CA ILE D 208 -26.67 -25.74 64.93
C ILE D 208 -27.22 -26.99 65.59
N GLU D 209 -28.53 -26.98 65.87
CA GLU D 209 -29.19 -28.13 66.49
C GLU D 209 -29.49 -29.15 65.41
N THR D 210 -28.81 -30.29 65.47
CA THR D 210 -29.06 -31.35 64.52
C THR D 210 -30.39 -32.03 64.81
N LEU D 211 -31.18 -32.28 63.77
CA LEU D 211 -32.47 -32.93 63.92
C LEU D 211 -32.39 -34.40 63.49
N ARG D 212 -33.53 -35.05 63.26
CA ARG D 212 -33.60 -36.51 63.07
C ARG D 212 -33.15 -37.14 61.78
N GLY D 213 -31.90 -36.95 61.43
CA GLY D 213 -31.49 -37.54 60.21
C GLY D 213 -31.97 -36.81 59.01
N VAL D 214 -32.36 -35.56 59.19
CA VAL D 214 -33.20 -34.86 58.24
C VAL D 214 -32.51 -33.57 57.82
N GLY D 215 -32.66 -32.54 58.64
CA GLY D 215 -32.06 -31.27 58.31
C GLY D 215 -31.22 -30.66 59.42
N TYR D 216 -31.01 -29.36 59.34
CA TYR D 216 -30.21 -28.60 60.29
C TYR D 216 -30.92 -27.28 60.50
N LYS D 217 -30.52 -26.53 61.53
CA LYS D 217 -31.15 -25.24 61.76
C LYS D 217 -30.32 -24.41 62.73
N MET D 218 -30.21 -23.12 62.44
CA MET D 218 -29.63 -22.15 63.36
C MET D 218 -30.79 -21.42 64.03
N LYS D 219 -30.93 -21.60 65.34
CA LYS D 219 -32.08 -21.06 66.04
C LYS D 219 -31.98 -19.54 66.18
N ALA D 220 -30.93 -19.06 66.84
CA ALA D 220 -30.78 -17.62 67.08
C ALA D 220 -29.33 -17.18 66.93
N MET E 1 33.43 53.53 -9.49
CA MET E 1 34.33 52.56 -10.10
C MET E 1 34.71 51.49 -9.08
N LYS E 2 34.53 51.80 -7.80
CA LYS E 2 34.81 50.86 -6.73
C LYS E 2 33.94 49.61 -6.88
N GLN E 3 34.58 48.49 -7.21
CA GLN E 3 33.85 47.26 -7.52
C GLN E 3 33.69 46.40 -6.28
N THR E 4 32.65 45.57 -6.28
CA THR E 4 32.31 44.70 -5.18
C THR E 4 32.32 43.24 -5.65
N LEU E 5 32.25 42.32 -4.69
CA LEU E 5 32.16 40.91 -5.00
C LEU E 5 31.56 40.17 -3.82
N LEU E 6 31.10 38.95 -4.09
CA LEU E 6 30.39 38.13 -3.12
C LEU E 6 31.02 36.75 -3.06
N LEU E 7 30.87 36.09 -1.91
CA LEU E 7 31.38 34.74 -1.73
C LEU E 7 30.48 34.00 -0.75
N VAL E 8 30.26 32.72 -1.01
CA VAL E 8 29.54 31.83 -0.10
C VAL E 8 30.48 30.73 0.34
N GLU E 9 30.46 30.42 1.63
CA GLU E 9 31.38 29.44 2.20
C GLU E 9 30.93 29.08 3.61
N ASP E 10 31.10 27.81 3.97
CA ASP E 10 30.78 27.33 5.31
C ASP E 10 32.01 26.99 6.14
N ASP E 11 33.10 26.57 5.52
CA ASP E 11 34.34 26.26 6.24
C ASP E 11 34.97 27.57 6.71
N LYS E 12 34.81 27.87 8.00
CA LYS E 12 35.24 29.17 8.52
C LYS E 12 36.74 29.33 8.47
N ASN E 13 37.49 28.24 8.70
CA ASN E 13 38.93 28.33 8.89
C ASN E 13 39.61 28.91 7.66
N LEU E 14 39.16 28.53 6.47
CA LEU E 14 39.70 29.09 5.23
C LEU E 14 38.99 30.37 4.80
N ALA E 15 37.80 30.63 5.34
CA ALA E 15 36.98 31.73 4.85
C ALA E 15 37.54 33.08 5.29
N ASP E 16 37.93 33.19 6.57
CA ASP E 16 38.39 34.47 7.09
C ASP E 16 39.66 34.92 6.38
N GLY E 17 40.62 34.01 6.21
CA GLY E 17 41.86 34.38 5.54
C GLY E 17 41.65 34.80 4.10
N LEU E 18 40.78 34.09 3.38
CA LEU E 18 40.46 34.50 2.02
C LEU E 18 39.66 35.79 2.00
N LEU E 19 38.85 36.03 3.04
CA LEU E 19 38.19 37.33 3.17
C LEU E 19 39.21 38.44 3.38
N VAL E 20 40.31 38.14 4.07
CA VAL E 20 41.31 39.16 4.36
C VAL E 20 42.11 39.50 3.11
N SER E 21 42.62 38.47 2.42
CA SER E 21 43.47 38.69 1.25
C SER E 21 42.74 39.45 0.14
N LEU E 22 41.41 39.40 0.10
CA LEU E 22 40.66 40.17 -0.87
C LEU E 22 40.26 41.54 -0.33
N GLU E 23 40.08 41.67 0.98
CA GLU E 23 40.10 43.00 1.58
C GLU E 23 41.46 43.64 1.40
N GLN E 24 42.53 42.83 1.46
CA GLN E 24 43.85 43.28 1.07
C GLN E 24 43.85 43.72 -0.40
N ALA E 25 43.12 42.99 -1.25
CA ALA E 25 43.01 43.37 -2.65
C ALA E 25 42.30 44.71 -2.79
N GLY E 26 41.08 44.82 -2.25
CA GLY E 26 40.39 46.09 -2.25
C GLY E 26 38.91 46.03 -2.58
N TYR E 27 38.52 45.12 -3.46
CA TYR E 27 37.12 44.99 -3.85
C TYR E 27 36.26 44.77 -2.61
N GLU E 28 35.10 45.41 -2.58
CA GLU E 28 34.21 45.28 -1.43
C GLU E 28 33.75 43.82 -1.29
N CYS E 29 33.91 43.28 -0.08
CA CYS E 29 33.68 41.87 0.19
C CYS E 29 32.43 41.67 1.01
N LEU E 30 31.65 40.64 0.65
CA LEU E 30 30.49 40.19 1.40
C LEU E 30 30.62 38.70 1.66
N HIS E 31 30.25 38.27 2.86
CA HIS E 31 30.41 36.89 3.29
C HIS E 31 29.05 36.28 3.63
N VAL E 32 28.80 35.08 3.13
CA VAL E 32 27.56 34.36 3.37
C VAL E 32 27.90 32.89 3.65
N GLU E 33 27.14 32.27 4.56
CA GLU E 33 27.34 30.88 4.91
C GLU E 33 26.35 29.94 4.23
N ARG E 34 25.06 30.28 4.23
CA ARG E 34 24.01 29.40 3.75
C ARG E 34 23.26 30.03 2.59
N ILE E 35 22.45 29.22 1.92
CA ILE E 35 21.64 29.69 0.78
C ILE E 35 20.43 30.49 1.21
N ALA E 36 20.08 30.48 2.50
CA ALA E 36 18.97 31.30 2.97
C ALA E 36 19.31 32.78 2.92
N ASP E 37 20.59 33.14 2.89
CA ASP E 37 21.03 34.52 2.83
C ASP E 37 21.74 34.85 1.52
N VAL E 38 21.78 33.92 0.57
CA VAL E 38 22.44 34.18 -0.71
C VAL E 38 21.56 35.02 -1.62
N GLU E 39 20.25 35.01 -1.41
CA GLU E 39 19.36 35.76 -2.30
C GLU E 39 19.53 37.27 -2.20
N PRO E 40 19.48 37.90 -1.02
CA PRO E 40 19.36 39.36 -0.98
C PRO E 40 20.55 40.13 -1.54
N GLN E 41 21.73 39.51 -1.62
CA GLN E 41 22.94 40.23 -1.99
C GLN E 41 23.39 39.96 -3.43
N TRP E 42 22.62 39.21 -4.21
CA TRP E 42 22.93 39.04 -5.62
C TRP E 42 22.96 40.39 -6.36
N LYS E 43 22.23 41.38 -5.84
CA LYS E 43 22.11 42.65 -6.54
C LYS E 43 23.40 43.48 -6.43
N LYS E 44 23.82 43.78 -5.20
CA LYS E 44 25.01 44.58 -4.99
C LYS E 44 26.26 43.92 -5.58
N ALA E 45 26.25 42.60 -5.73
CA ALA E 45 27.44 41.88 -6.18
C ALA E 45 27.77 42.21 -7.63
N ASP E 46 29.01 42.62 -7.87
CA ASP E 46 29.54 42.75 -9.22
C ASP E 46 30.18 41.45 -9.72
N LEU E 47 30.41 40.50 -8.83
CA LEU E 47 30.90 39.16 -9.17
C LEU E 47 30.70 38.27 -7.96
N VAL E 48 30.23 37.05 -8.20
CA VAL E 48 29.93 36.12 -7.11
C VAL E 48 30.86 34.91 -7.22
N ILE E 49 31.12 34.31 -6.07
CA ILE E 49 31.92 33.08 -5.98
C ILE E 49 31.04 32.00 -5.35
N LEU E 50 30.96 30.86 -6.01
CA LEU E 50 30.12 29.76 -5.56
C LEU E 50 30.98 28.68 -4.94
N ASP E 51 30.54 28.17 -3.79
CA ASP E 51 31.13 27.02 -3.12
C ASP E 51 30.11 25.89 -3.18
N ARG E 52 30.43 24.85 -3.95
CA ARG E 52 29.42 23.85 -4.31
C ARG E 52 29.12 22.90 -3.16
N GLN E 53 30.14 22.52 -2.39
CA GLN E 53 29.93 21.72 -1.19
C GLN E 53 29.43 22.61 -0.07
N LEU E 54 28.18 22.42 0.34
CA LEU E 54 27.58 23.28 1.35
C LEU E 54 26.60 22.44 2.15
N PRO E 55 26.50 22.67 3.46
CA PRO E 55 25.65 21.81 4.29
C PRO E 55 24.17 21.89 3.94
N ASP E 56 23.68 23.03 3.45
CA ASP E 56 22.24 23.22 3.22
C ASP E 56 21.85 23.08 1.76
N GLY E 57 22.41 22.10 1.05
CA GLY E 57 21.93 21.72 -0.27
C GLY E 57 22.97 21.90 -1.35
N ASP E 58 22.54 21.61 -2.58
CA ASP E 58 23.36 21.76 -3.78
C ASP E 58 22.89 23.02 -4.51
N SER E 59 23.77 24.02 -4.56
CA SER E 59 23.39 25.35 -5.05
C SER E 59 23.15 25.41 -6.55
N VAL E 60 23.53 24.37 -7.30
CA VAL E 60 23.51 24.47 -8.75
C VAL E 60 22.08 24.53 -9.29
N GLN E 61 21.16 23.78 -8.69
CA GLN E 61 19.80 23.72 -9.21
C GLN E 61 18.99 24.95 -8.83
N HIS E 62 19.34 25.61 -7.73
CA HIS E 62 18.73 26.90 -7.40
C HIS E 62 19.46 28.06 -8.04
N LEU E 63 20.60 27.81 -8.68
CA LEU E 63 21.40 28.88 -9.28
C LEU E 63 20.68 29.62 -10.40
N PRO E 64 20.07 28.97 -11.40
CA PRO E 64 19.68 29.73 -12.61
C PRO E 64 18.71 30.87 -12.33
N GLU E 65 17.80 30.70 -11.39
CA GLU E 65 16.90 31.79 -11.04
C GLU E 65 17.66 32.92 -10.36
N TRP E 66 18.67 32.57 -9.56
CA TRP E 66 19.51 33.60 -8.96
C TRP E 66 20.27 34.35 -10.03
N LYS E 67 20.79 33.62 -11.02
CA LYS E 67 21.38 34.27 -12.19
C LYS E 67 20.33 35.04 -12.97
N LYS E 68 19.12 34.48 -13.07
CA LYS E 68 18.03 35.17 -13.75
C LYS E 68 17.78 36.54 -13.12
N ILE E 69 18.04 36.66 -11.82
CA ILE E 69 17.86 37.95 -11.15
C ILE E 69 18.88 38.97 -11.66
N LYS E 70 20.15 38.59 -11.73
CA LYS E 70 21.17 39.51 -12.22
C LYS E 70 22.25 38.79 -13.00
N ASP E 71 22.66 39.42 -14.11
CA ASP E 71 23.70 38.89 -15.00
C ASP E 71 25.06 39.08 -14.33
N VAL E 72 25.58 38.02 -13.71
CA VAL E 72 26.83 38.12 -12.96
C VAL E 72 27.77 36.97 -13.34
N PRO E 73 29.06 37.25 -13.57
CA PRO E 73 30.01 36.16 -13.83
C PRO E 73 30.15 35.21 -12.67
N VAL E 74 29.71 33.98 -12.86
CA VAL E 74 29.75 32.95 -11.83
C VAL E 74 31.08 32.20 -11.93
N ILE E 75 31.66 31.88 -10.78
CA ILE E 75 32.87 31.08 -10.71
C ILE E 75 32.59 29.88 -9.82
N LEU E 76 33.17 28.75 -10.16
CA LEU E 76 32.92 27.50 -9.45
C LEU E 76 34.18 27.03 -8.73
N LEU E 77 34.08 26.91 -7.41
CA LEU E 77 35.09 26.28 -6.58
C LEU E 77 34.46 25.04 -5.96
N THR E 78 35.11 23.89 -6.12
CA THR E 78 34.54 22.66 -5.61
C THR E 78 35.65 21.63 -5.41
N ALA E 79 35.45 20.76 -4.42
CA ALA E 79 36.28 19.58 -4.26
C ALA E 79 35.84 18.43 -5.16
N LEU E 80 34.66 18.53 -5.76
CA LEU E 80 34.14 17.52 -6.68
C LEU E 80 34.74 18.15 -7.94
N VAL E 81 35.80 17.50 -8.38
CA VAL E 81 36.53 17.90 -9.54
C VAL E 81 36.30 16.69 -10.37
N THR E 82 35.20 16.73 -11.08
CA THR E 82 34.80 15.57 -11.87
C THR E 82 34.41 16.35 -13.10
N VAL E 83 34.69 15.76 -14.27
CA VAL E 83 34.39 16.44 -15.53
C VAL E 83 32.88 16.51 -15.68
N LYS E 84 32.14 15.57 -15.08
CA LYS E 84 30.68 15.59 -15.21
C LYS E 84 30.08 16.81 -14.55
N ASP E 85 30.56 17.16 -13.36
CA ASP E 85 30.01 18.32 -12.66
C ASP E 85 30.51 19.63 -13.26
N LYS E 86 31.67 19.62 -13.90
CA LYS E 86 32.12 20.80 -14.63
C LYS E 86 31.17 21.14 -15.76
N VAL E 87 30.59 20.11 -16.40
CA VAL E 87 29.60 20.36 -17.45
C VAL E 87 28.30 20.84 -16.85
N ALA E 88 27.75 20.10 -15.88
CA ALA E 88 26.46 20.46 -15.30
C ALA E 88 26.49 21.83 -14.66
N GLY E 89 27.67 22.29 -14.24
CA GLY E 89 27.81 23.62 -13.68
C GLY E 89 27.87 24.67 -14.75
N LEU E 90 28.86 24.55 -15.64
CA LEU E 90 29.07 25.55 -16.69
C LEU E 90 27.85 25.67 -17.59
N ASP E 91 27.33 24.53 -18.05
CA ASP E 91 26.16 24.55 -18.92
C ASP E 91 24.97 25.16 -18.20
N SER E 92 24.72 24.73 -16.97
CA SER E 92 23.69 25.36 -16.15
C SER E 92 24.23 26.60 -15.43
N GLY E 93 24.81 27.55 -16.17
CA GLY E 93 24.99 28.90 -15.66
C GLY E 93 26.39 29.26 -15.16
N ALA E 94 27.23 28.30 -14.82
CA ALA E 94 28.57 28.65 -14.36
C ALA E 94 29.39 29.21 -15.52
N ASN E 95 30.33 30.10 -15.18
CA ASN E 95 31.09 30.82 -16.18
C ASN E 95 32.59 30.57 -16.11
N ASP E 96 33.06 29.83 -15.11
CA ASP E 96 34.47 29.46 -14.95
C ASP E 96 34.54 28.45 -13.80
N TYR E 97 35.72 27.87 -13.62
CA TYR E 97 35.88 26.78 -12.65
C TYR E 97 37.15 26.97 -11.83
N LEU E 98 37.29 26.13 -10.81
CA LEU E 98 38.51 26.03 -10.02
C LEU E 98 38.50 24.68 -9.29
N THR E 99 39.68 24.26 -8.84
CA THR E 99 39.89 22.89 -8.39
C THR E 99 39.60 22.74 -6.89
N LYS E 100 40.03 21.60 -6.33
CA LYS E 100 39.74 21.32 -4.92
C LYS E 100 40.62 22.15 -3.98
N PRO E 101 41.96 22.01 -3.96
CA PRO E 101 42.78 23.09 -3.40
C PRO E 101 43.20 24.02 -4.52
N PHE E 102 43.84 25.14 -4.21
CA PHE E 102 44.11 26.11 -5.26
C PHE E 102 45.13 27.12 -4.77
N ALA E 103 45.82 27.72 -5.73
CA ALA E 103 46.66 28.88 -5.46
C ALA E 103 45.80 30.14 -5.60
N GLU E 104 46.02 31.09 -4.70
CA GLU E 104 45.29 32.35 -4.75
C GLU E 104 45.63 33.17 -5.98
N ALA E 105 46.78 32.92 -6.61
CA ALA E 105 47.12 33.62 -7.85
C ALA E 105 46.21 33.18 -8.99
N GLU E 106 45.96 31.86 -9.10
CA GLU E 106 45.00 31.36 -10.07
C GLU E 106 43.60 31.90 -9.79
N LEU E 107 43.32 32.29 -8.55
CA LEU E 107 42.00 32.82 -8.19
C LEU E 107 41.80 34.23 -8.71
N PHE E 108 42.81 35.10 -8.53
CA PHE E 108 42.64 36.51 -8.85
C PHE E 108 42.53 36.73 -10.36
N ALA E 109 43.37 36.06 -11.15
CA ALA E 109 43.42 36.31 -12.57
C ALA E 109 42.10 35.98 -13.25
N ARG E 110 41.42 34.93 -12.80
CA ARG E 110 40.11 34.62 -13.33
C ARG E 110 39.12 35.73 -12.98
N ILE E 111 39.16 36.20 -11.73
CA ILE E 111 38.27 37.29 -11.31
C ILE E 111 38.40 38.47 -12.25
N ARG E 112 39.63 38.85 -12.58
CA ARG E 112 39.85 39.93 -13.52
C ARG E 112 39.45 39.53 -14.93
N ALA E 113 39.67 38.26 -15.28
CA ALA E 113 39.31 37.78 -16.62
C ALA E 113 37.82 37.93 -16.88
N GLN E 114 37.00 37.86 -15.84
CA GLN E 114 35.57 38.11 -15.98
C GLN E 114 35.24 39.59 -15.89
N LEU E 115 35.92 40.32 -15.00
CA LEU E 115 35.74 41.75 -14.80
C LEU E 115 36.34 42.60 -15.91
N ARG E 116 36.75 42.00 -17.02
CA ARG E 116 37.30 42.74 -18.15
C ARG E 116 36.18 43.23 -19.07
N ASN E 125 12.60 47.76 -10.15
CA ASN E 125 13.95 47.70 -10.72
C ASN E 125 14.16 46.41 -11.49
N ALA E 126 14.83 45.45 -10.86
CA ALA E 126 15.10 44.15 -11.48
C ALA E 126 13.88 43.26 -11.57
N ASP E 127 12.74 43.69 -11.02
CA ASP E 127 11.49 42.94 -11.07
C ASP E 127 10.40 43.74 -11.78
N LYS E 128 10.79 44.48 -12.82
CA LYS E 128 9.90 45.43 -13.48
C LYS E 128 9.92 45.21 -14.98
N VAL E 129 8.74 45.20 -15.59
CA VAL E 129 8.60 45.16 -17.04
C VAL E 129 7.47 46.09 -17.45
N MET E 130 7.74 46.99 -18.39
CA MET E 130 6.77 47.95 -18.88
C MET E 130 6.60 47.79 -20.38
N THR E 131 5.36 47.65 -20.83
CA THR E 131 5.05 47.61 -22.25
C THR E 131 3.75 48.37 -22.45
N LYS E 132 3.11 48.17 -23.59
CA LYS E 132 1.96 48.98 -23.99
C LYS E 132 0.70 48.52 -23.26
N ASP E 133 0.23 49.33 -22.32
CA ASP E 133 -1.06 49.12 -21.65
C ASP E 133 -1.19 47.69 -21.15
N LEU E 134 -0.07 47.16 -20.68
CA LEU E 134 0.07 45.82 -20.12
C LEU E 134 0.94 45.97 -18.89
N GLU E 135 0.57 45.30 -17.80
CA GLU E 135 1.17 45.57 -16.49
C GLU E 135 1.52 44.25 -15.81
N ILE E 136 2.81 43.98 -15.67
CA ILE E 136 3.31 42.75 -15.05
C ILE E 136 4.39 43.13 -14.03
N ASP E 137 4.41 42.42 -12.91
CA ASP E 137 5.47 42.54 -11.92
C ASP E 137 6.11 41.17 -11.73
N ARG E 138 7.44 41.15 -11.67
CA ARG E 138 8.16 39.88 -11.51
C ARG E 138 7.96 39.29 -10.13
N ALA E 139 7.70 40.14 -9.13
CA ALA E 139 7.55 39.63 -7.75
C ALA E 139 6.22 38.89 -7.58
N THR E 140 5.13 39.45 -8.10
CA THR E 140 3.82 38.86 -7.92
C THR E 140 3.45 37.85 -9.00
N ARG E 141 4.11 37.91 -10.15
CA ARG E 141 3.86 36.98 -11.26
C ARG E 141 2.39 37.01 -11.69
N GLU E 142 1.93 38.21 -12.05
CA GLU E 142 0.57 38.40 -12.54
C GLU E 142 0.60 39.38 -13.71
N VAL E 143 -0.54 39.48 -14.41
CA VAL E 143 -0.61 40.20 -15.66
C VAL E 143 -1.99 40.82 -15.81
N ILE E 144 -2.04 42.07 -16.27
CA ILE E 144 -3.27 42.79 -16.56
C ILE E 144 -3.06 43.62 -17.81
N PHE E 145 -4.03 43.57 -18.72
CA PHE E 145 -3.91 44.13 -20.06
C PHE E 145 -4.98 45.19 -20.27
N LYS E 146 -4.57 46.45 -20.37
CA LYS E 146 -5.44 47.61 -20.58
C LYS E 146 -6.46 47.80 -19.46
N GLY E 147 -6.38 46.99 -18.39
CA GLY E 147 -7.37 46.98 -17.33
C GLY E 147 -8.01 45.62 -17.10
N ASP E 148 -8.05 44.80 -18.15
CA ASP E 148 -8.55 43.43 -18.03
C ASP E 148 -7.52 42.57 -17.33
N LEU E 149 -7.91 41.94 -16.22
CA LEU E 149 -6.99 41.08 -15.49
C LEU E 149 -6.78 39.78 -16.24
N ILE E 150 -5.53 39.46 -16.56
CA ILE E 150 -5.16 38.29 -17.32
C ILE E 150 -4.66 37.21 -16.36
N THR E 151 -5.04 35.96 -16.63
CA THR E 151 -4.71 34.83 -15.78
C THR E 151 -3.93 33.80 -16.59
N LEU E 152 -2.82 33.33 -16.03
CA LEU E 152 -1.92 32.44 -16.76
C LEU E 152 -1.45 31.30 -15.85
N THR E 153 -0.66 30.41 -16.43
CA THR E 153 -0.01 29.31 -15.73
C THR E 153 1.45 29.67 -15.49
N ARG E 154 2.04 29.08 -14.44
CA ARG E 154 3.43 29.37 -14.10
C ARG E 154 4.36 29.13 -15.29
N THR E 155 4.12 28.05 -16.04
CA THR E 155 4.92 27.80 -17.24
C THR E 155 4.75 28.93 -18.24
N GLU E 156 3.50 29.36 -18.47
CA GLU E 156 3.26 30.51 -19.34
C GLU E 156 3.72 31.80 -18.68
N PHE E 157 3.76 31.83 -17.34
CA PHE E 157 4.35 32.97 -16.65
C PHE E 157 5.85 33.04 -16.89
N ASP E 158 6.52 31.88 -16.96
CA ASP E 158 7.97 31.86 -17.12
C ASP E 158 8.39 32.14 -18.56
N LEU E 159 7.58 31.73 -19.54
CA LEU E 159 7.84 32.13 -20.92
C LEU E 159 7.75 33.64 -21.08
N LEU E 160 6.74 34.26 -20.48
CA LEU E 160 6.62 35.71 -20.52
C LEU E 160 7.67 36.39 -19.66
N LEU E 161 8.32 35.65 -18.77
CA LEU E 161 9.44 36.18 -18.01
C LEU E 161 10.66 36.38 -18.91
N PHE E 162 11.06 35.33 -19.63
CA PHE E 162 12.31 35.38 -20.38
C PHE E 162 12.20 36.28 -21.61
N LEU E 163 11.01 36.38 -22.21
CA LEU E 163 10.85 37.25 -23.37
C LEU E 163 10.84 38.72 -22.97
N ALA E 164 10.19 39.05 -21.85
CA ALA E 164 10.17 40.43 -21.40
C ALA E 164 11.50 40.86 -20.83
N SER E 165 12.27 39.92 -20.28
CA SER E 165 13.61 40.22 -19.77
C SER E 165 14.54 40.51 -20.94
N ASN E 166 14.81 39.49 -21.77
CA ASN E 166 15.57 39.68 -23.00
C ASN E 166 14.59 40.10 -24.08
N LEU E 167 14.35 41.41 -24.16
CA LEU E 167 13.29 41.96 -24.97
C LEU E 167 13.73 42.17 -26.42
N GLY E 168 12.77 42.04 -27.34
CA GLY E 168 12.97 42.44 -28.72
C GLY E 168 14.03 41.70 -29.48
N ARG E 169 14.43 40.52 -29.04
CA ARG E 169 15.40 39.72 -29.77
C ARG E 169 14.77 38.39 -30.18
N VAL E 170 15.34 37.79 -31.21
CA VAL E 170 14.90 36.49 -31.72
C VAL E 170 15.76 35.40 -31.12
N PHE E 171 15.11 34.32 -30.69
CA PHE E 171 15.79 33.10 -30.27
C PHE E 171 15.05 31.93 -30.88
N THR E 172 15.80 30.99 -31.47
CA THR E 172 15.15 29.88 -32.16
C THR E 172 14.49 28.96 -31.14
N ARG E 173 13.72 28.00 -31.67
CA ARG E 173 12.87 27.16 -30.84
C ARG E 173 13.64 26.11 -30.06
N ASP E 174 14.83 25.73 -30.54
CA ASP E 174 15.69 24.83 -29.76
C ASP E 174 16.57 25.60 -28.77
N GLU E 175 17.08 26.76 -29.16
CA GLU E 175 17.87 27.59 -28.26
C GLU E 175 17.02 28.33 -27.23
N LEU E 176 15.73 28.02 -27.14
CA LEU E 176 14.89 28.49 -26.05
C LEU E 176 14.58 27.39 -25.04
N LEU E 177 14.58 26.12 -25.45
CA LEU E 177 14.36 25.02 -24.52
C LEU E 177 15.44 25.00 -23.44
N ASP E 178 16.68 25.28 -23.81
CA ASP E 178 17.78 25.40 -22.85
C ASP E 178 17.78 26.73 -22.12
N HIS E 179 16.74 27.53 -22.29
CA HIS E 179 16.68 28.88 -21.74
C HIS E 179 15.42 29.13 -20.91
N VAL E 180 14.30 28.52 -21.30
CA VAL E 180 13.02 28.79 -20.63
C VAL E 180 13.09 28.38 -19.16
N TRP E 181 13.37 27.12 -18.91
CA TRP E 181 13.36 26.57 -17.57
C TRP E 181 14.66 25.80 -17.32
N GLY E 182 14.99 25.67 -16.05
CA GLY E 182 16.04 24.74 -15.69
C GLY E 182 15.62 23.34 -16.08
N TYR E 183 16.37 22.73 -16.99
CA TYR E 183 16.19 21.33 -17.33
C TYR E 183 17.51 20.63 -17.04
N ASN E 184 17.46 19.30 -16.97
CA ASN E 184 18.66 18.50 -16.69
C ASN E 184 19.27 18.89 -15.34
N THR E 188 11.32 16.32 -26.12
CA THR E 188 10.79 17.67 -25.96
C THR E 188 10.93 18.48 -27.24
N THR E 189 10.01 18.24 -28.18
CA THR E 189 9.92 19.01 -29.43
C THR E 189 8.48 19.47 -29.62
N ARG E 190 8.29 20.37 -30.58
CA ARG E 190 7.01 21.03 -30.81
C ARG E 190 6.50 21.76 -29.57
N THR E 191 7.41 22.06 -28.63
CA THR E 191 7.02 22.58 -27.32
C THR E 191 6.61 24.04 -27.39
N VAL E 192 7.34 24.86 -28.11
CA VAL E 192 7.07 26.30 -28.11
C VAL E 192 6.09 26.71 -29.20
N ASP E 193 6.02 25.95 -30.30
CA ASP E 193 5.09 26.29 -31.38
C ASP E 193 3.64 26.17 -30.91
N THR E 194 3.38 25.32 -29.92
CA THR E 194 2.09 25.27 -29.27
C THR E 194 2.02 26.16 -28.03
N HIS E 195 3.16 26.74 -27.62
CA HIS E 195 3.17 27.69 -26.51
C HIS E 195 2.87 29.11 -26.97
N VAL E 196 3.37 29.50 -28.15
CA VAL E 196 2.91 30.74 -28.76
C VAL E 196 1.47 30.58 -29.22
N LEU E 197 1.05 29.35 -29.50
CA LEU E 197 -0.35 29.07 -29.80
C LEU E 197 -1.25 29.33 -28.60
N GLN E 198 -0.69 29.26 -27.38
CA GLN E 198 -1.45 29.51 -26.16
C GLN E 198 -1.51 30.98 -25.79
N LEU E 199 -0.45 31.74 -26.06
CA LEU E 199 -0.41 33.15 -25.67
C LEU E 199 -1.39 33.98 -26.48
N ARG E 200 -1.39 33.78 -27.81
CA ARG E 200 -2.35 34.49 -28.66
C ARG E 200 -3.78 34.10 -28.34
N GLN E 201 -4.00 32.96 -27.69
CA GLN E 201 -5.31 32.58 -27.22
C GLN E 201 -5.66 33.28 -25.91
N LYS E 202 -4.67 33.48 -25.04
CA LYS E 202 -4.92 34.04 -23.71
C LYS E 202 -4.56 35.51 -23.58
N LEU E 203 -3.72 36.05 -24.46
CA LEU E 203 -3.35 37.46 -24.42
C LEU E 203 -3.45 38.06 -25.83
N PRO E 204 -4.62 38.51 -26.24
CA PRO E 204 -4.72 39.30 -27.47
C PRO E 204 -4.18 40.70 -27.27
N GLY E 205 -3.91 41.37 -28.39
CA GLY E 205 -3.34 42.70 -28.36
C GLY E 205 -1.83 42.74 -28.42
N LEU E 206 -1.17 41.59 -28.47
CA LEU E 206 0.29 41.50 -28.54
C LEU E 206 0.65 40.81 -29.85
N GLU E 207 1.18 41.58 -30.80
CA GLU E 207 1.58 41.03 -32.09
C GLU E 207 2.91 40.32 -31.92
N ILE E 208 2.84 39.03 -31.61
CA ILE E 208 4.02 38.19 -31.45
C ILE E 208 4.32 37.57 -32.82
N GLU E 209 5.32 38.11 -33.49
CA GLU E 209 5.61 37.71 -34.87
C GLU E 209 6.29 36.34 -34.92
N THR E 210 6.43 35.82 -36.14
CA THR E 210 7.15 34.59 -36.41
C THR E 210 8.16 34.84 -37.50
N LEU E 211 9.36 34.25 -37.35
CA LEU E 211 10.36 34.24 -38.40
C LEU E 211 10.32 32.84 -39.02
N ARG E 212 9.76 32.74 -40.21
CA ARG E 212 9.36 31.47 -40.80
C ARG E 212 10.48 30.43 -40.77
N GLY E 213 10.24 29.33 -40.06
CA GLY E 213 11.13 28.21 -40.02
C GLY E 213 12.10 28.20 -38.85
N VAL E 214 12.50 29.37 -38.35
CA VAL E 214 13.60 29.42 -37.39
C VAL E 214 13.23 30.20 -36.13
N GLY E 215 12.73 31.42 -36.29
CA GLY E 215 12.67 32.31 -35.14
C GLY E 215 11.34 32.86 -34.70
N TYR E 216 11.31 33.38 -33.46
CA TYR E 216 10.18 34.11 -32.90
C TYR E 216 10.72 35.34 -32.17
N LYS E 217 9.90 36.39 -32.12
CA LYS E 217 10.31 37.61 -31.45
C LYS E 217 9.07 38.43 -31.09
N MET E 218 9.09 39.03 -29.90
CA MET E 218 7.99 39.84 -29.41
C MET E 218 8.26 41.31 -29.77
N LYS E 219 7.33 41.91 -30.52
CA LYS E 219 7.52 43.26 -31.03
C LYS E 219 6.71 44.27 -30.24
N ALA E 220 5.39 44.25 -30.38
CA ALA E 220 4.53 45.24 -29.73
C ALA E 220 3.51 44.59 -28.81
N LYS F 2 24.73 32.52 -37.88
CA LYS F 2 24.76 32.06 -36.50
C LYS F 2 26.08 32.39 -35.80
N GLN F 3 26.77 31.36 -35.32
CA GLN F 3 27.95 31.52 -34.49
C GLN F 3 29.21 31.13 -35.25
N THR F 4 30.30 31.85 -34.97
CA THR F 4 31.57 31.72 -35.69
C THR F 4 32.69 31.41 -34.72
N LEU F 5 33.64 30.57 -35.14
CA LEU F 5 34.74 30.13 -34.30
C LEU F 5 36.04 30.10 -35.11
N LEU F 6 37.14 29.78 -34.44
CA LEU F 6 38.46 29.79 -35.02
C LEU F 6 39.33 28.74 -34.32
N LEU F 7 40.41 28.34 -34.98
CA LEU F 7 41.30 27.31 -34.46
C LEU F 7 42.74 27.62 -34.85
N VAL F 8 43.65 27.46 -33.89
CA VAL F 8 45.09 27.45 -34.16
C VAL F 8 45.72 26.30 -33.37
N GLU F 9 46.41 25.40 -34.07
CA GLU F 9 47.13 24.30 -33.44
C GLU F 9 48.05 23.64 -34.45
N ASP F 10 49.33 23.50 -34.11
CA ASP F 10 50.31 22.96 -35.04
C ASP F 10 50.23 21.45 -35.20
N ASP F 11 49.59 20.75 -34.26
CA ASP F 11 49.37 19.33 -34.46
C ASP F 11 48.25 19.11 -35.49
N LYS F 12 48.22 17.92 -36.07
CA LYS F 12 47.38 17.65 -37.23
C LYS F 12 46.23 16.69 -36.97
N ASN F 13 46.45 15.59 -36.24
CA ASN F 13 45.35 14.68 -35.96
C ASN F 13 44.47 15.17 -34.82
N LEU F 14 45.03 15.94 -33.88
CA LEU F 14 44.22 16.45 -32.78
C LEU F 14 43.33 17.59 -33.23
N ALA F 15 43.78 18.39 -34.21
CA ALA F 15 42.95 19.46 -34.75
C ALA F 15 41.97 18.94 -35.79
N ASP F 16 42.29 17.81 -36.43
CA ASP F 16 41.38 17.23 -37.42
C ASP F 16 40.12 16.69 -36.73
N GLY F 17 40.30 15.96 -35.63
CA GLY F 17 39.16 15.43 -34.91
C GLY F 17 38.38 16.44 -34.10
N LEU F 18 38.93 17.64 -33.90
CA LEU F 18 38.21 18.71 -33.22
C LEU F 18 37.39 19.55 -34.19
N LEU F 19 37.96 19.86 -35.36
CA LEU F 19 37.23 20.63 -36.36
C LEU F 19 36.01 19.89 -36.88
N VAL F 20 36.07 18.55 -36.90
CA VAL F 20 34.96 17.76 -37.43
C VAL F 20 33.79 17.76 -36.45
N SER F 21 34.08 17.51 -35.17
CA SER F 21 33.02 17.41 -34.17
C SER F 21 32.27 18.73 -34.03
N LEU F 22 32.98 19.85 -34.08
CA LEU F 22 32.32 21.15 -34.00
C LEU F 22 31.42 21.42 -35.19
N GLU F 23 31.69 20.80 -36.34
CA GLU F 23 30.86 20.98 -37.53
C GLU F 23 29.69 20.01 -37.58
N GLN F 24 29.81 18.83 -36.96
CA GLN F 24 28.61 18.05 -36.69
C GLN F 24 27.72 18.74 -35.67
N ALA F 25 28.30 19.62 -34.85
CA ALA F 25 27.54 20.60 -34.09
C ALA F 25 27.26 21.82 -34.97
N GLY F 26 26.42 22.72 -34.46
CA GLY F 26 25.97 23.84 -35.26
C GLY F 26 26.91 25.02 -35.30
N TYR F 27 28.20 24.78 -35.55
CA TYR F 27 29.21 25.83 -35.56
C TYR F 27 29.99 25.82 -36.86
N GLU F 28 30.28 27.01 -37.38
CA GLU F 28 31.11 27.19 -38.57
C GLU F 28 32.51 27.60 -38.13
N CYS F 29 33.52 26.90 -38.64
CA CYS F 29 34.89 27.10 -38.18
C CYS F 29 35.88 27.06 -39.33
N LEU F 30 36.83 28.00 -39.31
CA LEU F 30 38.02 27.96 -40.14
C LEU F 30 39.23 27.65 -39.26
N HIS F 31 40.35 27.32 -39.89
CA HIS F 31 41.51 26.84 -39.14
C HIS F 31 42.79 27.31 -39.80
N VAL F 32 43.68 27.91 -39.00
CA VAL F 32 45.00 28.34 -39.44
C VAL F 32 46.03 27.80 -38.44
N GLU F 33 47.30 28.11 -38.70
CA GLU F 33 48.39 27.58 -37.88
C GLU F 33 49.54 28.55 -37.65
N ARG F 34 49.51 29.73 -38.24
CA ARG F 34 50.60 30.68 -38.10
C ARG F 34 50.10 31.97 -37.48
N ILE F 35 51.00 32.69 -36.81
CA ILE F 35 50.71 34.06 -36.38
C ILE F 35 50.69 35.03 -37.54
N ALA F 36 50.98 34.57 -38.76
CA ALA F 36 50.79 35.37 -39.96
C ALA F 36 49.44 35.11 -40.60
N ASP F 37 48.68 34.13 -40.13
CA ASP F 37 47.35 33.83 -40.64
C ASP F 37 46.24 34.17 -39.66
N VAL F 38 46.57 34.55 -38.42
CA VAL F 38 45.55 34.78 -37.42
C VAL F 38 44.92 36.16 -37.59
N GLU F 39 45.72 37.18 -37.89
CA GLU F 39 45.17 38.51 -38.12
C GLU F 39 44.13 38.54 -39.24
N PRO F 40 44.29 37.80 -40.35
CA PRO F 40 43.21 37.77 -41.35
C PRO F 40 41.85 37.35 -40.80
N GLN F 41 41.82 36.45 -39.81
CA GLN F 41 40.56 35.88 -39.33
C GLN F 41 40.15 36.39 -37.96
N TRP F 42 40.86 37.39 -37.41
CA TRP F 42 40.54 37.86 -36.07
C TRP F 42 39.25 38.67 -36.05
N LYS F 43 39.08 39.57 -37.03
CA LYS F 43 37.92 40.46 -37.02
C LYS F 43 36.61 39.67 -37.13
N LYS F 44 36.58 38.66 -38.01
CA LYS F 44 35.37 37.89 -38.22
C LYS F 44 35.05 36.94 -37.07
N ALA F 45 35.94 36.82 -36.09
CA ALA F 45 35.85 35.78 -35.07
C ALA F 45 35.16 36.28 -33.81
N ASP F 46 34.45 35.36 -33.15
CA ASP F 46 33.85 35.59 -31.83
C ASP F 46 34.68 34.98 -30.71
N LEU F 47 35.26 33.80 -30.94
CA LEU F 47 36.02 33.07 -29.95
C LEU F 47 37.34 32.62 -30.56
N VAL F 48 38.41 32.72 -29.78
CA VAL F 48 39.75 32.35 -30.23
C VAL F 48 40.33 31.33 -29.25
N ILE F 49 40.59 30.13 -29.73
CA ILE F 49 41.28 29.10 -28.96
C ILE F 49 42.75 29.12 -29.37
N LEU F 50 43.64 29.13 -28.38
CA LEU F 50 45.06 29.35 -28.66
C LEU F 50 45.93 28.35 -27.92
N ASP F 51 46.82 27.69 -28.66
CA ASP F 51 47.88 26.88 -28.09
C ASP F 51 49.14 27.72 -27.94
N ARG F 52 49.98 27.34 -26.96
CA ARG F 52 51.20 28.10 -26.71
C ARG F 52 52.39 27.52 -27.48
N GLN F 53 52.64 26.22 -27.32
CA GLN F 53 53.63 25.55 -28.15
C GLN F 53 53.26 25.71 -29.61
N LEU F 54 53.94 26.63 -30.30
CA LEU F 54 53.62 27.00 -31.67
C LEU F 54 54.90 27.22 -32.46
N PRO F 55 54.87 27.03 -33.78
CA PRO F 55 56.08 27.24 -34.59
C PRO F 55 56.47 28.71 -34.65
N ASP F 56 55.71 29.57 -33.97
CA ASP F 56 55.90 31.01 -34.00
C ASP F 56 56.50 31.55 -32.70
N GLY F 57 57.31 30.74 -32.02
CA GLY F 57 57.86 31.13 -30.74
C GLY F 57 56.87 30.89 -29.61
N ASP F 58 56.70 31.87 -28.73
CA ASP F 58 55.69 31.82 -27.67
C ASP F 58 54.49 32.65 -28.13
N SER F 59 53.30 32.07 -28.00
CA SER F 59 52.13 32.63 -28.67
C SER F 59 51.53 33.82 -27.94
N VAL F 60 51.60 33.85 -26.61
CA VAL F 60 50.75 34.77 -25.83
C VAL F 60 51.13 36.23 -26.07
N GLN F 61 52.36 36.51 -26.49
CA GLN F 61 52.84 37.88 -26.51
C GLN F 61 52.17 38.71 -27.61
N HIS F 62 51.72 38.07 -28.68
CA HIS F 62 51.12 38.80 -29.80
C HIS F 62 49.65 39.14 -29.58
N LEU F 63 49.07 38.71 -28.46
CA LEU F 63 47.66 38.84 -28.11
C LEU F 63 47.17 40.25 -27.78
N PRO F 64 47.88 41.04 -26.96
CA PRO F 64 47.33 42.33 -26.51
C PRO F 64 46.74 43.19 -27.62
N GLU F 65 47.47 43.34 -28.72
CA GLU F 65 46.95 44.15 -29.82
C GLU F 65 45.70 43.51 -30.41
N TRP F 66 45.70 42.18 -30.51
CA TRP F 66 44.56 41.46 -31.04
C TRP F 66 43.33 41.69 -30.16
N LYS F 67 43.55 41.85 -28.85
CA LYS F 67 42.49 42.25 -27.94
C LYS F 67 41.97 43.64 -28.29
N LYS F 68 42.86 44.64 -28.24
CA LYS F 68 42.49 46.00 -28.62
C LYS F 68 41.77 46.03 -29.96
N ILE F 69 42.09 45.09 -30.85
CA ILE F 69 41.32 44.92 -32.09
C ILE F 69 39.88 44.55 -31.76
N LYS F 70 39.70 43.39 -31.13
CA LYS F 70 38.37 42.92 -30.73
C LYS F 70 38.47 42.24 -29.37
N ASP F 71 37.94 42.89 -28.34
CA ASP F 71 37.86 42.28 -27.02
C ASP F 71 36.84 41.15 -27.04
N VAL F 72 37.29 39.94 -27.31
CA VAL F 72 36.40 38.79 -27.47
C VAL F 72 36.87 37.68 -26.54
N PRO F 73 36.00 36.73 -26.20
CA PRO F 73 36.43 35.57 -25.41
C PRO F 73 37.51 34.78 -26.14
N VAL F 74 38.64 34.59 -25.47
CA VAL F 74 39.74 33.78 -25.97
C VAL F 74 40.06 32.71 -24.94
N ILE F 75 40.39 31.51 -25.42
CA ILE F 75 40.53 30.35 -24.55
C ILE F 75 41.90 29.72 -24.77
N LEU F 76 42.65 29.54 -23.69
CA LEU F 76 43.96 28.92 -23.75
C LEU F 76 43.84 27.41 -23.66
N LEU F 77 44.57 26.71 -24.53
CA LEU F 77 44.66 25.25 -24.51
C LEU F 77 46.13 24.90 -24.71
N THR F 78 46.81 24.56 -23.63
CA THR F 78 48.26 24.45 -23.65
C THR F 78 48.70 23.31 -22.74
N ALA F 79 49.68 22.53 -23.22
CA ALA F 79 50.22 21.42 -22.44
C ALA F 79 51.10 21.86 -21.28
N LEU F 80 51.37 23.15 -21.13
CA LEU F 80 52.14 23.65 -20.00
C LEU F 80 51.25 23.68 -18.76
N VAL F 81 51.67 22.95 -17.72
CA VAL F 81 50.83 22.69 -16.56
C VAL F 81 51.16 23.59 -15.37
N THR F 82 52.09 24.53 -15.54
CA THR F 82 52.49 25.38 -14.44
C THR F 82 51.42 26.42 -14.13
N VAL F 83 51.21 26.68 -12.84
CA VAL F 83 50.27 27.70 -12.42
C VAL F 83 50.71 29.07 -12.94
N LYS F 84 52.02 29.29 -13.02
CA LYS F 84 52.52 30.56 -13.56
C LYS F 84 52.09 30.75 -15.00
N ASP F 85 52.09 29.67 -15.79
CA ASP F 85 51.55 29.74 -17.13
C ASP F 85 50.07 30.09 -17.09
N LYS F 86 49.32 29.48 -16.16
CA LYS F 86 47.93 29.87 -15.96
C LYS F 86 47.80 31.27 -15.40
N VAL F 87 48.85 31.80 -14.77
CA VAL F 87 48.86 33.19 -14.37
C VAL F 87 49.21 34.09 -15.56
N ALA F 88 50.18 33.65 -16.37
CA ALA F 88 50.64 34.49 -17.48
C ALA F 88 49.57 34.64 -18.54
N GLY F 89 48.98 33.54 -19.00
CA GLY F 89 47.97 33.61 -20.04
C GLY F 89 46.79 34.48 -19.64
N LEU F 90 46.20 34.20 -18.47
CA LEU F 90 45.07 35.00 -17.99
C LEU F 90 45.48 36.46 -17.80
N ASP F 91 46.70 36.69 -17.33
CA ASP F 91 47.22 38.04 -17.21
C ASP F 91 47.19 38.75 -18.56
N SER F 92 47.59 38.03 -19.61
CA SER F 92 47.61 38.61 -20.95
C SER F 92 46.24 39.08 -21.39
N GLY F 93 45.18 38.47 -20.85
CA GLY F 93 43.84 38.81 -21.25
C GLY F 93 43.08 37.58 -21.68
N ALA F 94 43.67 36.41 -21.45
CA ALA F 94 42.99 35.16 -21.76
C ALA F 94 41.67 35.11 -21.01
N ASN F 95 40.60 34.80 -21.74
CA ASN F 95 39.29 34.71 -21.12
C ASN F 95 39.05 33.38 -20.43
N ASP F 96 40.01 32.45 -20.49
CA ASP F 96 39.98 31.21 -19.71
C ASP F 96 41.31 30.48 -19.92
N TYR F 97 41.35 29.20 -19.50
CA TYR F 97 42.57 28.41 -19.53
C TYR F 97 42.21 26.93 -19.46
N LEU F 98 43.19 26.08 -19.82
CA LEU F 98 43.04 24.64 -19.62
C LEU F 98 44.41 23.97 -19.78
N THR F 99 44.41 22.65 -19.99
CA THR F 99 45.61 21.82 -19.90
C THR F 99 45.94 21.12 -21.22
N LYS F 100 46.59 19.95 -21.11
CA LYS F 100 47.11 19.13 -22.20
C LYS F 100 46.05 18.14 -22.67
N PRO F 101 46.33 17.28 -23.72
CA PRO F 101 45.32 16.33 -24.22
C PRO F 101 44.39 15.75 -23.17
N PHE F 102 43.08 15.91 -23.41
CA PHE F 102 42.05 15.64 -22.42
C PHE F 102 40.76 15.27 -23.17
N ALA F 103 39.63 15.32 -22.48
CA ALA F 103 38.33 15.05 -23.08
C ALA F 103 37.64 16.35 -23.49
N GLU F 104 36.75 16.25 -24.48
CA GLU F 104 36.25 17.45 -25.16
C GLU F 104 35.02 18.09 -24.54
N ALA F 105 34.29 17.38 -23.66
CA ALA F 105 33.08 17.95 -23.08
C ALA F 105 33.39 19.17 -22.23
N GLU F 106 34.58 19.23 -21.63
CA GLU F 106 34.96 20.37 -20.82
C GLU F 106 35.05 21.64 -21.67
N LEU F 107 35.75 21.57 -22.79
CA LEU F 107 35.81 22.70 -23.71
C LEU F 107 34.42 23.09 -24.18
N PHE F 108 33.54 22.11 -24.39
CA PHE F 108 32.19 22.40 -24.87
C PHE F 108 31.41 23.20 -23.84
N ALA F 109 31.62 22.92 -22.55
CA ALA F 109 30.90 23.65 -21.52
C ALA F 109 31.46 25.06 -21.33
N ARG F 110 32.78 25.19 -21.38
CA ARG F 110 33.40 26.49 -21.16
C ARG F 110 33.01 27.48 -22.24
N ILE F 111 33.06 27.05 -23.50
CA ILE F 111 32.68 27.92 -24.60
C ILE F 111 31.19 28.27 -24.51
N ARG F 112 30.37 27.32 -24.08
CA ARG F 112 28.94 27.59 -23.93
C ARG F 112 28.68 28.59 -22.82
N ALA F 113 29.53 28.61 -21.80
CA ALA F 113 29.35 29.56 -20.71
C ALA F 113 29.69 30.96 -21.14
N GLN F 114 30.70 31.11 -21.99
CA GLN F 114 31.11 32.43 -22.47
C GLN F 114 30.12 33.04 -23.45
N LEU F 115 28.99 32.38 -23.70
CA LEU F 115 27.98 32.84 -24.65
C LEU F 115 26.96 33.78 -24.02
N ARG F 116 26.59 33.54 -22.76
CA ARG F 116 25.52 34.31 -22.14
C ARG F 116 26.05 35.52 -21.37
N ALA F 117 27.08 35.32 -20.55
CA ALA F 117 27.60 36.40 -19.71
C ALA F 117 28.42 37.39 -20.54
N ASN F 125 25.33 46.11 -29.30
CA ASN F 125 26.57 46.89 -29.19
C ASN F 125 27.50 46.56 -30.35
N ALA F 126 28.22 45.46 -30.25
CA ALA F 126 29.07 44.96 -31.31
C ALA F 126 28.40 43.88 -32.14
N ASP F 127 27.09 43.68 -31.96
CA ASP F 127 26.36 42.65 -32.70
C ASP F 127 26.21 43.00 -34.16
N LYS F 128 26.26 44.29 -34.51
CA LYS F 128 26.13 44.69 -35.89
C LYS F 128 27.37 44.33 -36.69
N VAL F 129 27.20 44.27 -38.00
CA VAL F 129 28.31 44.17 -38.94
C VAL F 129 28.02 45.12 -40.10
N MET F 130 28.75 46.23 -40.16
CA MET F 130 28.43 47.35 -41.04
C MET F 130 29.28 47.30 -42.30
N THR F 131 28.63 47.47 -43.44
CA THR F 131 29.32 47.74 -44.70
C THR F 131 28.75 49.00 -45.32
N LYS F 132 29.12 49.29 -46.56
CA LYS F 132 28.65 50.48 -47.26
C LYS F 132 27.14 50.55 -47.33
N ASP F 133 26.55 51.53 -46.63
CA ASP F 133 25.11 51.77 -46.63
C ASP F 133 24.32 50.57 -46.14
N LEU F 134 24.94 49.70 -45.34
CA LEU F 134 24.33 48.44 -44.93
C LEU F 134 24.38 48.31 -43.42
N GLU F 135 23.49 47.46 -42.90
CA GLU F 135 23.41 47.24 -41.45
C GLU F 135 22.78 45.87 -41.23
N ILE F 136 23.57 44.93 -40.71
CA ILE F 136 23.13 43.56 -40.45
C ILE F 136 23.28 43.28 -38.96
N ASP F 137 22.21 42.82 -38.33
CA ASP F 137 22.18 42.55 -36.91
C ASP F 137 21.64 41.13 -36.70
N ARG F 138 22.51 40.23 -36.24
CA ARG F 138 22.11 38.84 -36.04
C ARG F 138 21.11 38.66 -34.91
N ALA F 139 21.00 39.64 -34.01
CA ALA F 139 20.10 39.50 -32.87
C ALA F 139 18.65 39.70 -33.29
N THR F 140 18.27 40.94 -33.64
CA THR F 140 16.90 41.21 -34.05
C THR F 140 16.60 40.70 -35.45
N ARG F 141 17.64 40.36 -36.23
CA ARG F 141 17.49 39.86 -37.59
C ARG F 141 16.78 40.88 -38.48
N GLU F 142 17.44 42.02 -38.67
CA GLU F 142 16.92 43.10 -39.51
C GLU F 142 17.99 43.51 -40.51
N VAL F 143 17.61 43.56 -41.78
CA VAL F 143 18.48 44.02 -42.86
C VAL F 143 18.07 45.43 -43.24
N ILE F 144 19.03 46.37 -43.15
CA ILE F 144 18.79 47.77 -43.45
C ILE F 144 19.79 48.20 -44.52
N PHE F 145 19.27 48.60 -45.67
CA PHE F 145 20.10 49.00 -46.81
C PHE F 145 19.60 50.33 -47.35
N LYS F 146 20.48 51.32 -47.43
CA LYS F 146 20.14 52.67 -47.86
C LYS F 146 19.07 53.28 -46.96
N GLY F 147 19.00 52.83 -45.72
CA GLY F 147 17.97 53.24 -44.79
C GLY F 147 16.64 52.53 -44.96
N ASP F 148 16.53 51.63 -45.92
CA ASP F 148 15.27 50.94 -46.20
C ASP F 148 15.20 49.65 -45.38
N LEU F 149 14.15 49.51 -44.58
CA LEU F 149 13.85 48.25 -43.93
C LEU F 149 12.90 47.46 -44.82
N ILE F 150 13.26 46.20 -45.09
CA ILE F 150 12.49 45.35 -45.99
C ILE F 150 12.69 43.90 -45.57
N THR F 151 11.61 43.12 -45.64
CA THR F 151 11.59 41.79 -45.06
C THR F 151 12.28 40.78 -45.95
N LEU F 152 13.04 39.88 -45.32
CA LEU F 152 13.65 38.73 -45.98
C LEU F 152 13.49 37.51 -45.09
N THR F 153 13.55 36.34 -45.70
CA THR F 153 13.38 35.09 -44.98
C THR F 153 14.71 34.63 -44.41
N ARG F 154 14.77 33.36 -43.97
CA ARG F 154 15.97 32.86 -43.29
C ARG F 154 17.12 32.66 -44.26
N THR F 155 16.83 32.18 -45.48
CA THR F 155 17.90 31.94 -46.45
C THR F 155 18.43 33.26 -47.00
N GLU F 156 17.53 34.15 -47.44
CA GLU F 156 17.95 35.46 -47.92
C GLU F 156 18.74 36.21 -46.87
N PHE F 157 18.49 35.93 -45.59
CA PHE F 157 19.26 36.54 -44.52
C PHE F 157 20.60 35.85 -44.33
N ASP F 158 20.64 34.53 -44.45
CA ASP F 158 21.84 33.77 -44.10
C ASP F 158 22.95 33.90 -45.14
N LEU F 159 22.64 34.34 -46.35
CA LEU F 159 23.67 34.58 -47.36
C LEU F 159 24.08 36.04 -47.43
N LEU F 160 23.18 36.96 -47.07
CA LEU F 160 23.54 38.38 -47.05
C LEU F 160 24.53 38.67 -45.94
N LEU F 161 24.28 38.15 -44.74
CA LEU F 161 25.23 38.34 -43.64
C LEU F 161 26.51 37.57 -43.88
N PHE F 162 26.44 36.46 -44.61
CA PHE F 162 27.64 35.69 -44.93
C PHE F 162 28.70 36.56 -45.58
N LEU F 163 28.29 37.46 -46.47
CA LEU F 163 29.18 38.42 -47.09
C LEU F 163 29.16 39.78 -46.41
N ALA F 164 28.41 39.92 -45.31
CA ALA F 164 28.41 41.20 -44.61
C ALA F 164 29.71 41.41 -43.84
N SER F 165 30.27 40.33 -43.28
CA SER F 165 31.60 40.40 -42.68
C SER F 165 32.68 39.86 -43.60
N ASN F 166 32.39 38.84 -44.40
CA ASN F 166 33.30 38.38 -45.44
C ASN F 166 33.29 39.41 -46.57
N LEU F 167 34.30 40.26 -46.60
CA LEU F 167 34.44 41.27 -47.64
C LEU F 167 35.59 40.87 -48.57
N GLY F 168 35.42 41.20 -49.85
CA GLY F 168 36.48 40.99 -50.83
C GLY F 168 36.96 39.57 -50.97
N ARG F 169 36.25 38.61 -50.39
CA ARG F 169 36.65 37.21 -50.38
C ARG F 169 35.67 36.39 -51.19
N VAL F 170 36.13 35.78 -52.27
CA VAL F 170 35.28 35.03 -53.17
C VAL F 170 35.08 33.62 -52.62
N PHE F 171 33.91 33.05 -52.89
CA PHE F 171 33.59 31.68 -52.52
C PHE F 171 32.96 30.97 -53.71
N THR F 172 33.06 29.65 -53.71
CA THR F 172 32.45 28.84 -54.75
C THR F 172 31.10 28.30 -54.28
N ARG F 173 30.31 27.82 -55.24
CA ARG F 173 28.92 27.46 -54.95
C ARG F 173 28.83 26.26 -54.02
N ASP F 174 29.73 25.27 -54.19
CA ASP F 174 29.72 24.11 -53.29
C ASP F 174 30.12 24.51 -51.87
N GLU F 175 31.08 25.43 -51.74
CA GLU F 175 31.50 25.87 -50.41
C GLU F 175 30.39 26.64 -49.70
N LEU F 176 29.50 27.28 -50.46
CA LEU F 176 28.38 27.97 -49.83
C LEU F 176 27.36 26.98 -49.28
N LEU F 177 27.21 25.82 -49.92
CA LEU F 177 26.27 24.81 -49.44
C LEU F 177 26.72 24.23 -48.11
N ASP F 178 28.00 23.82 -48.02
CA ASP F 178 28.51 23.16 -46.83
C ASP F 178 28.80 24.13 -45.69
N HIS F 179 28.42 25.41 -45.82
CA HIS F 179 28.63 26.38 -44.76
C HIS F 179 27.35 27.04 -44.26
N VAL F 180 26.25 26.97 -45.00
CA VAL F 180 24.99 27.57 -44.57
C VAL F 180 23.85 26.57 -44.51
N TRP F 181 23.94 25.42 -45.19
CA TRP F 181 22.83 24.49 -45.32
C TRP F 181 22.85 23.38 -44.26
N GLY F 182 23.60 23.56 -43.17
CA GLY F 182 23.58 22.60 -42.08
C GLY F 182 24.47 21.39 -42.26
N TYR F 183 25.58 21.53 -42.97
CA TYR F 183 26.52 20.45 -43.25
C TYR F 183 25.81 19.18 -43.71
N ASN F 184 25.15 19.31 -44.86
CA ASN F 184 24.57 18.17 -45.59
C ASN F 184 23.75 17.25 -44.70
N THR F 189 22.81 23.40 -56.20
CA THR F 189 23.75 23.89 -57.20
C THR F 189 23.33 25.28 -57.71
N ARG F 190 22.43 25.29 -58.69
CA ARG F 190 21.96 26.52 -59.30
C ARG F 190 21.18 27.40 -58.35
N THR F 191 21.00 26.98 -57.10
CA THR F 191 20.16 27.74 -56.18
C THR F 191 20.83 29.02 -55.71
N VAL F 192 22.16 29.01 -55.57
CA VAL F 192 22.86 30.23 -55.24
C VAL F 192 22.64 31.28 -56.32
N ASP F 193 22.52 30.84 -57.58
CA ASP F 193 22.31 31.77 -58.69
C ASP F 193 20.94 32.45 -58.57
N THR F 194 19.87 31.67 -58.64
CA THR F 194 18.52 32.25 -58.68
C THR F 194 18.17 33.01 -57.42
N HIS F 195 18.89 32.78 -56.32
CA HIS F 195 18.55 33.43 -55.05
C HIS F 195 19.46 34.60 -54.70
N VAL F 196 20.69 34.65 -55.23
CA VAL F 196 21.39 35.92 -55.20
C VAL F 196 20.69 36.90 -56.12
N LEU F 197 19.95 36.37 -57.11
CA LEU F 197 19.14 37.21 -57.97
C LEU F 197 17.94 37.79 -57.23
N GLN F 198 17.15 36.93 -56.59
CA GLN F 198 16.06 37.43 -55.77
C GLN F 198 16.58 38.24 -54.60
N LEU F 199 17.87 38.14 -54.29
CA LEU F 199 18.50 39.11 -53.40
C LEU F 199 18.66 40.45 -54.09
N ARG F 200 19.11 40.44 -55.35
CA ARG F 200 19.15 41.67 -56.14
C ARG F 200 17.75 42.27 -56.28
N GLN F 201 16.76 41.43 -56.55
CA GLN F 201 15.42 41.87 -56.88
C GLN F 201 14.59 42.22 -55.66
N LYS F 202 15.17 42.19 -54.47
CA LYS F 202 14.53 42.70 -53.26
C LYS F 202 15.20 43.92 -52.70
N LEU F 203 16.52 44.06 -52.86
CA LEU F 203 17.25 45.25 -52.46
C LEU F 203 17.86 45.89 -53.69
N PRO F 204 17.43 47.08 -54.09
CA PRO F 204 17.98 47.70 -55.29
C PRO F 204 19.41 48.17 -55.09
N GLY F 205 20.10 48.35 -56.21
CA GLY F 205 21.46 48.88 -56.20
C GLY F 205 22.43 48.10 -55.35
N LEU F 206 22.40 46.77 -55.44
CA LEU F 206 23.26 45.95 -54.59
C LEU F 206 24.70 45.98 -55.07
N GLU F 207 25.62 45.86 -54.10
CA GLU F 207 27.05 45.79 -54.36
C GLU F 207 27.53 44.35 -54.55
N ILE F 208 26.66 43.46 -55.03
CA ILE F 208 27.00 42.05 -55.18
C ILE F 208 27.36 41.79 -56.63
N GLU F 209 28.61 42.06 -57.01
CA GLU F 209 29.01 41.88 -58.40
C GLU F 209 29.34 40.43 -58.70
N THR F 210 28.90 39.98 -59.87
CA THR F 210 29.26 38.66 -60.37
C THR F 210 30.74 38.62 -60.74
N LEU F 211 31.51 37.79 -60.06
CA LEU F 211 32.84 37.47 -60.55
C LEU F 211 32.73 36.47 -61.68
N ARG F 212 33.63 36.59 -62.65
CA ARG F 212 33.39 36.02 -63.97
C ARG F 212 33.85 34.57 -64.06
N GLY F 213 33.00 33.74 -64.66
CA GLY F 213 33.25 32.32 -64.80
C GLY F 213 33.35 31.54 -63.51
N VAL F 214 33.33 32.21 -62.35
CA VAL F 214 33.52 31.57 -61.05
C VAL F 214 32.47 32.14 -60.11
N GLY F 215 32.54 31.79 -58.82
CA GLY F 215 31.55 32.26 -57.86
C GLY F 215 31.54 33.77 -57.73
N TYR F 216 30.42 34.28 -57.22
CA TYR F 216 30.16 35.71 -57.14
C TYR F 216 30.68 36.26 -55.80
N LYS F 217 30.63 37.59 -55.66
CA LYS F 217 31.25 38.22 -54.49
C LYS F 217 30.75 39.66 -54.39
N MET F 218 31.33 40.42 -53.45
CA MET F 218 30.92 41.78 -53.12
C MET F 218 32.18 42.66 -53.06
N LYS F 219 32.05 43.90 -52.59
CA LYS F 219 33.20 44.74 -52.27
C LYS F 219 32.75 45.94 -51.48
N ALA F 220 33.42 46.18 -50.35
CA ALA F 220 33.24 47.37 -49.52
C ALA F 220 31.77 47.62 -49.18
N MET G 1 28.29 -22.00 -47.93
CA MET G 1 29.38 -21.75 -47.00
C MET G 1 30.70 -21.58 -47.73
N LYS G 2 30.62 -21.32 -49.03
CA LYS G 2 31.79 -21.03 -49.85
C LYS G 2 31.78 -19.54 -50.17
N GLN G 3 32.72 -18.81 -49.56
CA GLN G 3 32.64 -17.36 -49.49
C GLN G 3 33.13 -16.71 -50.78
N THR G 4 32.50 -15.58 -51.12
CA THR G 4 32.89 -14.75 -52.25
C THR G 4 33.08 -13.31 -51.76
N LEU G 5 33.89 -12.55 -52.47
CA LEU G 5 34.12 -11.15 -52.10
C LEU G 5 34.43 -10.34 -53.34
N LEU G 6 34.41 -9.02 -53.18
CA LEU G 6 34.49 -8.09 -54.29
C LEU G 6 35.40 -6.92 -53.93
N LEU G 7 36.09 -6.39 -54.94
CA LEU G 7 37.04 -5.30 -54.76
C LEU G 7 36.83 -4.25 -55.85
N VAL G 8 37.09 -2.99 -55.50
CA VAL G 8 37.02 -1.86 -56.43
C VAL G 8 38.29 -1.04 -56.26
N GLU G 9 39.08 -0.93 -57.33
CA GLU G 9 40.35 -0.22 -57.31
C GLU G 9 40.86 -0.10 -58.75
N ASP G 10 41.56 1.01 -59.02
CA ASP G 10 42.13 1.24 -60.34
C ASP G 10 43.63 1.05 -60.42
N ASP G 11 44.33 1.04 -59.29
CA ASP G 11 45.78 0.86 -59.31
C ASP G 11 46.14 -0.49 -59.90
N LYS G 12 46.99 -0.46 -60.93
CA LYS G 12 47.29 -1.67 -61.70
C LYS G 12 48.02 -2.71 -60.86
N ASN G 13 49.29 -2.45 -60.53
CA ASN G 13 50.07 -3.44 -59.80
C ASN G 13 49.51 -3.71 -58.41
N LEU G 14 48.87 -2.72 -57.79
CA LEU G 14 48.37 -2.90 -56.44
C LEU G 14 47.12 -3.78 -56.40
N ALA G 15 46.20 -3.58 -57.35
CA ALA G 15 44.98 -4.38 -57.35
C ALA G 15 45.25 -5.81 -57.81
N ASP G 16 46.16 -5.98 -58.77
CA ASP G 16 46.50 -7.33 -59.22
C ASP G 16 47.19 -8.13 -58.12
N GLY G 17 48.14 -7.50 -57.42
CA GLY G 17 48.85 -8.21 -56.37
C GLY G 17 47.94 -8.68 -55.25
N LEU G 18 47.14 -7.76 -54.70
CA LEU G 18 46.20 -8.11 -53.64
C LEU G 18 45.07 -9.01 -54.14
N LEU G 19 44.90 -9.15 -55.46
CA LEU G 19 43.92 -10.09 -55.99
C LEU G 19 44.43 -11.52 -55.90
N VAL G 20 45.72 -11.73 -56.17
CA VAL G 20 46.26 -13.08 -56.24
C VAL G 20 46.41 -13.66 -54.83
N SER G 21 46.98 -12.87 -53.91
CA SER G 21 47.13 -13.33 -52.53
C SER G 21 45.81 -13.54 -51.82
N LEU G 22 44.69 -13.10 -52.41
CA LEU G 22 43.38 -13.46 -51.91
C LEU G 22 42.83 -14.71 -52.58
N GLU G 23 43.20 -14.97 -53.83
CA GLU G 23 42.97 -16.29 -54.40
C GLU G 23 43.78 -17.34 -53.66
N GLN G 24 45.03 -17.02 -53.32
CA GLN G 24 45.80 -17.87 -52.44
C GLN G 24 45.16 -17.98 -51.06
N ALA G 25 44.49 -16.91 -50.62
CA ALA G 25 43.74 -16.98 -49.36
C ALA G 25 42.57 -17.95 -49.47
N GLY G 26 41.83 -17.88 -50.57
CA GLY G 26 40.79 -18.85 -50.81
C GLY G 26 39.45 -18.28 -51.26
N TYR G 27 39.09 -17.11 -50.75
CA TYR G 27 37.79 -16.53 -51.07
C TYR G 27 37.65 -16.32 -52.58
N GLU G 28 36.46 -16.61 -53.10
CA GLU G 28 36.19 -16.45 -54.53
C GLU G 28 36.19 -14.97 -54.88
N CYS G 29 37.22 -14.53 -55.61
CA CYS G 29 37.48 -13.11 -55.78
C CYS G 29 36.69 -12.52 -56.94
N LEU G 30 36.55 -11.19 -56.91
CA LEU G 30 35.97 -10.41 -57.98
C LEU G 30 36.57 -9.00 -57.92
N HIS G 31 36.75 -8.40 -59.08
CA HIS G 31 37.38 -7.09 -59.18
C HIS G 31 36.61 -6.17 -60.10
N VAL G 32 36.50 -4.90 -59.73
CA VAL G 32 35.86 -3.86 -60.52
C VAL G 32 36.76 -2.64 -60.52
N GLU G 33 36.79 -1.92 -61.64
CA GLU G 33 37.61 -0.73 -61.78
C GLU G 33 36.83 0.56 -61.91
N ARG G 34 35.55 0.50 -62.27
CA ARG G 34 34.76 1.69 -62.52
C ARG G 34 33.38 1.53 -61.90
N ILE G 35 32.70 2.68 -61.71
CA ILE G 35 31.38 2.70 -61.10
C ILE G 35 30.36 1.95 -61.94
N ALA G 36 30.62 1.81 -63.24
CA ALA G 36 29.65 1.19 -64.15
C ALA G 36 29.43 -0.29 -63.86
N ASP G 37 30.36 -0.95 -63.16
CA ASP G 37 30.26 -2.37 -62.90
C ASP G 37 30.13 -2.69 -61.41
N VAL G 38 29.94 -1.70 -60.55
CA VAL G 38 29.72 -1.96 -59.12
C VAL G 38 28.31 -2.43 -58.83
N GLU G 39 27.44 -2.38 -59.81
CA GLU G 39 26.04 -2.71 -59.64
C GLU G 39 25.78 -4.22 -59.72
N PRO G 40 26.30 -4.93 -60.72
CA PRO G 40 25.78 -6.30 -60.89
C PRO G 40 26.29 -7.28 -59.85
N GLN G 41 27.58 -7.24 -59.51
CA GLN G 41 28.18 -8.22 -58.62
C GLN G 41 27.90 -7.93 -57.15
N TRP G 42 27.33 -6.76 -56.83
CA TRP G 42 27.01 -6.42 -55.44
C TRP G 42 26.09 -7.46 -54.81
N LYS G 43 25.12 -7.97 -55.58
CA LYS G 43 24.21 -8.98 -55.07
C LYS G 43 24.92 -10.33 -54.92
N LYS G 44 25.84 -10.64 -55.83
CA LYS G 44 26.53 -11.92 -55.80
C LYS G 44 27.61 -11.99 -54.73
N ALA G 45 27.97 -10.88 -54.10
CA ALA G 45 29.09 -10.85 -53.17
C ALA G 45 28.62 -11.08 -51.74
N ASP G 46 29.54 -11.59 -50.91
CA ASP G 46 29.32 -11.72 -49.48
C ASP G 46 29.98 -10.61 -48.68
N LEU G 47 31.04 -10.00 -49.22
CA LEU G 47 31.72 -8.88 -48.58
C LEU G 47 32.45 -8.11 -49.66
N VAL G 48 32.36 -6.78 -49.61
CA VAL G 48 32.90 -5.94 -50.68
C VAL G 48 34.04 -5.10 -50.14
N ILE G 49 34.95 -4.75 -51.04
CA ILE G 49 36.12 -3.93 -50.73
C ILE G 49 36.06 -2.68 -51.62
N LEU G 50 36.00 -1.51 -50.99
CA LEU G 50 35.90 -0.24 -51.69
C LEU G 50 37.20 0.53 -51.56
N ASP G 51 37.67 1.08 -52.68
CA ASP G 51 38.74 2.07 -52.67
C ASP G 51 38.16 3.39 -53.13
N ARG G 52 38.33 4.43 -52.30
CA ARG G 52 37.77 5.73 -52.62
C ARG G 52 38.49 6.38 -53.79
N GLN G 53 39.80 6.16 -53.91
CA GLN G 53 40.58 6.69 -55.02
C GLN G 53 40.21 5.94 -56.30
N LEU G 54 39.44 6.58 -57.17
CA LEU G 54 38.91 5.94 -58.36
C LEU G 54 38.93 6.97 -59.50
N PRO G 55 39.14 6.51 -60.74
CA PRO G 55 39.26 7.49 -61.84
C PRO G 55 38.00 8.29 -62.08
N ASP G 56 36.83 7.68 -61.96
CA ASP G 56 35.56 8.32 -62.31
C ASP G 56 34.86 8.94 -61.11
N GLY G 57 35.60 9.63 -60.25
CA GLY G 57 34.98 10.43 -59.21
C GLY G 57 35.12 9.90 -57.80
N ASP G 58 34.14 10.21 -56.96
CA ASP G 58 34.13 9.84 -55.56
C ASP G 58 33.14 8.70 -55.33
N SER G 59 33.54 7.75 -54.48
CA SER G 59 32.76 6.54 -54.25
C SER G 59 31.84 6.63 -53.04
N VAL G 60 31.98 7.66 -52.20
CA VAL G 60 31.25 7.66 -50.94
C VAL G 60 29.84 8.21 -51.08
N GLN G 61 29.62 9.19 -51.96
CA GLN G 61 28.28 9.75 -52.12
C GLN G 61 27.36 8.87 -52.95
N HIS G 62 27.92 8.04 -53.82
CA HIS G 62 27.15 7.05 -54.56
C HIS G 62 26.99 5.75 -53.79
N LEU G 63 27.59 5.66 -52.60
CA LEU G 63 27.53 4.44 -51.80
C LEU G 63 26.13 4.09 -51.32
N PRO G 64 25.36 5.00 -50.71
CA PRO G 64 24.16 4.54 -49.96
C PRO G 64 23.17 3.77 -50.82
N GLU G 65 23.01 4.14 -52.09
CA GLU G 65 22.13 3.39 -52.96
C GLU G 65 22.65 1.99 -53.25
N TRP G 66 23.95 1.77 -53.09
CA TRP G 66 24.52 0.44 -53.35
C TRP G 66 24.21 -0.52 -52.22
N LYS G 67 24.36 -0.08 -50.96
CA LYS G 67 23.89 -0.88 -49.83
C LYS G 67 22.38 -1.03 -49.82
N LYS G 68 21.65 -0.18 -50.54
CA LYS G 68 20.20 -0.32 -50.64
C LYS G 68 19.78 -1.57 -51.39
N ILE G 69 20.71 -2.30 -51.98
CA ILE G 69 20.41 -3.55 -52.65
C ILE G 69 20.66 -4.75 -51.74
N LYS G 70 21.78 -4.76 -51.04
CA LYS G 70 22.11 -5.84 -50.11
C LYS G 70 22.91 -5.30 -48.93
N ASP G 71 22.60 -5.79 -47.74
CA ASP G 71 23.46 -5.57 -46.58
C ASP G 71 24.80 -6.27 -46.78
N VAL G 72 25.83 -5.50 -47.14
CA VAL G 72 27.18 -6.05 -47.31
C VAL G 72 28.14 -5.31 -46.38
N PRO G 73 29.01 -6.00 -45.64
CA PRO G 73 30.05 -5.31 -44.87
C PRO G 73 31.05 -4.60 -45.76
N VAL G 74 30.82 -3.32 -46.06
CA VAL G 74 31.75 -2.55 -46.88
C VAL G 74 32.93 -2.10 -46.04
N ILE G 75 34.14 -2.27 -46.56
CA ILE G 75 35.36 -1.80 -45.90
C ILE G 75 35.95 -0.69 -46.74
N LEU G 76 36.26 0.44 -46.10
CA LEU G 76 36.78 1.61 -46.77
C LEU G 76 38.30 1.57 -46.82
N LEU G 77 38.86 1.75 -48.01
CA LEU G 77 40.30 1.87 -48.20
C LEU G 77 40.56 3.11 -49.03
N THR G 78 41.53 3.92 -48.62
CA THR G 78 41.80 5.16 -49.33
C THR G 78 43.16 5.67 -48.89
N ALA G 79 43.72 6.55 -49.72
CA ALA G 79 44.96 7.25 -49.38
C ALA G 79 44.75 8.43 -48.46
N LEU G 80 43.50 8.70 -48.05
CA LEU G 80 43.17 9.79 -47.15
C LEU G 80 43.12 9.27 -45.73
N VAL G 81 43.93 9.84 -44.84
CA VAL G 81 43.98 9.42 -43.46
C VAL G 81 43.51 10.59 -42.59
N THR G 82 42.48 11.29 -43.05
CA THR G 82 41.93 12.43 -42.33
C THR G 82 40.67 12.00 -41.58
N VAL G 83 40.41 12.69 -40.47
CA VAL G 83 39.21 12.40 -39.67
C VAL G 83 37.96 12.72 -40.48
N LYS G 84 37.94 13.87 -41.16
CA LYS G 84 36.78 14.31 -41.93
C LYS G 84 36.41 13.34 -43.04
N ASP G 85 37.31 12.42 -43.41
CA ASP G 85 37.01 11.39 -44.39
C ASP G 85 36.49 10.12 -43.74
N LYS G 86 37.05 9.74 -42.59
CA LYS G 86 36.62 8.52 -41.90
C LYS G 86 35.16 8.63 -41.48
N VAL G 87 34.82 9.70 -40.74
CA VAL G 87 33.45 9.86 -40.30
C VAL G 87 32.51 10.06 -41.48
N ALA G 88 32.99 10.74 -42.54
CA ALA G 88 32.15 10.96 -43.71
C ALA G 88 31.78 9.63 -44.37
N GLY G 89 32.74 8.73 -44.51
CA GLY G 89 32.44 7.42 -45.08
C GLY G 89 31.69 6.53 -44.11
N LEU G 90 32.09 6.54 -42.84
CA LEU G 90 31.52 5.61 -41.87
C LEU G 90 30.12 6.01 -41.44
N ASP G 91 29.79 7.31 -41.47
CA ASP G 91 28.43 7.74 -41.16
C ASP G 91 27.49 7.57 -42.34
N SER G 92 28.02 7.56 -43.57
CA SER G 92 27.20 7.46 -44.77
C SER G 92 27.06 6.04 -45.29
N GLY G 93 27.68 5.05 -44.64
CA GLY G 93 27.43 3.68 -45.02
C GLY G 93 28.59 2.71 -44.91
N ALA G 94 29.83 3.21 -44.84
CA ALA G 94 30.97 2.32 -44.70
C ALA G 94 30.93 1.61 -43.35
N ASN G 95 31.48 0.39 -43.33
CA ASN G 95 31.48 -0.42 -42.11
C ASN G 95 32.85 -0.52 -41.46
N ASP G 96 33.89 0.03 -42.07
CA ASP G 96 35.24 0.00 -41.53
C ASP G 96 36.09 1.01 -42.31
N TYR G 97 37.41 0.94 -42.11
CA TYR G 97 38.33 1.90 -42.72
C TYR G 97 39.69 1.24 -42.91
N LEU G 98 40.55 1.91 -43.68
CA LEU G 98 41.92 1.47 -43.89
C LEU G 98 42.76 2.67 -44.29
N THR G 99 44.08 2.45 -44.34
CA THR G 99 45.05 3.53 -44.50
C THR G 99 45.57 3.61 -45.93
N LYS G 100 46.49 4.57 -46.17
CA LYS G 100 47.08 4.70 -47.49
C LYS G 100 47.99 3.51 -47.81
N PRO G 101 48.99 3.16 -46.98
CA PRO G 101 49.57 1.82 -47.09
C PRO G 101 48.90 0.91 -46.07
N PHE G 102 49.22 -0.37 -46.07
CA PHE G 102 48.53 -1.27 -45.15
C PHE G 102 49.26 -2.60 -45.09
N ALA G 103 49.17 -3.23 -43.93
CA ALA G 103 49.58 -4.62 -43.79
C ALA G 103 48.44 -5.52 -44.25
N GLU G 104 48.76 -6.48 -45.11
CA GLU G 104 47.74 -7.42 -45.57
C GLU G 104 47.17 -8.25 -44.42
N ALA G 105 48.00 -8.55 -43.41
CA ALA G 105 47.49 -9.24 -42.22
C ALA G 105 46.42 -8.42 -41.52
N GLU G 106 46.51 -7.09 -41.57
CA GLU G 106 45.43 -6.25 -41.09
C GLU G 106 44.18 -6.42 -41.95
N LEU G 107 44.36 -6.43 -43.27
CA LEU G 107 43.21 -6.55 -44.17
C LEU G 107 42.50 -7.88 -43.96
N PHE G 108 43.25 -8.98 -43.86
CA PHE G 108 42.65 -10.28 -43.62
C PHE G 108 41.91 -10.31 -42.29
N ALA G 109 42.50 -9.69 -41.26
CA ALA G 109 41.91 -9.76 -39.93
C ALA G 109 40.54 -9.07 -39.88
N ARG G 110 40.38 -7.97 -40.61
CA ARG G 110 39.09 -7.29 -40.66
C ARG G 110 38.13 -7.95 -41.63
N ILE G 111 38.64 -8.69 -42.62
CA ILE G 111 37.76 -9.45 -43.51
C ILE G 111 36.99 -10.51 -42.73
N ARG G 112 37.72 -11.32 -41.97
CA ARG G 112 37.08 -12.37 -41.18
C ARG G 112 36.14 -11.79 -40.13
N ALA G 113 36.52 -10.65 -39.54
CA ALA G 113 35.68 -10.04 -38.51
C ALA G 113 34.36 -9.53 -39.08
N GLN G 114 34.35 -9.11 -40.34
CA GLN G 114 33.15 -8.64 -41.00
C GLN G 114 32.42 -9.75 -41.75
N LEU G 115 32.72 -11.02 -41.43
CA LEU G 115 32.04 -12.15 -42.07
C LEU G 115 31.23 -12.97 -41.08
N ARG G 116 30.98 -12.44 -39.88
CA ARG G 116 30.17 -13.15 -38.88
C ARG G 116 28.75 -12.62 -38.88
N ASN G 125 15.87 -11.68 -56.77
CA ASN G 125 14.56 -11.25 -56.29
C ASN G 125 14.70 -10.12 -55.28
N ALA G 126 15.87 -9.50 -55.24
CA ALA G 126 16.14 -8.38 -54.33
C ALA G 126 15.53 -7.07 -54.82
N ASP G 127 14.67 -7.11 -55.84
CA ASP G 127 13.99 -5.93 -56.34
C ASP G 127 12.48 -6.00 -56.18
N LYS G 128 11.96 -7.08 -55.60
CA LYS G 128 10.52 -7.26 -55.46
C LYS G 128 10.18 -7.54 -53.99
N VAL G 129 9.00 -7.09 -53.60
CA VAL G 129 8.48 -7.31 -52.24
C VAL G 129 7.04 -7.75 -52.35
N MET G 130 6.68 -8.83 -51.65
CA MET G 130 5.32 -9.34 -51.63
C MET G 130 4.81 -9.40 -50.20
N THR G 131 3.71 -8.70 -49.94
CA THR G 131 3.08 -8.66 -48.63
C THR G 131 1.63 -8.28 -48.83
N LYS G 132 0.94 -7.99 -47.73
CA LYS G 132 -0.46 -7.60 -47.82
C LYS G 132 -0.59 -6.27 -48.57
N ASP G 133 -1.34 -6.30 -49.67
CA ASP G 133 -1.79 -5.09 -50.36
C ASP G 133 -0.62 -4.28 -50.93
N LEU G 134 0.32 -4.96 -51.60
CA LEU G 134 1.47 -4.24 -52.11
C LEU G 134 2.18 -5.03 -53.21
N GLU G 135 2.41 -4.37 -54.34
CA GLU G 135 3.25 -4.89 -55.43
C GLU G 135 4.07 -3.71 -55.97
N ILE G 136 5.26 -3.54 -55.42
CA ILE G 136 6.14 -2.43 -55.79
C ILE G 136 7.45 -3.00 -56.32
N ASP G 137 7.76 -2.70 -57.58
CA ASP G 137 9.03 -3.07 -58.18
C ASP G 137 9.99 -1.89 -58.05
N ARG G 138 11.08 -2.09 -57.32
CA ARG G 138 12.06 -1.03 -57.15
C ARG G 138 12.78 -0.69 -58.45
N ALA G 139 12.66 -1.53 -59.49
CA ALA G 139 13.24 -1.19 -60.79
C ALA G 139 12.43 -0.12 -61.48
N THR G 140 11.11 -0.31 -61.59
CA THR G 140 10.25 0.68 -62.20
C THR G 140 9.88 1.81 -61.25
N ARG G 141 10.04 1.61 -59.94
CA ARG G 141 9.84 2.64 -58.93
C ARG G 141 8.42 3.20 -58.93
N GLU G 142 7.45 2.40 -59.34
CA GLU G 142 6.06 2.84 -59.43
C GLU G 142 5.26 2.34 -58.23
N VAL G 143 4.04 2.88 -58.10
CA VAL G 143 3.17 2.58 -56.97
C VAL G 143 1.93 1.86 -57.50
N ILE G 144 1.75 0.61 -57.09
CA ILE G 144 0.58 -0.18 -57.44
C ILE G 144 0.02 -0.78 -56.14
N PHE G 145 -1.25 -0.53 -55.86
CA PHE G 145 -1.88 -0.96 -54.62
C PHE G 145 -3.16 -1.73 -54.97
N LYS G 146 -3.09 -3.06 -54.87
CA LYS G 146 -4.24 -3.94 -55.09
C LYS G 146 -4.89 -3.68 -56.45
N GLY G 147 -4.06 -3.39 -57.45
CA GLY G 147 -4.55 -3.13 -58.78
C GLY G 147 -4.53 -1.67 -59.19
N ASP G 148 -4.88 -0.78 -58.26
CA ASP G 148 -4.92 0.64 -58.55
C ASP G 148 -3.51 1.19 -58.74
N LEU G 149 -3.28 1.90 -59.84
CA LEU G 149 -2.01 2.55 -60.10
C LEU G 149 -1.96 3.87 -59.34
N ILE G 150 -1.19 3.91 -58.26
CA ILE G 150 -1.12 5.07 -57.39
C ILE G 150 0.00 5.99 -57.88
N THR G 151 -0.20 7.29 -57.75
CA THR G 151 0.72 8.30 -58.23
C THR G 151 1.34 9.03 -57.04
N LEU G 152 2.65 8.89 -56.88
CA LEU G 152 3.39 9.52 -55.78
C LEU G 152 4.59 10.26 -56.35
N THR G 153 5.32 10.95 -55.48
CA THR G 153 6.57 11.60 -55.83
C THR G 153 7.74 10.68 -55.47
N ARG G 154 8.96 11.17 -55.70
CA ARG G 154 10.13 10.34 -55.44
C ARG G 154 10.38 10.19 -53.95
N THR G 155 10.24 11.27 -53.18
CA THR G 155 10.44 11.18 -51.74
C THR G 155 9.41 10.27 -51.08
N GLU G 156 8.15 10.35 -51.52
CA GLU G 156 7.14 9.42 -51.03
C GLU G 156 7.37 8.01 -51.56
N PHE G 157 8.02 7.89 -52.71
CA PHE G 157 8.45 6.58 -53.18
C PHE G 157 9.57 6.04 -52.29
N ASP G 158 10.57 6.88 -52.01
CA ASP G 158 11.64 6.50 -51.09
C ASP G 158 11.15 6.39 -49.66
N LEU G 159 10.03 7.05 -49.32
CA LEU G 159 9.46 6.89 -47.98
C LEU G 159 8.84 5.52 -47.83
N LEU G 160 8.26 4.98 -48.89
CA LEU G 160 7.75 3.61 -48.88
C LEU G 160 8.81 2.59 -49.24
N LEU G 161 9.90 3.00 -49.90
CA LEU G 161 11.02 2.10 -50.16
C LEU G 161 11.66 1.66 -48.85
N PHE G 162 11.98 2.61 -47.98
CA PHE G 162 12.56 2.29 -46.68
C PHE G 162 11.53 1.67 -45.73
N LEU G 163 10.23 1.91 -45.97
CA LEU G 163 9.20 1.33 -45.11
C LEU G 163 9.18 -0.18 -45.25
N ALA G 164 9.14 -0.69 -46.48
CA ALA G 164 9.09 -2.13 -46.70
C ALA G 164 10.45 -2.79 -46.56
N SER G 165 11.54 -2.04 -46.67
CA SER G 165 12.88 -2.62 -46.58
C SER G 165 13.11 -3.26 -45.21
N ASN G 166 12.80 -2.53 -44.15
CA ASN G 166 12.87 -3.02 -42.77
C ASN G 166 11.45 -3.04 -42.21
N LEU G 167 10.70 -4.08 -42.54
CA LEU G 167 9.29 -4.17 -42.20
C LEU G 167 9.11 -4.59 -40.75
N GLY G 168 7.97 -4.19 -40.18
CA GLY G 168 7.58 -4.60 -38.85
C GLY G 168 8.20 -3.85 -37.70
N ARG G 169 9.17 -2.97 -37.96
CA ARG G 169 9.89 -2.27 -36.91
C ARG G 169 9.49 -0.81 -36.85
N VAL G 170 9.07 -0.37 -35.67
CA VAL G 170 8.80 1.04 -35.44
C VAL G 170 10.11 1.83 -35.50
N PHE G 171 10.04 3.05 -36.03
CA PHE G 171 11.21 3.91 -36.14
C PHE G 171 10.86 5.32 -35.68
N THR G 172 11.77 5.92 -34.92
CA THR G 172 11.59 7.31 -34.50
C THR G 172 11.80 8.24 -35.69
N ARG G 173 11.28 9.46 -35.55
CA ARG G 173 11.31 10.41 -36.66
C ARG G 173 12.74 10.89 -36.96
N ASP G 174 13.57 11.04 -35.92
CA ASP G 174 14.96 11.42 -36.17
C ASP G 174 15.74 10.27 -36.81
N GLU G 175 15.31 9.03 -36.58
CA GLU G 175 15.93 7.87 -37.22
C GLU G 175 15.48 7.69 -38.67
N LEU G 176 14.65 8.59 -39.19
CA LEU G 176 14.22 8.57 -40.58
C LEU G 176 14.95 9.59 -41.45
N LEU G 177 15.20 10.79 -40.89
CA LEU G 177 15.95 11.80 -41.64
C LEU G 177 17.35 11.33 -41.98
N ASP G 178 17.91 10.42 -41.18
CA ASP G 178 19.26 9.91 -41.40
C ASP G 178 19.28 8.60 -42.18
N HIS G 179 18.14 8.19 -42.74
CA HIS G 179 18.06 6.92 -43.47
C HIS G 179 17.42 7.03 -44.85
N VAL G 180 16.72 8.12 -45.16
CA VAL G 180 16.19 8.36 -46.50
C VAL G 180 16.77 9.64 -47.10
N TRP G 181 16.79 10.72 -46.33
CA TRP G 181 17.41 11.97 -46.74
C TRP G 181 18.89 11.93 -46.37
N GLY G 182 19.73 12.37 -47.31
CA GLY G 182 21.16 12.28 -47.11
C GLY G 182 21.67 13.08 -45.92
N TYR G 183 22.43 12.41 -45.05
CA TYR G 183 23.11 13.05 -43.93
C TYR G 183 24.61 12.92 -44.11
N ASN G 184 25.32 14.03 -43.88
CA ASN G 184 26.77 14.08 -43.98
C ASN G 184 27.25 13.68 -45.38
N THR G 188 16.34 18.49 -40.62
CA THR G 188 15.02 18.70 -41.24
C THR G 188 13.97 17.80 -40.62
N THR G 189 13.34 18.28 -39.55
CA THR G 189 12.25 17.58 -38.89
C THR G 189 10.92 18.23 -39.28
N ARG G 190 9.84 17.65 -38.78
CA ARG G 190 8.47 18.04 -39.12
C ARG G 190 8.21 17.96 -40.63
N THR G 191 9.04 17.20 -41.34
CA THR G 191 8.70 16.74 -42.68
C THR G 191 8.13 15.34 -42.68
N VAL G 192 8.42 14.56 -41.63
CA VAL G 192 7.89 13.22 -41.52
C VAL G 192 6.43 13.24 -41.08
N ASP G 193 6.03 14.20 -40.24
CA ASP G 193 4.67 14.24 -39.75
C ASP G 193 3.68 14.61 -40.85
N THR G 194 4.12 15.40 -41.83
CA THR G 194 3.29 15.71 -42.98
C THR G 194 3.54 14.77 -44.15
N HIS G 195 4.53 13.88 -44.05
CA HIS G 195 4.75 12.89 -45.10
C HIS G 195 3.85 11.68 -44.89
N VAL G 196 3.73 11.19 -43.66
CA VAL G 196 2.78 10.13 -43.35
C VAL G 196 1.36 10.66 -43.51
N LEU G 197 1.15 11.95 -43.26
CA LEU G 197 -0.19 12.54 -43.38
C LEU G 197 -0.74 12.36 -44.79
N GLN G 198 0.07 12.70 -45.80
CA GLN G 198 -0.37 12.51 -47.18
C GLN G 198 -0.40 11.04 -47.58
N LEU G 199 0.29 10.16 -46.84
CA LEU G 199 0.22 8.74 -47.13
C LEU G 199 -1.13 8.15 -46.73
N ARG G 200 -1.80 8.75 -45.73
CA ARG G 200 -3.16 8.36 -45.39
C ARG G 200 -4.20 8.99 -46.30
N GLN G 201 -3.78 9.89 -47.19
CA GLN G 201 -4.68 10.50 -48.18
C GLN G 201 -4.64 9.73 -49.50
N LYS G 202 -3.45 9.63 -50.11
CA LYS G 202 -3.30 8.93 -51.39
C LYS G 202 -3.44 7.42 -51.22
N LEU G 203 -3.23 6.91 -50.01
CA LEU G 203 -3.49 5.52 -49.68
C LEU G 203 -4.39 5.51 -48.45
N PRO G 204 -5.51 4.79 -48.46
CA PRO G 204 -6.33 4.68 -47.25
C PRO G 204 -5.48 4.22 -46.07
N GLY G 205 -5.71 4.85 -44.91
CA GLY G 205 -4.94 4.57 -43.71
C GLY G 205 -4.77 3.08 -43.47
N LEU G 206 -3.54 2.60 -43.57
CA LEU G 206 -3.27 1.16 -43.55
C LEU G 206 -1.95 0.91 -42.85
N GLU G 207 -2.00 0.16 -41.75
CA GLU G 207 -0.80 -0.27 -41.01
C GLU G 207 0.04 0.90 -40.55
N ILE G 208 -0.58 2.05 -40.32
CA ILE G 208 0.08 3.23 -39.77
C ILE G 208 -0.69 3.60 -38.50
N GLU G 209 -0.24 3.06 -37.37
CA GLU G 209 -0.84 3.34 -36.07
C GLU G 209 -0.01 4.41 -35.37
N THR G 210 -0.67 5.46 -34.91
CA THR G 210 0.02 6.53 -34.21
C THR G 210 0.40 6.08 -32.80
N LEU G 211 1.70 6.06 -32.52
CA LEU G 211 2.17 5.97 -31.15
C LEU G 211 2.41 7.38 -30.64
N ARG G 212 1.96 7.64 -29.41
CA ARG G 212 1.61 9.00 -29.01
C ARG G 212 2.79 9.96 -28.97
N GLY G 213 4.03 9.49 -29.05
CA GLY G 213 5.14 10.38 -28.78
C GLY G 213 6.20 10.55 -29.85
N VAL G 214 7.12 9.59 -29.94
CA VAL G 214 8.39 9.77 -30.63
C VAL G 214 8.27 9.44 -32.11
N GLY G 215 7.86 8.22 -32.44
CA GLY G 215 7.79 7.80 -33.84
C GLY G 215 6.56 7.00 -34.23
N TYR G 216 6.57 6.48 -35.46
CA TYR G 216 5.45 5.74 -36.04
C TYR G 216 5.91 4.33 -36.41
N LYS G 217 4.94 3.47 -36.74
CA LYS G 217 5.20 2.04 -36.90
C LYS G 217 4.50 1.49 -38.13
N MET G 218 4.82 0.23 -38.44
CA MET G 218 4.08 -0.57 -39.41
C MET G 218 3.98 -1.97 -38.84
N LYS G 219 2.75 -2.44 -38.64
CA LYS G 219 2.55 -3.64 -37.81
C LYS G 219 3.04 -4.91 -38.48
N ALA G 220 2.67 -5.12 -39.74
CA ALA G 220 2.99 -6.37 -40.42
C ALA G 220 4.15 -6.18 -41.39
N LYS H 2 15.85 2.09 -26.28
CA LYS H 2 16.95 2.72 -27.00
C LYS H 2 18.17 1.80 -27.05
N GLN H 3 19.37 2.39 -26.97
CA GLN H 3 20.62 1.66 -27.04
C GLN H 3 21.35 1.70 -25.71
N THR H 4 22.11 0.64 -25.43
CA THR H 4 22.81 0.47 -24.16
C THR H 4 24.29 0.26 -24.43
N LEU H 5 25.14 0.95 -23.67
CA LEU H 5 26.59 0.91 -23.84
C LEU H 5 27.26 0.57 -22.51
N LEU H 6 28.58 0.42 -22.54
CA LEU H 6 29.36 0.02 -21.38
C LEU H 6 30.82 0.39 -21.62
N LEU H 7 31.55 0.60 -20.52
CA LEU H 7 32.91 1.13 -20.57
C LEU H 7 33.86 0.21 -19.79
N VAL H 8 35.06 0.02 -20.32
CA VAL H 8 36.12 -0.73 -19.65
C VAL H 8 37.45 0.00 -19.81
N GLU H 9 37.84 0.79 -18.82
CA GLU H 9 39.13 1.49 -18.85
C GLU H 9 39.48 1.95 -17.44
N ASP H 10 40.78 1.93 -17.15
CA ASP H 10 41.29 2.21 -15.81
C ASP H 10 41.60 3.69 -15.59
N ASP H 11 42.21 4.35 -16.58
CA ASP H 11 42.54 5.77 -16.46
C ASP H 11 41.28 6.56 -16.16
N LYS H 12 41.25 7.21 -15.00
CA LYS H 12 40.00 7.77 -14.49
C LYS H 12 39.56 8.99 -15.28
N ASN H 13 40.38 10.04 -15.30
CA ASN H 13 39.99 11.28 -15.98
C ASN H 13 39.79 11.05 -17.47
N LEU H 14 40.45 10.05 -18.05
CA LEU H 14 40.27 9.72 -19.46
C LEU H 14 39.12 8.77 -19.69
N ALA H 15 38.59 8.13 -18.65
CA ALA H 15 37.34 7.39 -18.75
C ALA H 15 36.14 8.17 -18.24
N ASP H 16 36.38 9.20 -17.40
CA ASP H 16 35.29 10.04 -16.94
C ASP H 16 34.82 10.99 -18.03
N GLY H 17 35.76 11.65 -18.71
CA GLY H 17 35.40 12.56 -19.78
C GLY H 17 34.68 11.88 -20.93
N LEU H 18 34.93 10.60 -21.12
CA LEU H 18 34.25 9.85 -22.18
C LEU H 18 32.83 9.50 -21.77
N LEU H 19 32.63 9.12 -20.51
CA LEU H 19 31.31 8.70 -20.05
C LEU H 19 30.30 9.83 -20.13
N VAL H 20 30.70 11.04 -19.75
CA VAL H 20 29.76 12.16 -19.66
C VAL H 20 29.31 12.59 -21.06
N SER H 21 30.23 12.62 -22.02
CA SER H 21 29.87 12.98 -23.39
C SER H 21 29.05 11.90 -24.08
N LEU H 22 28.78 10.78 -23.43
CA LEU H 22 27.89 9.76 -23.96
C LEU H 22 26.47 9.91 -23.46
N GLU H 23 26.31 10.35 -22.19
CA GLU H 23 24.98 10.68 -21.70
C GLU H 23 24.44 11.93 -22.39
N GLN H 24 25.33 12.80 -22.86
CA GLN H 24 24.93 13.87 -23.77
C GLN H 24 24.47 13.32 -25.11
N ALA H 25 24.83 12.07 -25.43
CA ALA H 25 24.53 11.46 -26.72
C ALA H 25 23.38 10.47 -26.65
N GLY H 26 22.64 10.43 -25.54
CA GLY H 26 21.45 9.60 -25.46
C GLY H 26 21.69 8.12 -25.34
N TYR H 27 22.63 7.71 -24.48
CA TYR H 27 22.92 6.30 -24.28
C TYR H 27 23.09 6.01 -22.80
N GLU H 28 22.50 4.91 -22.35
CA GLU H 28 22.71 4.43 -21.00
C GLU H 28 24.04 3.67 -20.93
N CYS H 29 24.85 3.98 -19.92
CA CYS H 29 26.19 3.41 -19.82
C CYS H 29 26.50 3.07 -18.37
N LEU H 30 27.30 2.01 -18.20
CA LEU H 30 27.87 1.65 -16.91
C LEU H 30 29.39 1.62 -17.03
N HIS H 31 30.05 1.72 -15.88
CA HIS H 31 31.49 2.01 -15.83
C HIS H 31 32.20 0.88 -15.07
N VAL H 32 33.04 0.14 -15.79
CA VAL H 32 33.76 -1.01 -15.23
C VAL H 32 35.26 -0.80 -15.44
N GLU H 33 36.05 -1.35 -14.50
CA GLU H 33 37.50 -1.20 -14.56
C GLU H 33 38.28 -2.48 -14.25
N ARG H 34 37.62 -3.59 -13.96
CA ARG H 34 38.28 -4.84 -13.62
C ARG H 34 37.69 -5.98 -14.41
N ILE H 35 38.53 -6.95 -14.80
CA ILE H 35 38.04 -8.11 -15.54
C ILE H 35 37.06 -8.90 -14.70
N ALA H 36 37.29 -8.97 -13.39
CA ALA H 36 36.37 -9.68 -12.50
C ALA H 36 35.01 -9.00 -12.41
N ASP H 37 34.90 -7.75 -12.84
CA ASP H 37 33.64 -7.01 -12.78
C ASP H 37 32.98 -6.85 -14.15
N VAL H 38 33.54 -7.44 -15.20
CA VAL H 38 32.93 -7.34 -16.52
C VAL H 38 31.76 -8.29 -16.66
N GLU H 39 31.92 -9.52 -16.17
CA GLU H 39 30.84 -10.51 -16.28
C GLU H 39 29.52 -10.08 -15.64
N PRO H 40 29.48 -9.30 -14.53
CA PRO H 40 28.19 -8.85 -13.99
C PRO H 40 27.28 -8.14 -14.98
N GLN H 41 27.82 -7.57 -16.06
CA GLN H 41 27.02 -6.74 -16.95
C GLN H 41 27.15 -7.13 -18.42
N TRP H 42 27.63 -8.34 -18.71
CA TRP H 42 27.86 -8.70 -20.11
C TRP H 42 26.56 -8.97 -20.85
N LYS H 43 25.60 -9.63 -20.20
CA LYS H 43 24.39 -10.07 -20.89
C LYS H 43 23.52 -8.88 -21.31
N LYS H 44 23.46 -7.85 -20.47
CA LYS H 44 22.59 -6.70 -20.72
C LYS H 44 23.16 -5.72 -21.73
N ALA H 45 24.28 -6.05 -22.38
CA ALA H 45 25.03 -5.09 -23.17
C ALA H 45 24.74 -5.26 -24.66
N ASP H 46 24.48 -4.14 -25.35
CA ASP H 46 24.42 -4.15 -26.80
C ASP H 46 25.83 -4.18 -27.40
N LEU H 47 26.76 -3.41 -26.84
CA LEU H 47 28.14 -3.41 -27.27
C LEU H 47 29.01 -2.98 -26.10
N VAL H 48 30.30 -3.31 -26.19
CA VAL H 48 31.26 -3.03 -25.13
C VAL H 48 32.54 -2.48 -25.74
N ILE H 49 33.03 -1.36 -25.20
CA ILE H 49 34.34 -0.84 -25.53
C ILE H 49 35.34 -1.36 -24.50
N LEU H 50 36.45 -1.92 -24.97
CA LEU H 50 37.36 -2.66 -24.11
C LEU H 50 38.79 -2.19 -24.34
N ASP H 51 39.48 -1.88 -23.24
CA ASP H 51 40.89 -1.53 -23.28
C ASP H 51 41.73 -2.79 -23.44
N ARG H 52 43.01 -2.61 -23.76
CA ARG H 52 43.95 -3.72 -23.81
C ARG H 52 45.00 -3.65 -22.71
N GLN H 53 45.49 -2.45 -22.37
CA GLN H 53 46.31 -2.29 -21.18
C GLN H 53 45.38 -2.20 -19.98
N LEU H 54 45.44 -3.19 -19.11
CA LEU H 54 44.53 -3.24 -17.97
C LEU H 54 45.29 -3.50 -16.69
N PRO H 55 44.78 -3.03 -15.56
CA PRO H 55 45.08 -3.71 -14.30
C PRO H 55 44.55 -5.14 -14.37
N ASP H 56 45.07 -5.98 -13.49
CA ASP H 56 44.87 -7.43 -13.54
C ASP H 56 45.12 -8.00 -14.95
N GLY H 57 46.13 -7.44 -15.62
CA GLY H 57 46.68 -8.06 -16.83
C GLY H 57 46.15 -7.56 -18.16
N ASP H 58 46.02 -8.48 -19.12
CA ASP H 58 45.52 -8.19 -20.45
C ASP H 58 44.09 -8.67 -20.58
N SER H 59 43.35 -8.06 -21.49
CA SER H 59 41.92 -8.33 -21.64
C SER H 59 41.60 -9.34 -22.74
N VAL H 60 42.52 -9.57 -23.68
CA VAL H 60 42.23 -10.47 -24.79
C VAL H 60 42.28 -11.94 -24.38
N GLN H 61 42.96 -12.27 -23.29
CA GLN H 61 42.97 -13.64 -22.81
C GLN H 61 41.66 -14.02 -22.12
N HIS H 62 40.86 -13.02 -21.75
CA HIS H 62 39.54 -13.25 -21.18
C HIS H 62 38.43 -12.85 -22.16
N LEU H 63 38.72 -12.89 -23.45
CA LEU H 63 37.89 -12.25 -24.46
C LEU H 63 36.94 -13.21 -25.19
N PRO H 64 37.43 -14.31 -25.78
CA PRO H 64 36.55 -15.07 -26.70
C PRO H 64 35.40 -15.78 -26.01
N GLU H 65 35.56 -16.23 -24.78
CA GLU H 65 34.47 -16.92 -24.10
C GLU H 65 33.28 -15.99 -23.86
N TRP H 66 33.53 -14.69 -23.77
CA TRP H 66 32.44 -13.74 -23.63
C TRP H 66 31.67 -13.58 -24.94
N LYS H 67 32.33 -13.81 -26.08
CA LYS H 67 31.64 -13.75 -27.37
C LYS H 67 30.66 -14.91 -27.53
N LYS H 68 30.99 -16.08 -26.99
CA LYS H 68 30.07 -17.22 -27.09
C LYS H 68 28.80 -16.97 -26.28
N ILE H 69 28.90 -16.27 -25.15
CA ILE H 69 27.72 -15.94 -24.37
C ILE H 69 26.78 -15.04 -25.18
N LYS H 70 27.31 -13.91 -25.66
CA LYS H 70 26.55 -12.99 -26.49
C LYS H 70 27.47 -12.43 -27.56
N ASP H 71 27.14 -12.67 -28.83
CA ASP H 71 27.83 -12.02 -29.94
C ASP H 71 27.42 -10.54 -29.97
N VAL H 72 28.24 -9.69 -29.36
CA VAL H 72 27.99 -8.26 -29.34
C VAL H 72 29.23 -7.55 -29.86
N PRO H 73 29.10 -6.38 -30.50
CA PRO H 73 30.29 -5.66 -30.97
C PRO H 73 31.19 -5.25 -29.83
N VAL H 74 32.50 -5.41 -30.05
CA VAL H 74 33.52 -5.02 -29.07
C VAL H 74 34.64 -4.30 -29.81
N ILE H 75 35.14 -3.24 -29.20
CA ILE H 75 36.12 -2.34 -29.82
C ILE H 75 37.39 -2.37 -28.98
N LEU H 76 38.53 -2.54 -29.63
CA LEU H 76 39.83 -2.58 -28.97
C LEU H 76 40.49 -1.21 -29.09
N LEU H 77 40.83 -0.63 -27.95
CA LEU H 77 41.59 0.61 -27.88
C LEU H 77 42.88 0.35 -27.11
N THR H 78 43.99 0.80 -27.67
CA THR H 78 45.28 0.55 -27.04
C THR H 78 46.32 1.51 -27.61
N ALA H 79 47.50 1.49 -27.00
CA ALA H 79 48.63 2.30 -27.44
C ALA H 79 49.58 1.52 -28.36
N LEU H 80 49.17 0.33 -28.80
CA LEU H 80 50.01 -0.54 -29.62
C LEU H 80 49.51 -0.49 -31.06
N VAL H 81 50.27 0.20 -31.92
CA VAL H 81 49.94 0.25 -33.34
C VAL H 81 50.58 -0.89 -34.12
N THR H 82 51.28 -1.80 -33.44
CA THR H 82 51.85 -2.96 -34.11
C THR H 82 50.73 -3.80 -34.71
N VAL H 83 50.82 -4.05 -36.02
CA VAL H 83 49.78 -4.79 -36.71
C VAL H 83 49.63 -6.21 -36.20
N LYS H 84 50.64 -6.71 -35.47
CA LYS H 84 50.50 -8.01 -34.83
C LYS H 84 49.41 -7.98 -33.77
N ASP H 85 49.38 -6.92 -32.95
CA ASP H 85 48.37 -6.80 -31.92
C ASP H 85 46.98 -6.67 -32.53
N LYS H 86 46.87 -5.98 -33.66
CA LYS H 86 45.60 -5.93 -34.38
C LYS H 86 45.16 -7.32 -34.80
N VAL H 87 46.10 -8.16 -35.22
CA VAL H 87 45.76 -9.51 -35.64
C VAL H 87 45.36 -10.36 -34.44
N ALA H 88 46.07 -10.21 -33.30
CA ALA H 88 45.75 -11.00 -32.12
C ALA H 88 44.34 -10.73 -31.62
N GLY H 89 43.83 -9.53 -31.84
CA GLY H 89 42.48 -9.19 -31.40
C GLY H 89 41.41 -9.52 -32.43
N LEU H 90 41.62 -9.09 -33.67
CA LEU H 90 40.60 -9.27 -34.71
C LEU H 90 40.42 -10.73 -35.07
N ASP H 91 41.49 -11.53 -35.05
CA ASP H 91 41.33 -12.97 -35.25
C ASP H 91 40.76 -13.66 -34.02
N SER H 92 40.81 -13.01 -32.87
CA SER H 92 39.97 -13.42 -31.75
C SER H 92 38.59 -12.79 -31.95
N GLY H 93 37.81 -12.65 -30.88
CA GLY H 93 36.44 -12.20 -31.01
C GLY H 93 36.23 -10.72 -31.28
N ALA H 94 37.30 -9.93 -31.38
CA ALA H 94 37.14 -8.49 -31.56
C ALA H 94 36.53 -8.17 -32.93
N ASN H 95 35.77 -7.08 -32.97
CA ASN H 95 35.06 -6.66 -34.17
C ASN H 95 35.71 -5.48 -34.88
N ASP H 96 36.25 -4.50 -34.14
CA ASP H 96 36.88 -3.33 -34.73
C ASP H 96 38.09 -2.94 -33.87
N TYR H 97 38.73 -1.83 -34.24
CA TYR H 97 40.01 -1.46 -33.63
C TYR H 97 40.15 0.06 -33.66
N LEU H 98 41.14 0.57 -32.93
CA LEU H 98 41.35 2.00 -32.76
C LEU H 98 42.81 2.25 -32.38
N THR H 99 43.14 3.49 -32.03
CA THR H 99 44.46 3.86 -31.55
C THR H 99 44.32 4.71 -30.28
N LYS H 100 45.45 4.95 -29.60
CA LYS H 100 45.42 5.66 -28.33
C LYS H 100 45.23 7.18 -28.49
N PRO H 101 45.88 7.88 -29.47
CA PRO H 101 45.56 9.30 -29.65
C PRO H 101 44.48 9.54 -30.68
N PHE H 102 43.30 9.98 -30.24
CA PHE H 102 42.14 9.99 -31.11
C PHE H 102 41.29 11.22 -30.79
N ALA H 103 40.14 11.28 -31.44
CA ALA H 103 39.08 12.21 -31.12
C ALA H 103 37.77 11.43 -31.06
N GLU H 104 36.71 12.12 -30.63
CA GLU H 104 35.46 11.45 -30.34
C GLU H 104 34.75 10.99 -31.60
N ALA H 105 34.99 11.64 -32.73
CA ALA H 105 34.18 11.39 -33.93
C ALA H 105 34.37 9.98 -34.46
N GLU H 106 35.60 9.48 -34.46
CA GLU H 106 35.83 8.12 -34.97
C GLU H 106 35.13 7.08 -34.10
N LEU H 107 35.05 7.32 -32.79
CA LEU H 107 34.19 6.50 -31.95
C LEU H 107 32.74 6.58 -32.43
N PHE H 108 32.22 7.80 -32.58
CA PHE H 108 30.87 7.98 -33.12
C PHE H 108 30.72 7.38 -34.51
N ALA H 109 31.82 7.23 -35.25
CA ALA H 109 31.76 6.71 -36.60
C ALA H 109 31.61 5.18 -36.61
N ARG H 110 32.58 4.47 -36.04
CA ARG H 110 32.60 3.02 -36.14
C ARG H 110 31.50 2.35 -35.33
N ILE H 111 30.94 3.03 -34.32
CA ILE H 111 29.82 2.44 -33.59
C ILE H 111 28.53 2.57 -34.37
N ARG H 112 28.34 3.68 -35.09
CA ARG H 112 27.19 3.81 -35.97
C ARG H 112 27.29 2.82 -37.13
N ALA H 113 28.50 2.46 -37.54
CA ALA H 113 28.67 1.42 -38.54
C ALA H 113 28.18 0.07 -38.03
N GLN H 114 28.22 -0.15 -36.72
CA GLN H 114 27.68 -1.36 -36.12
C GLN H 114 26.21 -1.23 -35.77
N LEU H 115 25.67 -0.01 -35.73
CA LEU H 115 24.25 0.18 -35.44
C LEU H 115 23.38 -0.34 -36.57
N ARG H 116 23.78 -0.08 -37.82
CA ARG H 116 22.99 -0.52 -38.96
C ARG H 116 22.98 -2.04 -39.08
N ALA H 117 24.15 -2.65 -39.06
CA ALA H 117 24.25 -4.10 -39.17
C ALA H 117 23.86 -4.78 -37.85
N ASN H 125 15.94 -14.00 -31.64
CA ASN H 125 17.17 -13.43 -32.18
C ASN H 125 18.03 -12.82 -31.08
N ALA H 126 18.19 -11.49 -31.13
CA ALA H 126 19.01 -10.79 -30.15
C ALA H 126 18.29 -9.58 -29.58
N ASP H 127 17.41 -8.97 -30.37
CA ASP H 127 16.65 -7.80 -29.93
C ASP H 127 15.60 -8.13 -28.89
N LYS H 128 15.46 -9.39 -28.50
CA LYS H 128 14.49 -9.79 -27.49
C LYS H 128 15.11 -9.71 -26.10
N VAL H 129 14.26 -9.46 -25.11
CA VAL H 129 14.59 -9.63 -23.71
C VAL H 129 13.38 -10.33 -23.05
N MET H 130 13.58 -11.57 -22.64
CA MET H 130 12.48 -12.40 -22.17
C MET H 130 12.82 -12.99 -20.80
N THR H 131 11.89 -12.88 -19.87
CA THR H 131 11.96 -13.53 -18.58
C THR H 131 10.74 -14.42 -18.40
N LYS H 132 10.55 -14.92 -17.18
CA LYS H 132 9.39 -15.76 -16.89
C LYS H 132 8.12 -14.93 -16.94
N ASP H 133 7.13 -15.42 -17.71
CA ASP H 133 5.80 -14.85 -17.91
C ASP H 133 5.79 -13.70 -18.91
N LEU H 134 6.87 -13.47 -19.65
CA LEU H 134 6.98 -12.25 -20.45
C LEU H 134 7.74 -12.50 -21.74
N GLU H 135 7.61 -11.54 -22.65
CA GLU H 135 8.44 -11.47 -23.86
C GLU H 135 8.43 -10.03 -24.33
N ILE H 136 9.61 -9.42 -24.45
CA ILE H 136 9.74 -8.02 -24.83
C ILE H 136 10.73 -7.93 -25.99
N ASP H 137 10.26 -7.46 -27.14
CA ASP H 137 11.13 -7.12 -28.27
C ASP H 137 11.11 -5.61 -28.42
N ARG H 138 12.23 -4.97 -28.08
CA ARG H 138 12.30 -3.52 -28.10
C ARG H 138 12.13 -2.94 -29.50
N ALA H 139 12.39 -3.74 -30.55
CA ALA H 139 12.28 -3.23 -31.91
C ALA H 139 10.84 -3.05 -32.36
N THR H 140 9.88 -3.71 -31.70
CA THR H 140 8.48 -3.56 -32.04
C THR H 140 7.68 -2.86 -30.96
N ARG H 141 8.23 -2.68 -29.77
CA ARG H 141 7.53 -2.05 -28.64
C ARG H 141 6.20 -2.76 -28.35
N GLU H 142 6.22 -4.09 -28.42
CA GLU H 142 5.06 -4.90 -28.11
C GLU H 142 5.30 -5.70 -26.84
N VAL H 143 4.28 -5.81 -25.99
CA VAL H 143 4.37 -6.53 -24.73
C VAL H 143 3.58 -7.82 -24.85
N ILE H 144 4.19 -8.93 -24.47
CA ILE H 144 3.53 -10.21 -24.36
C ILE H 144 3.56 -10.62 -22.90
N PHE H 145 2.38 -10.80 -22.30
CA PHE H 145 2.27 -11.22 -20.91
C PHE H 145 1.14 -12.23 -20.81
N LYS H 146 1.48 -13.48 -20.50
CA LYS H 146 0.52 -14.57 -20.46
C LYS H 146 -0.22 -14.68 -21.80
N GLY H 147 0.48 -14.37 -22.88
CA GLY H 147 -0.09 -14.34 -24.21
C GLY H 147 -0.77 -13.04 -24.58
N ASP H 148 -1.03 -12.16 -23.62
CA ASP H 148 -1.77 -10.94 -23.89
C ASP H 148 -0.87 -9.87 -24.51
N LEU H 149 -1.50 -9.00 -25.32
CA LEU H 149 -0.85 -7.83 -25.89
C LEU H 149 -1.71 -6.62 -25.58
N ILE H 150 -1.23 -5.74 -24.71
CA ILE H 150 -1.98 -4.59 -24.23
C ILE H 150 -1.18 -3.33 -24.55
N THR H 151 -1.81 -2.39 -25.26
CA THR H 151 -1.13 -1.17 -25.66
C THR H 151 -0.73 -0.35 -24.44
N LEU H 152 0.48 0.21 -24.50
CA LEU H 152 1.03 1.03 -23.41
C LEU H 152 1.63 2.30 -24.01
N THR H 153 2.05 3.20 -23.13
CA THR H 153 2.76 4.40 -23.56
C THR H 153 4.27 4.14 -23.56
N ARG H 154 5.00 5.06 -24.19
CA ARG H 154 6.42 4.84 -24.44
C ARG H 154 7.24 4.78 -23.14
N THR H 155 6.81 5.48 -22.10
CA THR H 155 7.50 5.36 -20.81
C THR H 155 7.07 4.10 -20.08
N GLU H 156 5.85 3.61 -20.34
CA GLU H 156 5.44 2.33 -19.78
C GLU H 156 6.21 1.18 -20.41
N PHE H 157 6.37 1.21 -21.73
CA PHE H 157 7.24 0.25 -22.41
C PHE H 157 8.66 0.34 -21.88
N ASP H 158 9.18 1.56 -21.75
CA ASP H 158 10.59 1.75 -21.46
C ASP H 158 10.95 1.28 -20.05
N LEU H 159 10.16 1.69 -19.05
CA LEU H 159 10.46 1.29 -17.68
C LEU H 159 10.23 -0.21 -17.48
N LEU H 160 9.23 -0.77 -18.16
CA LEU H 160 8.96 -2.20 -18.03
C LEU H 160 10.09 -3.03 -18.63
N LEU H 161 10.63 -2.60 -19.77
CA LEU H 161 11.73 -3.34 -20.39
C LEU H 161 13.07 -3.06 -19.73
N PHE H 162 13.24 -1.86 -19.16
CA PHE H 162 14.45 -1.59 -18.38
C PHE H 162 14.52 -2.51 -17.17
N LEU H 163 13.39 -2.77 -16.54
CA LEU H 163 13.30 -3.77 -15.47
C LEU H 163 13.21 -5.18 -16.00
N ALA H 164 12.98 -5.36 -17.30
CA ALA H 164 12.93 -6.71 -17.87
C ALA H 164 14.31 -7.31 -18.05
N SER H 165 15.31 -6.49 -18.37
CA SER H 165 16.67 -6.98 -18.54
C SER H 165 17.52 -6.82 -17.28
N ASN H 166 17.04 -6.09 -16.28
CA ASN H 166 17.71 -5.95 -14.99
C ASN H 166 16.83 -6.60 -13.90
N LEU H 167 16.74 -7.92 -13.93
CA LEU H 167 15.96 -8.64 -12.94
C LEU H 167 16.75 -8.79 -11.64
N GLY H 168 16.07 -8.54 -10.52
CA GLY H 168 16.69 -8.63 -9.22
C GLY H 168 17.33 -7.34 -8.74
N ARG H 169 17.79 -6.50 -9.67
CA ARG H 169 18.42 -5.25 -9.29
C ARG H 169 17.36 -4.24 -8.86
N VAL H 170 17.58 -3.60 -7.72
CA VAL H 170 16.66 -2.61 -7.17
C VAL H 170 17.28 -1.23 -7.33
N PHE H 171 16.47 -0.25 -7.74
CA PHE H 171 16.94 1.07 -8.06
C PHE H 171 16.16 2.11 -7.28
N THR H 172 16.85 3.17 -6.85
CA THR H 172 16.18 4.28 -6.20
C THR H 172 15.27 5.01 -7.20
N ARG H 173 14.34 5.79 -6.66
CA ARG H 173 13.39 6.49 -7.50
C ARG H 173 14.04 7.59 -8.33
N ASP H 174 15.19 8.11 -7.90
CA ASP H 174 15.97 9.01 -8.74
C ASP H 174 16.64 8.24 -9.88
N GLU H 175 17.33 7.16 -9.55
CA GLU H 175 18.06 6.37 -10.55
C GLU H 175 17.14 5.67 -11.52
N LEU H 176 15.83 5.66 -11.28
CA LEU H 176 14.87 5.21 -12.27
C LEU H 176 14.44 6.35 -13.18
N LEU H 177 14.44 7.58 -12.68
CA LEU H 177 14.06 8.73 -13.50
C LEU H 177 15.15 9.06 -14.52
N ASP H 178 16.41 8.96 -14.12
CA ASP H 178 17.53 9.41 -14.95
C ASP H 178 18.09 8.31 -15.85
N HIS H 179 17.41 7.18 -15.96
CA HIS H 179 17.91 6.11 -16.82
C HIS H 179 16.86 5.55 -17.76
N VAL H 180 15.60 5.45 -17.31
CA VAL H 180 14.52 5.02 -18.18
C VAL H 180 14.15 6.15 -19.12
N TRP H 181 13.63 7.24 -18.55
CA TRP H 181 13.41 8.46 -19.31
C TRP H 181 14.71 8.88 -19.98
N GLY H 182 14.62 9.27 -21.25
CA GLY H 182 15.78 9.85 -21.90
C GLY H 182 16.10 11.14 -21.18
N TYR H 183 17.33 11.63 -21.29
CA TYR H 183 17.70 12.81 -20.51
C TYR H 183 16.82 13.98 -20.91
N ASN H 184 15.92 14.38 -20.01
CA ASN H 184 15.03 15.55 -20.15
C ASN H 184 14.68 15.93 -21.58
N THR H 189 10.13 10.83 -8.14
CA THR H 189 9.52 10.20 -6.96
C THR H 189 8.03 9.98 -7.16
N ARG H 190 7.30 11.08 -7.32
CA ARG H 190 5.84 11.02 -7.36
C ARG H 190 5.32 10.20 -8.53
N THR H 191 6.01 10.23 -9.67
CA THR H 191 5.55 9.46 -10.82
C THR H 191 6.00 8.01 -10.73
N VAL H 192 7.21 7.78 -10.22
CA VAL H 192 7.75 6.42 -10.13
C VAL H 192 6.77 5.51 -9.42
N ASP H 193 6.12 6.01 -8.37
CA ASP H 193 5.17 5.20 -7.62
C ASP H 193 3.83 5.06 -8.34
N THR H 194 3.32 6.17 -8.88
CA THR H 194 1.96 6.17 -9.39
C THR H 194 1.81 5.24 -10.60
N HIS H 195 2.53 5.54 -11.68
CA HIS H 195 2.29 4.82 -12.93
C HIS H 195 2.94 3.45 -12.97
N VAL H 196 3.76 3.08 -11.99
CA VAL H 196 4.15 1.69 -11.89
C VAL H 196 3.00 0.87 -11.32
N LEU H 197 2.12 1.51 -10.56
CA LEU H 197 0.94 0.84 -10.03
C LEU H 197 -0.27 1.02 -10.95
N GLN H 198 -0.30 2.11 -11.72
CA GLN H 198 -1.17 2.12 -12.89
C GLN H 198 -0.74 1.07 -13.90
N LEU H 199 0.55 0.71 -13.87
CA LEU H 199 1.02 -0.42 -14.67
C LEU H 199 0.48 -1.74 -14.13
N ARG H 200 0.49 -1.91 -12.81
CA ARG H 200 -0.13 -3.07 -12.19
C ARG H 200 -1.61 -3.16 -12.56
N GLN H 201 -2.32 -2.04 -12.45
CA GLN H 201 -3.74 -2.01 -12.80
C GLN H 201 -3.97 -2.25 -14.29
N LYS H 202 -2.93 -2.14 -15.13
CA LYS H 202 -3.06 -2.40 -16.55
C LYS H 202 -2.86 -3.89 -16.84
N LEU H 203 -1.67 -4.41 -16.57
CA LEU H 203 -1.41 -5.83 -16.74
C LEU H 203 -1.75 -6.57 -15.46
N PRO H 204 -2.68 -7.51 -15.48
CA PRO H 204 -3.12 -8.14 -14.22
C PRO H 204 -2.06 -9.04 -13.64
N GLY H 205 -2.03 -9.10 -12.30
CA GLY H 205 -1.10 -9.95 -11.59
C GLY H 205 0.35 -9.67 -11.93
N LEU H 206 0.78 -8.45 -11.70
CA LEU H 206 2.16 -8.06 -12.00
C LEU H 206 3.05 -8.27 -10.79
N GLU H 207 4.30 -8.63 -11.06
CA GLU H 207 5.27 -9.03 -10.05
C GLU H 207 6.19 -7.87 -9.65
N ILE H 208 5.64 -6.66 -9.56
CA ILE H 208 6.40 -5.47 -9.19
C ILE H 208 6.56 -5.41 -7.68
N GLU H 209 7.49 -6.20 -7.14
CA GLU H 209 7.67 -6.29 -5.70
C GLU H 209 8.20 -4.97 -5.16
N THR H 210 7.33 -4.20 -4.52
CA THR H 210 7.75 -2.98 -3.83
C THR H 210 8.59 -3.35 -2.62
N LEU H 211 9.79 -2.80 -2.53
CA LEU H 211 10.61 -3.02 -1.36
C LEU H 211 10.22 -2.04 -0.26
N ARG H 212 10.94 -2.09 0.86
CA ARG H 212 10.59 -1.35 2.06
C ARG H 212 11.37 -0.04 2.10
N GLY H 213 10.66 1.07 1.86
CA GLY H 213 11.23 2.39 2.05
C GLY H 213 12.28 2.82 1.04
N VAL H 214 12.56 2.01 0.02
CA VAL H 214 13.65 2.33 -0.90
C VAL H 214 13.41 2.34 -2.41
N GLY H 215 12.96 1.24 -2.99
CA GLY H 215 12.87 1.15 -4.44
C GLY H 215 12.40 -0.23 -4.87
N TYR H 216 11.92 -0.29 -6.10
CA TYR H 216 11.17 -1.45 -6.58
C TYR H 216 12.12 -2.48 -7.20
N LYS H 217 11.57 -3.63 -7.58
CA LYS H 217 12.37 -4.71 -8.13
C LYS H 217 11.47 -5.75 -8.76
N MET H 218 11.97 -6.38 -9.82
CA MET H 218 11.32 -7.51 -10.47
C MET H 218 12.16 -8.75 -10.22
N LYS H 219 11.55 -9.78 -9.64
CA LYS H 219 12.31 -10.97 -9.25
C LYS H 219 12.48 -11.96 -10.39
N ALA H 220 11.38 -12.48 -10.92
CA ALA H 220 11.44 -13.46 -12.00
C ALA H 220 10.18 -13.39 -12.88
#